data_7EPJ
# 
_entry.id   7EPJ 
# 
_audit_conform.dict_name       mmcif_pdbx.dic 
_audit_conform.dict_version    5.380 
_audit_conform.dict_location   http://mmcif.pdb.org/dictionaries/ascii/mmcif_pdbx.dic 
# 
loop_
_database_2.database_id 
_database_2.database_code 
_database_2.pdbx_database_accession 
_database_2.pdbx_DOI 
PDB   7EPJ         pdb_00007epj 10.2210/pdb7epj/pdb 
WWPDB D_1300021966 ?            ?                   
# 
_pdbx_database_status.status_code                     REL 
_pdbx_database_status.status_code_sf                  REL 
_pdbx_database_status.status_code_mr                  ? 
_pdbx_database_status.entry_id                        7EPJ 
_pdbx_database_status.recvd_initial_deposition_date   2021-04-26 
_pdbx_database_status.SG_entry                        N 
_pdbx_database_status.deposit_site                    PDBJ 
_pdbx_database_status.process_site                    PDBJ 
_pdbx_database_status.status_code_cs                  ? 
_pdbx_database_status.status_code_nmr_data            ? 
_pdbx_database_status.methods_development_category    ? 
_pdbx_database_status.pdb_format_compatible           Y 
# 
loop_
_audit_author.name 
_audit_author.pdbx_ordinal 
_audit_author.identifier_ORCID 
'Manjunath, K.'   1 0000-0002-1838-5362 
'Goyal, P.'       2 0000-0002-7808-8298 
'Varadarajan, R.' 3 0000-0002-0823-7577 
# 
_citation.abstract                  ? 
_citation.abstract_id_CAS           ? 
_citation.book_id_ISBN              ? 
_citation.book_publisher            ? 
_citation.book_publisher_city       ? 
_citation.book_title                ? 
_citation.coordinate_linkage        ? 
_citation.country                   US 
_citation.database_id_Medline       ? 
_citation.details                   ? 
_citation.id                        primary 
_citation.journal_abbrev            'Plos Genet.' 
_citation.journal_id_ASTM           ? 
_citation.journal_id_CSD            ? 
_citation.journal_id_ISSN           1553-7404 
_citation.journal_full              ? 
_citation.journal_issue             ? 
_citation.journal_volume            18 
_citation.language                  ? 
_citation.page_first                e1010334 
_citation.page_last                 e1010334 
_citation.title                     'Mechanistic insights into global suppressors of protein folding defects.' 
_citation.year                      2022 
_citation.database_id_CSD           ? 
_citation.pdbx_database_id_DOI      10.1371/journal.pgen.1010334 
_citation.pdbx_database_id_PubMed   36037221 
_citation.pdbx_database_id_patent   ? 
_citation.unpublished_flag          ? 
# 
loop_
_citation_author.citation_id 
_citation_author.name 
_citation_author.ordinal 
_citation_author.identifier_ORCID 
primary 'Chattopadhyay, G.' 1 ?                   
primary 'Bhowmick, J.'      2 ?                   
primary 'Manjunath, K.'     3 0000-0002-1838-5362 
primary 'Ahmed, S.'         4 ?                   
primary 'Goyal, P.'         5 0000-0002-7808-8298 
primary 'Varadarajan, R.'   6 0000-0002-0823-7577 
# 
_cell.angle_alpha                  90.000 
_cell.angle_alpha_esd              ? 
_cell.angle_beta                   115.190 
_cell.angle_beta_esd               ? 
_cell.angle_gamma                  90.000 
_cell.angle_gamma_esd              ? 
_cell.entry_id                     7EPJ 
_cell.details                      ? 
_cell.formula_units_Z              ? 
_cell.length_a                     75.100 
_cell.length_a_esd                 ? 
_cell.length_b                     36.760 
_cell.length_b_esd                 ? 
_cell.length_c                     35.910 
_cell.length_c_esd                 ? 
_cell.volume                       ? 
_cell.volume_esd                   ? 
_cell.Z_PDB                        4 
_cell.reciprocal_angle_alpha       ? 
_cell.reciprocal_angle_beta        ? 
_cell.reciprocal_angle_gamma       ? 
_cell.reciprocal_angle_alpha_esd   ? 
_cell.reciprocal_angle_beta_esd    ? 
_cell.reciprocal_angle_gamma_esd   ? 
_cell.reciprocal_length_a          ? 
_cell.reciprocal_length_b          ? 
_cell.reciprocal_length_c          ? 
_cell.reciprocal_length_a_esd      ? 
_cell.reciprocal_length_b_esd      ? 
_cell.reciprocal_length_c_esd      ? 
_cell.pdbx_unique_axis             ? 
# 
_symmetry.entry_id                         7EPJ 
_symmetry.cell_setting                     ? 
_symmetry.Int_Tables_number                5 
_symmetry.space_group_name_Hall            ? 
_symmetry.space_group_name_H-M             'C 1 2 1' 
_symmetry.pdbx_full_space_group_name_H-M   ? 
# 
loop_
_entity.id 
_entity.type 
_entity.src_method 
_entity.pdbx_description 
_entity.formula_weight 
_entity.pdbx_number_of_molecules 
_entity.pdbx_ec 
_entity.pdbx_mutation 
_entity.pdbx_fragment 
_entity.details 
1 polymer     man 'Toxin CcdB'   11735.535 1   ? V46L ? ? 
2 non-polymer syn 'CHLORIDE ION' 35.453    2   ? ?    ? ? 
3 water       nat water          18.015    167 ? ?    ? ? 
# 
_entity_name_com.entity_id   1 
_entity_name_com.name        'Cytotoxic protein CcdB,LynB,Protein G,Protein LetD' 
# 
_entity_poly.entity_id                      1 
_entity_poly.type                           'polypeptide(L)' 
_entity_poly.nstd_linkage                   no 
_entity_poly.nstd_monomer                   no 
_entity_poly.pdbx_seq_one_letter_code       
;MQFKVYTYKRESRYRLFVDVQSDIIDTPGRRMVIPLASARLLSDKLSRELYPVVHIGDESWRMMTTDMASVPVSVIGEEV
ADLSHRENDIKNAINLMFWGI
;
_entity_poly.pdbx_seq_one_letter_code_can   
;MQFKVYTYKRESRYRLFVDVQSDIIDTPGRRMVIPLASARLLSDKLSRELYPVVHIGDESWRMMTTDMASVPVSVIGEEV
ADLSHRENDIKNAINLMFWGI
;
_entity_poly.pdbx_strand_id                 A 
_entity_poly.pdbx_target_identifier         ? 
# 
loop_
_entity_poly_seq.entity_id 
_entity_poly_seq.num 
_entity_poly_seq.mon_id 
_entity_poly_seq.hetero 
1 1   MET n 
1 2   GLN n 
1 3   PHE n 
1 4   LYS n 
1 5   VAL n 
1 6   TYR n 
1 7   THR n 
1 8   TYR n 
1 9   LYS n 
1 10  ARG n 
1 11  GLU n 
1 12  SER n 
1 13  ARG n 
1 14  TYR n 
1 15  ARG n 
1 16  LEU n 
1 17  PHE n 
1 18  VAL n 
1 19  ASP n 
1 20  VAL n 
1 21  GLN n 
1 22  SER n 
1 23  ASP n 
1 24  ILE n 
1 25  ILE n 
1 26  ASP n 
1 27  THR n 
1 28  PRO n 
1 29  GLY n 
1 30  ARG n 
1 31  ARG n 
1 32  MET n 
1 33  VAL n 
1 34  ILE n 
1 35  PRO n 
1 36  LEU n 
1 37  ALA n 
1 38  SER n 
1 39  ALA n 
1 40  ARG n 
1 41  LEU n 
1 42  LEU n 
1 43  SER n 
1 44  ASP n 
1 45  LYS n 
1 46  LEU n 
1 47  SER n 
1 48  ARG n 
1 49  GLU n 
1 50  LEU n 
1 51  TYR n 
1 52  PRO n 
1 53  VAL n 
1 54  VAL n 
1 55  HIS n 
1 56  ILE n 
1 57  GLY n 
1 58  ASP n 
1 59  GLU n 
1 60  SER n 
1 61  TRP n 
1 62  ARG n 
1 63  MET n 
1 64  MET n 
1 65  THR n 
1 66  THR n 
1 67  ASP n 
1 68  MET n 
1 69  ALA n 
1 70  SER n 
1 71  VAL n 
1 72  PRO n 
1 73  VAL n 
1 74  SER n 
1 75  VAL n 
1 76  ILE n 
1 77  GLY n 
1 78  GLU n 
1 79  GLU n 
1 80  VAL n 
1 81  ALA n 
1 82  ASP n 
1 83  LEU n 
1 84  SER n 
1 85  HIS n 
1 86  ARG n 
1 87  GLU n 
1 88  ASN n 
1 89  ASP n 
1 90  ILE n 
1 91  LYS n 
1 92  ASN n 
1 93  ALA n 
1 94  ILE n 
1 95  ASN n 
1 96  LEU n 
1 97  MET n 
1 98  PHE n 
1 99  TRP n 
1 100 GLY n 
1 101 ILE n 
# 
_entity_src_gen.entity_id                          1 
_entity_src_gen.pdbx_src_id                        1 
_entity_src_gen.pdbx_alt_source_flag               sample 
_entity_src_gen.pdbx_seq_type                      'Biological sequence' 
_entity_src_gen.pdbx_beg_seq_num                   1 
_entity_src_gen.pdbx_end_seq_num                   101 
_entity_src_gen.gene_src_common_name               ? 
_entity_src_gen.gene_src_genus                     ? 
_entity_src_gen.pdbx_gene_src_gene                 'ccdB, G, letB, letD, ECOK12F043' 
_entity_src_gen.gene_src_species                   ? 
_entity_src_gen.gene_src_strain                    K12 
_entity_src_gen.gene_src_tissue                    ? 
_entity_src_gen.gene_src_tissue_fraction           ? 
_entity_src_gen.gene_src_details                   ? 
_entity_src_gen.pdbx_gene_src_fragment             ? 
_entity_src_gen.pdbx_gene_src_scientific_name      'Escherichia coli K-12' 
_entity_src_gen.pdbx_gene_src_ncbi_taxonomy_id     83333 
_entity_src_gen.pdbx_gene_src_variant              ? 
_entity_src_gen.pdbx_gene_src_cell_line            ? 
_entity_src_gen.pdbx_gene_src_atcc                 ? 
_entity_src_gen.pdbx_gene_src_organ                ? 
_entity_src_gen.pdbx_gene_src_organelle            ? 
_entity_src_gen.pdbx_gene_src_cell                 ? 
_entity_src_gen.pdbx_gene_src_cellular_location    ? 
_entity_src_gen.host_org_common_name               ? 
_entity_src_gen.pdbx_host_org_scientific_name      'Escherichia coli' 
_entity_src_gen.pdbx_host_org_ncbi_taxonomy_id     562 
_entity_src_gen.host_org_genus                     ? 
_entity_src_gen.pdbx_host_org_gene                 ? 
_entity_src_gen.pdbx_host_org_organ                ? 
_entity_src_gen.host_org_species                   ? 
_entity_src_gen.pdbx_host_org_tissue               ? 
_entity_src_gen.pdbx_host_org_tissue_fraction      ? 
_entity_src_gen.pdbx_host_org_strain               Top10Gyrase 
_entity_src_gen.pdbx_host_org_variant              ? 
_entity_src_gen.pdbx_host_org_cell_line            ? 
_entity_src_gen.pdbx_host_org_atcc                 ? 
_entity_src_gen.pdbx_host_org_culture_collection   ? 
_entity_src_gen.pdbx_host_org_cell                 ? 
_entity_src_gen.pdbx_host_org_organelle            ? 
_entity_src_gen.pdbx_host_org_cellular_location    ? 
_entity_src_gen.pdbx_host_org_vector_type          PLASMID 
_entity_src_gen.pdbx_host_org_vector               ? 
_entity_src_gen.host_org_details                   ? 
_entity_src_gen.expression_system_id               ? 
_entity_src_gen.plasmid_name                       pBAD24 
_entity_src_gen.plasmid_details                    ? 
_entity_src_gen.pdbx_description                   ? 
# 
_struct_ref.id                         1 
_struct_ref.db_name                    UNP 
_struct_ref.db_code                    CCDB_ECOLI 
_struct_ref.pdbx_db_accession          P62554 
_struct_ref.pdbx_db_isoform            ? 
_struct_ref.entity_id                  1 
_struct_ref.pdbx_seq_one_letter_code   
;MQFKVYTYKRESRYRLFVDVQSDIIDTPGRRMVIPLASARLLSDKVSRELYPVVHIGDESWRMMTTDMASVPVSVIGEEV
ADLSHRENDIKNAINLMFWGI
;
_struct_ref.pdbx_align_begin           1 
# 
_struct_ref_seq.align_id                      1 
_struct_ref_seq.ref_id                        1 
_struct_ref_seq.pdbx_PDB_id_code              7EPJ 
_struct_ref_seq.pdbx_strand_id                A 
_struct_ref_seq.seq_align_beg                 1 
_struct_ref_seq.pdbx_seq_align_beg_ins_code   ? 
_struct_ref_seq.seq_align_end                 101 
_struct_ref_seq.pdbx_seq_align_end_ins_code   ? 
_struct_ref_seq.pdbx_db_accession             P62554 
_struct_ref_seq.db_align_beg                  1 
_struct_ref_seq.pdbx_db_align_beg_ins_code    ? 
_struct_ref_seq.db_align_end                  101 
_struct_ref_seq.pdbx_db_align_end_ins_code    ? 
_struct_ref_seq.pdbx_auth_seq_align_beg       1 
_struct_ref_seq.pdbx_auth_seq_align_end       101 
# 
_struct_ref_seq_dif.align_id                     1 
_struct_ref_seq_dif.pdbx_pdb_id_code             7EPJ 
_struct_ref_seq_dif.mon_id                       LEU 
_struct_ref_seq_dif.pdbx_pdb_strand_id           A 
_struct_ref_seq_dif.seq_num                      46 
_struct_ref_seq_dif.pdbx_pdb_ins_code            ? 
_struct_ref_seq_dif.pdbx_seq_db_name             UNP 
_struct_ref_seq_dif.pdbx_seq_db_accession_code   P62554 
_struct_ref_seq_dif.db_mon_id                    VAL 
_struct_ref_seq_dif.pdbx_seq_db_seq_num          46 
_struct_ref_seq_dif.details                      'engineered mutation' 
_struct_ref_seq_dif.pdbx_auth_seq_num            46 
_struct_ref_seq_dif.pdbx_ordinal                 1 
# 
loop_
_chem_comp.id 
_chem_comp.type 
_chem_comp.mon_nstd_flag 
_chem_comp.name 
_chem_comp.pdbx_synonyms 
_chem_comp.formula 
_chem_comp.formula_weight 
ALA 'L-peptide linking' y ALANINE         ? 'C3 H7 N O2'     89.093  
ARG 'L-peptide linking' y ARGININE        ? 'C6 H15 N4 O2 1' 175.209 
ASN 'L-peptide linking' y ASPARAGINE      ? 'C4 H8 N2 O3'    132.118 
ASP 'L-peptide linking' y 'ASPARTIC ACID' ? 'C4 H7 N O4'     133.103 
CL  non-polymer         . 'CHLORIDE ION'  ? 'Cl -1'          35.453  
GLN 'L-peptide linking' y GLUTAMINE       ? 'C5 H10 N2 O3'   146.144 
GLU 'L-peptide linking' y 'GLUTAMIC ACID' ? 'C5 H9 N O4'     147.129 
GLY 'peptide linking'   y GLYCINE         ? 'C2 H5 N O2'     75.067  
HIS 'L-peptide linking' y HISTIDINE       ? 'C6 H10 N3 O2 1' 156.162 
HOH non-polymer         . WATER           ? 'H2 O'           18.015  
ILE 'L-peptide linking' y ISOLEUCINE      ? 'C6 H13 N O2'    131.173 
LEU 'L-peptide linking' y LEUCINE         ? 'C6 H13 N O2'    131.173 
LYS 'L-peptide linking' y LYSINE          ? 'C6 H15 N2 O2 1' 147.195 
MET 'L-peptide linking' y METHIONINE      ? 'C5 H11 N O2 S'  149.211 
PHE 'L-peptide linking' y PHENYLALANINE   ? 'C9 H11 N O2'    165.189 
PRO 'L-peptide linking' y PROLINE         ? 'C5 H9 N O2'     115.130 
SER 'L-peptide linking' y SERINE          ? 'C3 H7 N O3'     105.093 
THR 'L-peptide linking' y THREONINE       ? 'C4 H9 N O3'     119.119 
TRP 'L-peptide linking' y TRYPTOPHAN      ? 'C11 H12 N2 O2'  204.225 
TYR 'L-peptide linking' y TYROSINE        ? 'C9 H11 N O3'    181.189 
VAL 'L-peptide linking' y VALINE          ? 'C5 H11 N O2'    117.146 
# 
_exptl.absorpt_coefficient_mu     ? 
_exptl.absorpt_correction_T_max   ? 
_exptl.absorpt_correction_T_min   ? 
_exptl.absorpt_correction_type    ? 
_exptl.absorpt_process_details    ? 
_exptl.entry_id                   7EPJ 
_exptl.crystals_number            1 
_exptl.details                    ? 
_exptl.method                     'X-RAY DIFFRACTION' 
_exptl.method_details             ? 
# 
_exptl_crystal.colour                      ? 
_exptl_crystal.density_diffrn              ? 
_exptl_crystal.density_Matthews            1.92 
_exptl_crystal.density_method              ? 
_exptl_crystal.density_percent_sol         36 
_exptl_crystal.description                 ? 
_exptl_crystal.F_000                       ? 
_exptl_crystal.id                          1 
_exptl_crystal.preparation                 ? 
_exptl_crystal.size_max                    ? 
_exptl_crystal.size_mid                    ? 
_exptl_crystal.size_min                    ? 
_exptl_crystal.size_rad                    ? 
_exptl_crystal.colour_lustre               ? 
_exptl_crystal.colour_modifier             ? 
_exptl_crystal.colour_primary              ? 
_exptl_crystal.density_meas                ? 
_exptl_crystal.density_meas_esd            ? 
_exptl_crystal.density_meas_gt             ? 
_exptl_crystal.density_meas_lt             ? 
_exptl_crystal.density_meas_temp           ? 
_exptl_crystal.density_meas_temp_esd       ? 
_exptl_crystal.density_meas_temp_gt        ? 
_exptl_crystal.density_meas_temp_lt        ? 
_exptl_crystal.pdbx_crystal_image_url      ? 
_exptl_crystal.pdbx_crystal_image_format   ? 
_exptl_crystal.pdbx_mosaicity              ? 
_exptl_crystal.pdbx_mosaicity_esd          ? 
# 
_exptl_crystal_grow.apparatus       ? 
_exptl_crystal_grow.atmosphere      ? 
_exptl_crystal_grow.crystal_id      1 
_exptl_crystal_grow.details         ? 
_exptl_crystal_grow.method          'VAPOR DIFFUSION, HANGING DROP' 
_exptl_crystal_grow.method_ref      ? 
_exptl_crystal_grow.pH              5.1 
_exptl_crystal_grow.pressure        ? 
_exptl_crystal_grow.pressure_esd    ? 
_exptl_crystal_grow.seeding         ? 
_exptl_crystal_grow.seeding_ref     ? 
_exptl_crystal_grow.temp            291 
_exptl_crystal_grow.temp_details    ? 
_exptl_crystal_grow.temp_esd        ? 
_exptl_crystal_grow.time            ? 
_exptl_crystal_grow.pdbx_details    '200mM CaCl2, 25% PEG 3350' 
_exptl_crystal_grow.pdbx_pH_range   ? 
# 
_diffrn.ambient_environment              ? 
_diffrn.ambient_temp                     100 
_diffrn.ambient_temp_details             ? 
_diffrn.ambient_temp_esd                 ? 
_diffrn.crystal_id                       1 
_diffrn.crystal_support                  ? 
_diffrn.crystal_treatment                ? 
_diffrn.details                          ? 
_diffrn.id                               1 
_diffrn.ambient_pressure                 ? 
_diffrn.ambient_pressure_esd             ? 
_diffrn.ambient_pressure_gt              ? 
_diffrn.ambient_pressure_lt              ? 
_diffrn.ambient_temp_gt                  ? 
_diffrn.ambient_temp_lt                  ? 
_diffrn.pdbx_serial_crystal_experiment   N 
# 
_diffrn_detector.details                      ? 
_diffrn_detector.detector                     PIXEL 
_diffrn_detector.diffrn_id                    1 
_diffrn_detector.type                         'DECTRIS PILATUS 6M' 
_diffrn_detector.area_resol_mean              ? 
_diffrn_detector.dtime                        ? 
_diffrn_detector.pdbx_frames_total            ? 
_diffrn_detector.pdbx_collection_time_total   ? 
_diffrn_detector.pdbx_collection_date         2021-02-12 
_diffrn_detector.pdbx_frequency               ? 
# 
_diffrn_radiation.collimation                      ? 
_diffrn_radiation.diffrn_id                        1 
_diffrn_radiation.filter_edge                      ? 
_diffrn_radiation.inhomogeneity                    ? 
_diffrn_radiation.monochromator                    ? 
_diffrn_radiation.polarisn_norm                    ? 
_diffrn_radiation.polarisn_ratio                   ? 
_diffrn_radiation.probe                            ? 
_diffrn_radiation.type                             ? 
_diffrn_radiation.xray_symbol                      ? 
_diffrn_radiation.wavelength_id                    1 
_diffrn_radiation.pdbx_monochromatic_or_laue_m_l   M 
_diffrn_radiation.pdbx_wavelength_list             ? 
_diffrn_radiation.pdbx_wavelength                  ? 
_diffrn_radiation.pdbx_diffrn_protocol             'SINGLE WAVELENGTH' 
_diffrn_radiation.pdbx_analyzer                    ? 
_diffrn_radiation.pdbx_scattering_type             x-ray 
# 
_diffrn_radiation_wavelength.id           1 
_diffrn_radiation_wavelength.wavelength   1.0358 
_diffrn_radiation_wavelength.wt           1.0 
# 
_diffrn_source.current                     ? 
_diffrn_source.details                     ? 
_diffrn_source.diffrn_id                   1 
_diffrn_source.power                       ? 
_diffrn_source.size                        ? 
_diffrn_source.source                      SYNCHROTRON 
_diffrn_source.target                      ? 
_diffrn_source.type                        'ELETTRA BEAMLINE 11.2C' 
_diffrn_source.voltage                     ? 
_diffrn_source.take-off_angle              ? 
_diffrn_source.pdbx_wavelength_list        1.0358 
_diffrn_source.pdbx_wavelength             ? 
_diffrn_source.pdbx_synchrotron_beamline   11.2C 
_diffrn_source.pdbx_synchrotron_site       ELETTRA 
# 
_reflns.B_iso_Wilson_estimate                          5.8 
_reflns.entry_id                                       7EPJ 
_reflns.data_reduction_details                         ? 
_reflns.data_reduction_method                          ? 
_reflns.d_resolution_high                              1.35 
_reflns.d_resolution_low                               33.98 
_reflns.details                                        ? 
_reflns.limit_h_max                                    ? 
_reflns.limit_h_min                                    ? 
_reflns.limit_k_max                                    ? 
_reflns.limit_k_min                                    ? 
_reflns.limit_l_max                                    ? 
_reflns.limit_l_min                                    ? 
_reflns.number_all                                     ? 
_reflns.number_obs                                     19433 
_reflns.observed_criterion                             ? 
_reflns.observed_criterion_F_max                       ? 
_reflns.observed_criterion_F_min                       ? 
_reflns.observed_criterion_I_max                       ? 
_reflns.observed_criterion_I_min                       ? 
_reflns.observed_criterion_sigma_F                     ? 
_reflns.observed_criterion_sigma_I                     ? 
_reflns.percent_possible_obs                           100 
_reflns.R_free_details                                 ? 
_reflns.Rmerge_F_all                                   ? 
_reflns.Rmerge_F_obs                                   ? 
_reflns.Friedel_coverage                               ? 
_reflns.number_gt                                      ? 
_reflns.threshold_expression                           ? 
_reflns.pdbx_redundancy                                5.9 
_reflns.pdbx_Rmerge_I_obs                              0.098 
_reflns.pdbx_Rmerge_I_all                              ? 
_reflns.pdbx_Rsym_value                                ? 
_reflns.pdbx_netI_over_av_sigmaI                       ? 
_reflns.pdbx_netI_over_sigmaI                          11.6 
_reflns.pdbx_res_netI_over_av_sigmaI_2                 ? 
_reflns.pdbx_res_netI_over_sigmaI_2                    ? 
_reflns.pdbx_chi_squared                               ? 
_reflns.pdbx_scaling_rejects                           ? 
_reflns.pdbx_d_res_high_opt                            ? 
_reflns.pdbx_d_res_low_opt                             ? 
_reflns.pdbx_d_res_opt_method                          ? 
_reflns.phase_calculation_details                      ? 
_reflns.pdbx_Rrim_I_all                                0.108 
_reflns.pdbx_Rpim_I_all                                0.043 
_reflns.pdbx_d_opt                                     ? 
_reflns.pdbx_number_measured_all                       ? 
_reflns.pdbx_diffrn_id                                 1 
_reflns.pdbx_ordinal                                   1 
_reflns.pdbx_CC_half                                   0.994 
_reflns.pdbx_CC_star                                   ? 
_reflns.pdbx_R_split                                   ? 
_reflns.pdbx_aniso_diffraction_limit_axis_1_ortho[1]   ? 
_reflns.pdbx_aniso_diffraction_limit_axis_1_ortho[2]   ? 
_reflns.pdbx_aniso_diffraction_limit_axis_1_ortho[3]   ? 
_reflns.pdbx_aniso_diffraction_limit_axis_2_ortho[1]   ? 
_reflns.pdbx_aniso_diffraction_limit_axis_2_ortho[2]   ? 
_reflns.pdbx_aniso_diffraction_limit_axis_2_ortho[3]   ? 
_reflns.pdbx_aniso_diffraction_limit_axis_3_ortho[1]   ? 
_reflns.pdbx_aniso_diffraction_limit_axis_3_ortho[2]   ? 
_reflns.pdbx_aniso_diffraction_limit_axis_3_ortho[3]   ? 
_reflns.pdbx_aniso_diffraction_limit_1                 ? 
_reflns.pdbx_aniso_diffraction_limit_2                 ? 
_reflns.pdbx_aniso_diffraction_limit_3                 ? 
_reflns.pdbx_aniso_B_tensor_eigenvector_1_ortho[1]     ? 
_reflns.pdbx_aniso_B_tensor_eigenvector_1_ortho[2]     ? 
_reflns.pdbx_aniso_B_tensor_eigenvector_1_ortho[3]     ? 
_reflns.pdbx_aniso_B_tensor_eigenvector_2_ortho[1]     ? 
_reflns.pdbx_aniso_B_tensor_eigenvector_2_ortho[2]     ? 
_reflns.pdbx_aniso_B_tensor_eigenvector_2_ortho[3]     ? 
_reflns.pdbx_aniso_B_tensor_eigenvector_3_ortho[1]     ? 
_reflns.pdbx_aniso_B_tensor_eigenvector_3_ortho[2]     ? 
_reflns.pdbx_aniso_B_tensor_eigenvector_3_ortho[3]     ? 
_reflns.pdbx_aniso_B_tensor_eigenvalue_1               ? 
_reflns.pdbx_aniso_B_tensor_eigenvalue_2               ? 
_reflns.pdbx_aniso_B_tensor_eigenvalue_3               ? 
_reflns.pdbx_orthogonalization_convention              ? 
_reflns.pdbx_percent_possible_ellipsoidal              ? 
_reflns.pdbx_percent_possible_spherical                ? 
_reflns.pdbx_percent_possible_ellipsoidal_anomalous    ? 
_reflns.pdbx_percent_possible_spherical_anomalous      ? 
_reflns.pdbx_redundancy_anomalous                      ? 
_reflns.pdbx_CC_half_anomalous                         ? 
_reflns.pdbx_absDiff_over_sigma_anomalous              ? 
_reflns.pdbx_percent_possible_anomalous                ? 
_reflns.pdbx_observed_signal_threshold                 ? 
_reflns.pdbx_signal_type                               ? 
_reflns.pdbx_signal_details                            ? 
_reflns.pdbx_signal_software_id                        ? 
# 
_reflns_shell.d_res_high                                    1.35 
_reflns_shell.d_res_low                                     1.43 
_reflns_shell.meanI_over_sigI_all                           ? 
_reflns_shell.meanI_over_sigI_obs                           3.7 
_reflns_shell.number_measured_all                           ? 
_reflns_shell.number_measured_obs                           ? 
_reflns_shell.number_possible                               ? 
_reflns_shell.number_unique_all                             ? 
_reflns_shell.number_unique_obs                             2799 
_reflns_shell.percent_possible_all                          100 
_reflns_shell.percent_possible_obs                          ? 
_reflns_shell.Rmerge_F_all                                  ? 
_reflns_shell.Rmerge_F_obs                                  ? 
_reflns_shell.Rmerge_I_all                                  ? 
_reflns_shell.Rmerge_I_obs                                  0.288 
_reflns_shell.meanI_over_sigI_gt                            ? 
_reflns_shell.meanI_over_uI_all                             ? 
_reflns_shell.meanI_over_uI_gt                              ? 
_reflns_shell.number_measured_gt                            ? 
_reflns_shell.number_unique_gt                              ? 
_reflns_shell.percent_possible_gt                           ? 
_reflns_shell.Rmerge_F_gt                                   ? 
_reflns_shell.Rmerge_I_gt                                   ? 
_reflns_shell.pdbx_redundancy                               5.1 
_reflns_shell.pdbx_Rsym_value                               ? 
_reflns_shell.pdbx_chi_squared                              ? 
_reflns_shell.pdbx_netI_over_sigmaI_all                     ? 
_reflns_shell.pdbx_netI_over_sigmaI_obs                     ? 
_reflns_shell.pdbx_Rrim_I_all                               0.322 
_reflns_shell.pdbx_Rpim_I_all                               0.141 
_reflns_shell.pdbx_rejects                                  ? 
_reflns_shell.pdbx_ordinal                                  1 
_reflns_shell.pdbx_diffrn_id                                1 
_reflns_shell.pdbx_CC_half                                  0.928 
_reflns_shell.pdbx_CC_star                                  ? 
_reflns_shell.pdbx_R_split                                  ? 
_reflns_shell.pdbx_percent_possible_ellipsoidal             ? 
_reflns_shell.pdbx_percent_possible_spherical               ? 
_reflns_shell.pdbx_percent_possible_ellipsoidal_anomalous   ? 
_reflns_shell.pdbx_percent_possible_spherical_anomalous     ? 
_reflns_shell.pdbx_redundancy_anomalous                     ? 
_reflns_shell.pdbx_CC_half_anomalous                        ? 
_reflns_shell.pdbx_absDiff_over_sigma_anomalous             ? 
_reflns_shell.pdbx_percent_possible_anomalous               ? 
# 
_refine.aniso_B[1][1]                            0.031 
_refine.aniso_B[1][2]                            -0.000 
_refine.aniso_B[1][3]                            -0.123 
_refine.aniso_B[2][2]                            0.276 
_refine.aniso_B[2][3]                            0.000 
_refine.aniso_B[3][3]                            -0.132 
_refine.B_iso_max                                ? 
_refine.B_iso_mean                               9.358 
_refine.B_iso_min                                ? 
_refine.correlation_coeff_Fo_to_Fc               0.964 
_refine.correlation_coeff_Fo_to_Fc_free          0.957 
_refine.details                                  'Hydrogens have been added in their riding positions' 
_refine.diff_density_max                         ? 
_refine.diff_density_max_esd                     ? 
_refine.diff_density_min                         ? 
_refine.diff_density_min_esd                     ? 
_refine.diff_density_rms                         ? 
_refine.diff_density_rms_esd                     ? 
_refine.entry_id                                 7EPJ 
_refine.pdbx_refine_id                           'X-RAY DIFFRACTION' 
_refine.ls_abs_structure_details                 ? 
_refine.ls_abs_structure_Flack                   ? 
_refine.ls_abs_structure_Flack_esd               ? 
_refine.ls_abs_structure_Rogers                  ? 
_refine.ls_abs_structure_Rogers_esd              ? 
_refine.ls_d_res_high                            1.354 
_refine.ls_d_res_low                             33.979 
_refine.ls_extinction_coef                       ? 
_refine.ls_extinction_coef_esd                   ? 
_refine.ls_extinction_expression                 ? 
_refine.ls_extinction_method                     ? 
_refine.ls_goodness_of_fit_all                   ? 
_refine.ls_goodness_of_fit_all_esd               ? 
_refine.ls_goodness_of_fit_obs                   ? 
_refine.ls_goodness_of_fit_obs_esd               ? 
_refine.ls_hydrogen_treatment                    ? 
_refine.ls_matrix_type                           ? 
_refine.ls_number_constraints                    ? 
_refine.ls_number_parameters                     ? 
_refine.ls_number_reflns_all                     ? 
_refine.ls_number_reflns_obs                     19429 
_refine.ls_number_reflns_R_free                  855 
_refine.ls_number_reflns_R_work                  18574 
_refine.ls_number_restraints                     ? 
_refine.ls_percent_reflns_obs                    99.979 
_refine.ls_percent_reflns_R_free                 4.401 
_refine.ls_R_factor_all                          0.163 
_refine.ls_R_factor_obs                          ? 
_refine.ls_R_factor_R_free                       0.1844 
_refine.ls_R_factor_R_free_error                 ? 
_refine.ls_R_factor_R_free_error_details         ? 
_refine.ls_R_factor_R_work                       0.1616 
_refine.ls_R_Fsqd_factor_obs                     ? 
_refine.ls_R_I_factor_obs                        ? 
_refine.ls_redundancy_reflns_all                 ? 
_refine.ls_redundancy_reflns_obs                 ? 
_refine.ls_restrained_S_all                      ? 
_refine.ls_restrained_S_obs                      ? 
_refine.ls_shift_over_esd_max                    ? 
_refine.ls_shift_over_esd_mean                   ? 
_refine.ls_structure_factor_coef                 ? 
_refine.ls_weighting_details                     ? 
_refine.ls_weighting_scheme                      ? 
_refine.ls_wR_factor_all                         ? 
_refine.ls_wR_factor_obs                         ? 
_refine.ls_wR_factor_R_free                      0.185 
_refine.ls_wR_factor_R_work                      0.159 
_refine.occupancy_max                            ? 
_refine.occupancy_min                            ? 
_refine.solvent_model_details                    'MASK BULK SOLVENT' 
_refine.solvent_model_param_bsol                 ? 
_refine.solvent_model_param_ksol                 ? 
_refine.pdbx_R_complete                          ? 
_refine.ls_R_factor_gt                           ? 
_refine.ls_goodness_of_fit_gt                    ? 
_refine.ls_goodness_of_fit_ref                   ? 
_refine.ls_shift_over_su_max                     ? 
_refine.ls_shift_over_su_max_lt                  ? 
_refine.ls_shift_over_su_mean                    ? 
_refine.ls_shift_over_su_mean_lt                 ? 
_refine.pdbx_ls_sigma_I                          ? 
_refine.pdbx_ls_sigma_F                          ? 
_refine.pdbx_ls_sigma_Fsqd                       ? 
_refine.pdbx_data_cutoff_high_absF               ? 
_refine.pdbx_data_cutoff_high_rms_absF           ? 
_refine.pdbx_data_cutoff_low_absF                ? 
_refine.pdbx_isotropic_thermal_model             ? 
_refine.pdbx_ls_cross_valid_method               'FREE R-VALUE' 
_refine.pdbx_method_to_determine_struct          'MOLECULAR REPLACEMENT' 
_refine.pdbx_starting_model                      3VUB 
_refine.pdbx_stereochemistry_target_values       ? 
_refine.pdbx_R_Free_selection_details            ? 
_refine.pdbx_stereochem_target_val_spec_case     ? 
_refine.pdbx_overall_ESU_R                       0.058 
_refine.pdbx_overall_ESU_R_Free                  0.058 
_refine.pdbx_solvent_vdw_probe_radii             1.200 
_refine.pdbx_solvent_ion_probe_radii             0.800 
_refine.pdbx_solvent_shrinkage_radii             0.800 
_refine.pdbx_real_space_R                        ? 
_refine.pdbx_density_correlation                 ? 
_refine.pdbx_pd_number_of_powder_patterns        ? 
_refine.pdbx_pd_number_of_points                 ? 
_refine.pdbx_pd_meas_number_of_points            ? 
_refine.pdbx_pd_proc_ls_prof_R_factor            ? 
_refine.pdbx_pd_proc_ls_prof_wR_factor           ? 
_refine.pdbx_pd_Marquardt_correlation_coeff      ? 
_refine.pdbx_pd_Fsqrd_R_factor                   ? 
_refine.pdbx_pd_ls_matrix_band_width             ? 
_refine.pdbx_overall_phase_error                 ? 
_refine.pdbx_overall_SU_R_free_Cruickshank_DPI   ? 
_refine.pdbx_overall_SU_R_free_Blow_DPI          ? 
_refine.pdbx_overall_SU_R_Blow_DPI               ? 
_refine.pdbx_TLS_residual_ADP_flag               ? 
_refine.pdbx_diffrn_id                           1 
_refine.overall_SU_B                             0.907 
_refine.overall_SU_ML                            0.038 
_refine.overall_SU_R_Cruickshank_DPI             ? 
_refine.overall_SU_R_free                        ? 
_refine.overall_FOM_free_R_set                   ? 
_refine.overall_FOM_work_R_set                   ? 
_refine.pdbx_average_fsc_overall                 ? 
_refine.pdbx_average_fsc_work                    0.9501 
_refine.pdbx_average_fsc_free                    0.9456 
# 
_refine_hist.pdbx_refine_id                   'X-RAY DIFFRACTION' 
_refine_hist.cycle_id                         LAST 
_refine_hist.details                          ? 
_refine_hist.d_res_high                       1.354 
_refine_hist.d_res_low                        33.979 
_refine_hist.number_atoms_solvent             167 
_refine_hist.number_atoms_total               961 
_refine_hist.number_reflns_all                ? 
_refine_hist.number_reflns_obs                ? 
_refine_hist.number_reflns_R_free             ? 
_refine_hist.number_reflns_R_work             ? 
_refine_hist.R_factor_all                     ? 
_refine_hist.R_factor_obs                     ? 
_refine_hist.R_factor_R_free                  ? 
_refine_hist.R_factor_R_work                  ? 
_refine_hist.pdbx_number_residues_total       ? 
_refine_hist.pdbx_B_iso_mean_ligand           ? 
_refine_hist.pdbx_B_iso_mean_solvent          ? 
_refine_hist.pdbx_number_atoms_protein        792 
_refine_hist.pdbx_number_atoms_nucleic_acid   0 
_refine_hist.pdbx_number_atoms_ligand         2 
_refine_hist.pdbx_number_atoms_lipid          ? 
_refine_hist.pdbx_number_atoms_carb           ? 
_refine_hist.pdbx_pseudo_atom_details         ? 
# 
loop_
_refine_ls_restr.pdbx_refine_id 
_refine_ls_restr.criterion 
_refine_ls_restr.dev_ideal 
_refine_ls_restr.dev_ideal_target 
_refine_ls_restr.number 
_refine_ls_restr.rejects 
_refine_ls_restr.type 
_refine_ls_restr.weight 
_refine_ls_restr.pdbx_restraint_function 
'X-RAY DIFFRACTION' ? 0.014  0.013  834  ? r_bond_refined_d               ? ? 
'X-RAY DIFFRACTION' ? 0.001  0.017  781  ? r_bond_other_d                 ? ? 
'X-RAY DIFFRACTION' ? 1.922  1.637  1133 ? r_angle_refined_deg            ? ? 
'X-RAY DIFFRACTION' ? 1.515  1.575  1810 ? r_angle_other_deg              ? ? 
'X-RAY DIFFRACTION' ? 6.444  5.000  108  ? r_dihedral_angle_1_deg         ? ? 
'X-RAY DIFFRACTION' ? 27.249 21.667 42   ? r_dihedral_angle_2_deg         ? ? 
'X-RAY DIFFRACTION' ? 13.470 15.000 148  ? r_dihedral_angle_3_deg         ? ? 
'X-RAY DIFFRACTION' ? 23.625 15.000 7    ? r_dihedral_angle_4_deg         ? ? 
'X-RAY DIFFRACTION' ? 0.093  0.200  109  ? r_chiral_restr                 ? ? 
'X-RAY DIFFRACTION' ? 0.011  0.020  932  ? r_gen_planes_refined           ? ? 
'X-RAY DIFFRACTION' ? 0.001  0.020  178  ? r_gen_planes_other             ? ? 
'X-RAY DIFFRACTION' ? 0.208  0.200  149  ? r_nbd_refined                  ? ? 
'X-RAY DIFFRACTION' ? 0.184  0.200  742  ? r_symmetry_nbd_other           ? ? 
'X-RAY DIFFRACTION' ? 0.169  0.200  418  ? r_nbtor_refined                ? ? 
'X-RAY DIFFRACTION' ? 0.093  0.200  368  ? r_symmetry_nbtor_other         ? ? 
'X-RAY DIFFRACTION' ? 0.253  0.200  121  ? r_xyhbond_nbd_refined          ? ? 
'X-RAY DIFFRACTION' ? 0.086  0.200  2    ? r_symmetry_xyhbond_nbd_other   ? ? 
'X-RAY DIFFRACTION' ? 0.377  0.200  24   ? r_symmetry_nbd_refined         ? ? 
'X-RAY DIFFRACTION' ? 0.258  0.200  57   ? r_nbd_other                    ? ? 
'X-RAY DIFFRACTION' ? 0.300  0.200  25   ? r_symmetry_xyhbond_nbd_refined ? ? 
'X-RAY DIFFRACTION' ? 1.227  0.862  411  ? r_mcbond_it                    ? ? 
'X-RAY DIFFRACTION' ? 1.223  0.857  410  ? r_mcbond_other                 ? ? 
'X-RAY DIFFRACTION' ? 1.884  1.290  514  ? r_mcangle_it                   ? ? 
'X-RAY DIFFRACTION' ? 1.887  1.296  515  ? r_mcangle_other                ? ? 
'X-RAY DIFFRACTION' ? 1.547  0.901  423  ? r_scbond_it                    ? ? 
'X-RAY DIFFRACTION' ? 1.547  0.898  423  ? r_scbond_other                 ? ? 
'X-RAY DIFFRACTION' ? 2.351  1.290  615  ? r_scangle_it                   ? ? 
'X-RAY DIFFRACTION' ? 2.349  1.289  615  ? r_scangle_other                ? ? 
'X-RAY DIFFRACTION' ? 4.686  11.689 1014 ? r_lrange_it                    ? ? 
'X-RAY DIFFRACTION' ? 4.385  10.371 956  ? r_lrange_other                 ? ? 
# 
loop_
_refine_ls_shell.pdbx_refine_id 
_refine_ls_shell.d_res_high 
_refine_ls_shell.d_res_low 
_refine_ls_shell.number_reflns_all 
_refine_ls_shell.number_reflns_obs 
_refine_ls_shell.number_reflns_R_free 
_refine_ls_shell.number_reflns_R_work 
_refine_ls_shell.percent_reflns_obs 
_refine_ls_shell.percent_reflns_R_free 
_refine_ls_shell.R_factor_all 
_refine_ls_shell.R_factor_obs 
_refine_ls_shell.R_factor_R_free 
_refine_ls_shell.R_factor_R_free_error 
_refine_ls_shell.R_factor_R_work 
_refine_ls_shell.redundancy_reflns_all 
_refine_ls_shell.redundancy_reflns_obs 
_refine_ls_shell.wR_factor_all 
_refine_ls_shell.wR_factor_obs 
_refine_ls_shell.wR_factor_R_free 
_refine_ls_shell.wR_factor_R_work 
_refine_ls_shell.pdbx_R_complete 
_refine_ls_shell.pdbx_total_number_of_bins_used 
_refine_ls_shell.pdbx_phase_error 
_refine_ls_shell.pdbx_fsc_work 
_refine_ls_shell.pdbx_fsc_free 
'X-RAY DIFFRACTION' 1.354 1.389  1422 . 70 1352 100.0000 . 0.174 . 0.213 . 0.172 . . . . . 0.157 . 20 . 0.946 0.937 
'X-RAY DIFFRACTION' 1.389 1.427  1374 . 73 1301 100.0000 . 0.175 . 0.196 . 0.174 . . . . . 0.159 . 20 . 0.935 0.928 
'X-RAY DIFFRACTION' 1.427 1.468  1338 . 67 1271 100.0000 . 0.196 . 0.210 . 0.195 . . . . . 0.182 . 20 . 0.936 0.924 
'X-RAY DIFFRACTION' 1.468 1.514  1338 . 62 1276 100.0000 . 0.174 . 0.173 . 0.174 . . . . . 0.159 . 20 . 0.951 0.956 
'X-RAY DIFFRACTION' 1.514 1.563  1268 . 48 1220 100.0000 . 0.170 . 0.186 . 0.169 . . . . . 0.153 . 20 . 0.954 0.951 
'X-RAY DIFFRACTION' 1.563 1.618  1230 . 55 1174 99.9187  . 0.164 . 0.194 . 0.162 . . . . . 0.150 . 20 . 0.953 0.947 
'X-RAY DIFFRACTION' 1.618 1.679  1189 . 53 1136 100.0000 . 0.170 . 0.170 . 0.170 . . . . . 0.150 . 20 . 0.949 0.950 
'X-RAY DIFFRACTION' 1.679 1.747  1170 . 34 1136 100.0000 . 0.210 . 0.252 . 0.209 . . . . . 0.185 . 20 . 0.925 0.915 
'X-RAY DIFFRACTION' 1.747 1.825  1075 . 38 1037 100.0000 . 0.191 . 0.252 . 0.189 . . . . . 0.167 . 20 . 0.932 0.915 
'X-RAY DIFFRACTION' 1.825 1.913  1050 . 49 1001 100.0000 . 0.190 . 0.223 . 0.188 . . . . . 0.170 . 20 . 0.930 0.919 
'X-RAY DIFFRACTION' 1.913 2.017  1006 . 40 964  99.8012  . 0.177 . 0.190 . 0.176 . . . . . 0.166 . 20 . 0.948 0.951 
'X-RAY DIFFRACTION' 2.017 2.138  958  . 30 928  100.0000 . 0.154 . 0.201 . 0.152 . . . . . 0.144 . 20 . 0.962 0.953 
'X-RAY DIFFRACTION' 2.138 2.285  891  . 20 870  99.8878  . 0.176 . 0.178 . 0.176 . . . . . 0.167 . 20 . 0.956 0.957 
'X-RAY DIFFRACTION' 2.285 2.468  837  . 17 820  100.0000 . 0.127 . 0.145 . 0.127 . . . . . 0.129 . 20 . 0.976 0.969 
'X-RAY DIFFRACTION' 2.468 2.702  775  . 34 741  100.0000 . 0.125 . 0.114 . 0.126 . . . . . 0.129 . 20 . 0.977 0.977 
'X-RAY DIFFRACTION' 2.702 3.018  697  . 37 660  100.0000 . 0.149 . 0.179 . 0.147 . . . . . 0.159 . 20 . 0.968 0.967 
'X-RAY DIFFRACTION' 3.018 3.480  611  . 33 578  100.0000 . 0.152 . 0.191 . 0.149 . . . . . 0.166 . 20 . 0.969 0.964 
'X-RAY DIFFRACTION' 3.480 4.252  536  . 55 481  100.0000 . 0.142 . 0.155 . 0.140 . . . . . 0.159 . 20 . 0.973 0.971 
'X-RAY DIFFRACTION' 4.252 5.966  421  . 25 396  100.0000 . 0.142 . 0.191 . 0.139 . . . . . 0.167 . 20 . 0.974 0.972 
'X-RAY DIFFRACTION' 5.966 33.979 246  . 15 231  100.0000 . 0.184 . 0.233 . 0.182 . . . . . 0.219 . 20 . 0.958 0.944 
# 
_struct.entry_id                     7EPJ 
_struct.title                        'Crystal structure of E.coli CcdB mutant V46L' 
_struct.pdbx_model_details           ? 
_struct.pdbx_formula_weight          ? 
_struct.pdbx_formula_weight_method   ? 
_struct.pdbx_model_type_details      ? 
_struct.pdbx_CASP_flag               N 
# 
_struct_keywords.entry_id        7EPJ 
_struct_keywords.text            'CcdB, Topoisomerase poison, global suppressor, TOXIN' 
_struct_keywords.pdbx_keywords   TOXIN 
# 
loop_
_struct_asym.id 
_struct_asym.pdbx_blank_PDB_chainid_flag 
_struct_asym.pdbx_modified 
_struct_asym.entity_id 
_struct_asym.details 
A N N 1 ? 
B N N 2 ? 
C N N 2 ? 
D N N 3 ? 
# 
loop_
_struct_conf.conf_type_id 
_struct_conf.id 
_struct_conf.pdbx_PDB_helix_id 
_struct_conf.beg_label_comp_id 
_struct_conf.beg_label_asym_id 
_struct_conf.beg_label_seq_id 
_struct_conf.pdbx_beg_PDB_ins_code 
_struct_conf.end_label_comp_id 
_struct_conf.end_label_asym_id 
_struct_conf.end_label_seq_id 
_struct_conf.pdbx_end_PDB_ins_code 
_struct_conf.beg_auth_comp_id 
_struct_conf.beg_auth_asym_id 
_struct_conf.beg_auth_seq_id 
_struct_conf.end_auth_comp_id 
_struct_conf.end_auth_asym_id 
_struct_conf.end_auth_seq_id 
_struct_conf.pdbx_PDB_helix_class 
_struct_conf.details 
_struct_conf.pdbx_PDB_helix_length 
HELX_P HELX_P1 AA1 THR A 65 ? MET A 68  ? THR A 65 MET A 68  5 ? 4  
HELX_P HELX_P2 AA2 ARG A 86 ? GLY A 100 ? ARG A 86 GLY A 100 1 ? 15 
# 
_struct_conf_type.id          HELX_P 
_struct_conf_type.criteria    ? 
_struct_conf_type.reference   ? 
# 
loop_
_struct_sheet.id 
_struct_sheet.type 
_struct_sheet.number_strands 
_struct_sheet.details 
AA1 ? 4 ? 
AA2 ? 6 ? 
# 
loop_
_struct_sheet_order.sheet_id 
_struct_sheet_order.range_id_1 
_struct_sheet_order.range_id_2 
_struct_sheet_order.offset 
_struct_sheet_order.sense 
AA1 1 2 ? anti-parallel 
AA1 2 3 ? anti-parallel 
AA1 3 4 ? anti-parallel 
AA2 1 2 ? anti-parallel 
AA2 2 3 ? anti-parallel 
AA2 3 4 ? anti-parallel 
AA2 4 5 ? anti-parallel 
AA2 5 6 ? anti-parallel 
# 
loop_
_struct_sheet_range.sheet_id 
_struct_sheet_range.id 
_struct_sheet_range.beg_label_comp_id 
_struct_sheet_range.beg_label_asym_id 
_struct_sheet_range.beg_label_seq_id 
_struct_sheet_range.pdbx_beg_PDB_ins_code 
_struct_sheet_range.end_label_comp_id 
_struct_sheet_range.end_label_asym_id 
_struct_sheet_range.end_label_seq_id 
_struct_sheet_range.pdbx_end_PDB_ins_code 
_struct_sheet_range.beg_auth_comp_id 
_struct_sheet_range.beg_auth_asym_id 
_struct_sheet_range.beg_auth_seq_id 
_struct_sheet_range.end_auth_comp_id 
_struct_sheet_range.end_auth_asym_id 
_struct_sheet_range.end_auth_seq_id 
AA1 1 VAL A 53 ? ILE A 56 ? VAL A 53 ILE A 56 
AA1 2 GLU A 59 ? MET A 63 ? GLU A 59 MET A 63 
AA1 3 ARG A 30 ? SER A 38 ? ARG A 30 SER A 38 
AA1 4 ALA A 69 ? PRO A 72 ? ALA A 69 PRO A 72 
AA2 1 VAL A 53 ? ILE A 56 ? VAL A 53 ILE A 56 
AA2 2 GLU A 59 ? MET A 63 ? GLU A 59 MET A 63 
AA2 3 ARG A 30 ? SER A 38 ? ARG A 30 SER A 38 
AA2 4 LEU A 16 ? ASP A 19 ? LEU A 16 ASP A 19 
AA2 5 LYS A 4  ? TYR A 8  ? LYS A 4  TYR A 8  
AA2 6 ILE A 76 ? ASP A 82 ? ILE A 76 ASP A 82 
# 
loop_
_pdbx_struct_sheet_hbond.sheet_id 
_pdbx_struct_sheet_hbond.range_id_1 
_pdbx_struct_sheet_hbond.range_id_2 
_pdbx_struct_sheet_hbond.range_1_label_atom_id 
_pdbx_struct_sheet_hbond.range_1_label_comp_id 
_pdbx_struct_sheet_hbond.range_1_label_asym_id 
_pdbx_struct_sheet_hbond.range_1_label_seq_id 
_pdbx_struct_sheet_hbond.range_1_PDB_ins_code 
_pdbx_struct_sheet_hbond.range_1_auth_atom_id 
_pdbx_struct_sheet_hbond.range_1_auth_comp_id 
_pdbx_struct_sheet_hbond.range_1_auth_asym_id 
_pdbx_struct_sheet_hbond.range_1_auth_seq_id 
_pdbx_struct_sheet_hbond.range_2_label_atom_id 
_pdbx_struct_sheet_hbond.range_2_label_comp_id 
_pdbx_struct_sheet_hbond.range_2_label_asym_id 
_pdbx_struct_sheet_hbond.range_2_label_seq_id 
_pdbx_struct_sheet_hbond.range_2_PDB_ins_code 
_pdbx_struct_sheet_hbond.range_2_auth_atom_id 
_pdbx_struct_sheet_hbond.range_2_auth_comp_id 
_pdbx_struct_sheet_hbond.range_2_auth_asym_id 
_pdbx_struct_sheet_hbond.range_2_auth_seq_id 
AA1 1 2 N VAL A 54 ? N VAL A 54 O TRP A 61 ? O TRP A 61 
AA1 2 3 O ARG A 62 ? O ARG A 62 N ALA A 37 ? N ALA A 37 
AA1 3 4 N ARG A 31 ? N ARG A 31 O VAL A 71 ? O VAL A 71 
AA2 1 2 N VAL A 54 ? N VAL A 54 O TRP A 61 ? O TRP A 61 
AA2 2 3 O ARG A 62 ? O ARG A 62 N ALA A 37 ? N ALA A 37 
AA2 3 4 O ILE A 34 ? O ILE A 34 N VAL A 18 ? N VAL A 18 
AA2 4 5 O ASP A 19 ? O ASP A 19 N LYS A 4  ? N LYS A 4  
AA2 5 6 N VAL A 5  ? N VAL A 5  O ALA A 81 ? O ALA A 81 
# 
_atom_sites.entry_id                    7EPJ 
_atom_sites.Cartn_transf_matrix[1][1]   ? 
_atom_sites.Cartn_transf_matrix[1][2]   ? 
_atom_sites.Cartn_transf_matrix[1][3]   ? 
_atom_sites.Cartn_transf_matrix[2][1]   ? 
_atom_sites.Cartn_transf_matrix[2][2]   ? 
_atom_sites.Cartn_transf_matrix[2][3]   ? 
_atom_sites.Cartn_transf_matrix[3][1]   ? 
_atom_sites.Cartn_transf_matrix[3][2]   ? 
_atom_sites.Cartn_transf_matrix[3][3]   ? 
_atom_sites.Cartn_transf_vector[1]      ? 
_atom_sites.Cartn_transf_vector[2]      ? 
_atom_sites.Cartn_transf_vector[3]      ? 
_atom_sites.fract_transf_matrix[1][1]   0.00152576 
_atom_sites.fract_transf_matrix[1][2]   -0.00173310 
_atom_sites.fract_transf_matrix[1][3]   -0.01453305 
_atom_sites.fract_transf_matrix[2][1]   -0.02213139 
_atom_sites.fract_transf_matrix[2][2]   0.01526540 
_atom_sites.fract_transf_matrix[2][3]   -0.00414391 
_atom_sites.fract_transf_matrix[3][1]   0.01729120 
_atom_sites.fract_transf_matrix[3][2]   0.02127242 
_atom_sites.fract_transf_matrix[3][3]   -0.01398348 
_atom_sites.fract_transf_vector[1]      0.139269 
_atom_sites.fract_transf_vector[2]      0.604865 
_atom_sites.fract_transf_vector[3]      0.260214 
_atom_sites.solution_primary            ? 
_atom_sites.solution_secondary          ? 
_atom_sites.solution_hydrogens          ? 
_atom_sites.special_details             ? 
# 
loop_
_atom_type.symbol 
_atom_type.pdbx_scat_Z 
_atom_type.pdbx_N_electrons 
_atom_type.scat_Cromer_Mann_a1 
_atom_type.scat_Cromer_Mann_b1 
_atom_type.scat_Cromer_Mann_a2 
_atom_type.scat_Cromer_Mann_b2 
_atom_type.scat_Cromer_Mann_a3 
_atom_type.scat_Cromer_Mann_b3 
_atom_type.scat_Cromer_Mann_a4 
_atom_type.scat_Cromer_Mann_b4 
_atom_type.scat_Cromer_Mann_c 
C  6  6  2.310  20.844 1.020 10.208 1.589 0.569  0.865 51.651 0.216   
CL 17 17 11.460 0.010  7.196 1.166  6.255 18.519 1.645 47.778 -9.329  
H  1  1  0.493  10.511 0.323 26.126 0.140 3.142  0.041 57.800 0.003   
N  7  7  12.222 0.006  3.135 9.893  2.014 28.997 1.167 0.583  -11.538 
O  8  8  3.049  13.277 2.287 5.701  1.546 0.324  0.867 32.909 0.251   
S  16 16 6.905  1.468  5.203 22.215 1.438 0.254  1.586 56.172 1.066   
# 
loop_
_atom_site.group_PDB 
_atom_site.id 
_atom_site.type_symbol 
_atom_site.label_atom_id 
_atom_site.label_alt_id 
_atom_site.label_comp_id 
_atom_site.label_asym_id 
_atom_site.label_entity_id 
_atom_site.label_seq_id 
_atom_site.pdbx_PDB_ins_code 
_atom_site.Cartn_x 
_atom_site.Cartn_y 
_atom_site.Cartn_z 
_atom_site.occupancy 
_atom_site.B_iso_or_equiv 
_atom_site.pdbx_formal_charge 
_atom_site.auth_seq_id 
_atom_site.auth_comp_id 
_atom_site.auth_asym_id 
_atom_site.auth_atom_id 
_atom_site.pdbx_PDB_model_num 
_atom_site.calc_flag 
ATOM   1   N  N   . MET A 1 1   ? 4.478   9.497   4.458   1.000 5.541  ? 1   MET A N   1 ? 
ATOM   2   C  CA  . MET A 1 1   ? 3.413   10.482  4.106   1.000 5.814  ? 1   MET A CA  1 ? 
ATOM   3   C  C   . MET A 1 1   ? 2.278   9.721   3.448   1.000 4.847  ? 1   MET A C   1 ? 
ATOM   4   O  O   . MET A 1 1   ? 2.538   8.880   2.603   1.000 5.322  ? 1   MET A O   1 ? 
ATOM   5   C  CB  . MET A 1 1   ? 3.930   11.638  3.268   1.000 7.074  ? 1   MET A CB  1 ? 
ATOM   6   C  CG  . MET A 1 1   ? 2.769   12.454  2.659   1.000 8.581  ? 1   MET A CG  1 ? 
ATOM   7   S  SD  . MET A 1 1   ? 3.204   13.871  1.683   1.000 13.083 ? 1   MET A SD  1 ? 
ATOM   8   C  CE  . MET A 1 1   ? 3.639   14.977  2.981   1.000 14.198 ? 1   MET A CE  1 ? 
ATOM   9   N  N   . GLN A 1 2   ? 1.041   10.031  3.841   1.000 4.930  ? 2   GLN A N   1 ? 
ATOM   10  C  CA  . GLN A 1 2   ? -0.103  9.242   3.365   1.000 5.087  ? 2   GLN A CA  1 ? 
ATOM   11  C  C   . GLN A 1 2   ? -0.128  9.236   1.831   1.000 4.790  ? 2   GLN A C   1 ? 
ATOM   12  O  O   . GLN A 1 2   ? -0.007  10.276  1.178   1.000 4.394  ? 2   GLN A O   1 ? 
ATOM   13  C  CB  . GLN A 1 2   ? -1.410  9.787   3.916   1.000 5.664  ? 2   GLN A CB  1 ? 
ATOM   14  C  CG  . GLN A 1 2   ? -2.543  8.763   3.801   1.000 6.369  ? 2   GLN A CG  1 ? 
ATOM   15  C  CD  . GLN A 1 2   ? -3.813  9.238   4.458   1.000 6.254  ? 2   GLN A CD  1 ? 
ATOM   16  O  OE1 . GLN A 1 2   ? -4.184  10.409  4.271   1.000 8.352  ? 2   GLN A OE1 1 ? 
ATOM   17  N  NE2 . GLN A 1 2   ? -4.520  8.337   5.136   1.000 6.788  ? 2   GLN A NE2 1 ? 
ATOM   18  N  N   . PHE A 1 3   ? -0.316  8.052   1.291   1.000 4.710  ? 3   PHE A N   1 ? 
ATOM   19  C  CA  . PHE A 1 3   ? -0.458  7.698   -0.148  1.000 4.691  ? 3   PHE A CA  1 ? 
ATOM   20  C  C   . PHE A 1 3   ? 0.878   7.696   -0.902  1.000 4.228  ? 3   PHE A C   1 ? 
ATOM   21  O  O   . PHE A 1 3   ? 0.905   7.335   -2.073  1.000 5.044  ? 3   PHE A O   1 ? 
ATOM   22  C  CB  . PHE A 1 3   ? -1.492  8.536   -0.916  1.000 5.194  ? 3   PHE A CB  1 ? 
ATOM   23  C  CG  . PHE A 1 3   ? -2.844  8.540   -0.242  1.000 5.827  ? 3   PHE A CG  1 ? 
ATOM   24  C  CD1 . PHE A 1 3   ? -3.477  7.362   0.075   1.000 6.942  ? 3   PHE A CD1 1 ? 
ATOM   25  C  CD2 . PHE A 1 3   ? -3.419  9.719   0.220   1.000 6.711  ? 3   PHE A CD2 1 ? 
ATOM   26  C  CE1 . PHE A 1 3   ? -4.677  7.339   0.722   1.000 7.274  ? 3   PHE A CE1 1 ? 
ATOM   27  C  CE2 . PHE A 1 3   ? -4.633  9.667   0.888   1.000 7.328  ? 3   PHE A CE2 1 ? 
ATOM   28  C  CZ  . PHE A 1 3   ? -5.254  8.491   1.132   1.000 8.039  ? 3   PHE A CZ  1 ? 
ATOM   29  N  N   . LYS A 1 4   ? 1.992   7.971   -0.233  1.000 4.224  ? 4   LYS A N   1 ? 
ATOM   30  C  CA  . LYS A 1 4   ? 3.295   7.824   -0.891  1.000 4.554  ? 4   LYS A CA  1 ? 
ATOM   31  C  C   . LYS A 1 4   ? 3.685   6.356   -0.817  1.000 4.290  ? 4   LYS A C   1 ? 
ATOM   32  O  O   . LYS A 1 4   ? 3.294   5.638   0.138   1.000 4.160  ? 4   LYS A O   1 ? 
ATOM   33  C  CB  . LYS A 1 4   ? 4.362   8.713   -0.263  1.000 5.195  ? 4   LYS A CB  1 ? 
ATOM   34  C  CG  . LYS A 1 4   ? 4.142   10.213  -0.377  1.000 5.846  ? 4   LYS A CG  1 ? 
ATOM   35  C  CD  . LYS A 1 4   ? 3.846   10.757  -1.731  1.000 6.647  ? 4   LYS A CD  1 ? 
ATOM   36  C  CE  . LYS A 1 4   ? 3.766   12.287  -1.816  1.000 8.187  ? 4   LYS A CE  1 ? 
ATOM   37  N  NZ  . LYS A 1 4   ? 5.101   12.895  -1.689  1.000 9.031  ? 4   LYS A NZ  1 ? 
ATOM   38  N  N   . VAL A 1 5   ? 4.459   5.972   -1.815  1.000 4.106  ? 5   VAL A N   1 ? 
ATOM   39  C  CA  . VAL A 1 5   ? 4.895   4.570   -2.009  1.000 4.353  ? 5   VAL A CA  1 ? 
ATOM   40  C  C   . VAL A 1 5   ? 6.399   4.532   -1.807  1.000 4.347  ? 5   VAL A C   1 ? 
ATOM   41  O  O   . VAL A 1 5   ? 7.128   5.386   -2.391  1.000 4.162  ? 5   VAL A O   1 ? 
ATOM   42  C  CB  . VAL A 1 5   ? 4.536   4.013   -3.400  1.000 4.849  ? 5   VAL A CB  1 ? 
ATOM   43  C  CG1 . VAL A 1 5   ? 5.018   2.574   -3.582  1.000 5.560  ? 5   VAL A CG1 1 ? 
ATOM   44  C  CG2 . VAL A 1 5   ? 3.037   4.138   -3.602  1.000 5.078  ? 5   VAL A CG2 1 ? 
ATOM   45  N  N   . TYR A 1 6   ? 6.874   3.534   -1.078  1.000 4.158  ? 6   TYR A N   1 ? 
ATOM   46  C  CA  . TYR A 1 6   ? 8.294   3.383   -0.730  1.000 4.606  ? 6   TYR A CA  1 ? 
ATOM   47  C  C   . TYR A 1 6   ? 8.751   1.954   -0.943  1.000 4.753  ? 6   TYR A C   1 ? 
ATOM   48  O  O   . TYR A 1 6   ? 7.923   1.029   -0.874  1.000 4.668  ? 6   TYR A O   1 ? 
ATOM   49  C  CB  . TYR A 1 6   ? 8.540   3.792   0.710   1.000 4.844  ? 6   TYR A CB  1 ? 
ATOM   50  C  CG  . TYR A 1 6   ? 7.986   5.091   1.226   1.000 4.466  ? 6   TYR A CG  1 ? 
ATOM   51  C  CD1 . TYR A 1 6   ? 6.655   5.283   1.502   1.000 4.659  ? 6   TYR A CD1 1 ? 
ATOM   52  C  CD2 . TYR A 1 6   ? 8.830   6.193   1.278   1.000 5.017  ? 6   TYR A CD2 1 ? 
ATOM   53  C  CE1 . TYR A 1 6   ? 6.189   6.496   1.974   1.000 4.806  ? 6   TYR A CE1 1 ? 
ATOM   54  C  CE2 . TYR A 1 6   ? 8.395   7.405   1.751   1.000 5.028  ? 6   TYR A CE2 1 ? 
ATOM   55  C  CZ  . TYR A 1 6   ? 7.066   7.568   2.043   1.000 4.941  ? 6   TYR A CZ  1 ? 
ATOM   56  O  OH  . TYR A 1 6   ? 6.576   8.768   2.516   1.000 4.892  ? 6   TYR A OH  1 ? 
ATOM   57  N  N   . THR A 1 7   ? 10.055  1.817   -1.151  1.000 5.067  ? 7   THR A N   1 ? 
ATOM   58  C  CA  . THR A 1 7   ? 10.677  0.495   -1.146  1.000 5.742  ? 7   THR A CA  1 ? 
ATOM   59  C  C   . THR A 1 7   ? 11.064  0.113   0.277   1.000 5.735  ? 7   THR A C   1 ? 
ATOM   60  O  O   . THR A 1 7   ? 11.364  0.973   1.122   1.000 6.932  ? 7   THR A O   1 ? 
ATOM   61  C  CB  . THR A 1 7   ? 11.882  0.482   -2.065  1.000 6.135  ? 7   THR A CB  1 ? 
ATOM   62  O  OG1 . THR A 1 7   ? 12.270  -0.881  -2.219  1.000 6.833  ? 7   THR A OG1 1 ? 
ATOM   63  C  CG2 . THR A 1 7   ? 13.015  1.337   -1.566  1.000 6.940  ? 7   THR A CG2 1 ? 
ATOM   64  N  N   . TYR A 1 8   ? 11.027  -1.167  0.612   1.000 6.538  ? 8   TYR A N   1 ? 
ATOM   65  C  CA  . TYR A 1 8   ? 11.585  -1.680  1.872   1.000 6.578  ? 8   TYR A CA  1 ? 
ATOM   66  C  C   . TYR A 1 8   ? 13.101  -1.729  1.842   1.000 7.242  ? 8   TYR A C   1 ? 
ATOM   67  O  O   . TYR A 1 8   ? 13.663  -2.302  0.842   1.000 8.512  ? 8   TYR A O   1 ? 
ATOM   68  C  CB  . TYR A 1 8   ? 11.122  -3.102  2.169   1.000 6.478  ? 8   TYR A CB  1 ? 
ATOM   69  C  CG  . TYR A 1 8   ? 9.634   -3.319  2.360   1.000 6.404  ? 8   TYR A CG  1 ? 
ATOM   70  C  CD1 . TYR A 1 8   ? 9.080   -3.320  3.626   1.000 6.971  ? 8   TYR A CD1 1 ? 
ATOM   71  C  CD2 . TYR A 1 8   ? 8.814   -3.697  1.313   1.000 6.372  ? 8   TYR A CD2 1 ? 
ATOM   72  C  CE1 . TYR A 1 8   ? 7.747   -3.618  3.839   1.000 7.372  ? 8   TYR A CE1 1 ? 
ATOM   73  C  CE2 . TYR A 1 8   ? 7.482   -3.988  1.512   1.000 7.061  ? 8   TYR A CE2 1 ? 
ATOM   74  C  CZ  . TYR A 1 8   ? 6.932   -3.930  2.771   1.000 7.287  ? 8   TYR A CZ  1 ? 
ATOM   75  O  OH  . TYR A 1 8   ? 5.630   -4.280  2.974   1.000 8.102  ? 8   TYR A OH  1 ? 
ATOM   76  N  N   . LYS A 1 9   ? 13.753  -1.317  2.903   1.000 7.412  ? 9   LYS A N   1 ? 
ATOM   77  C  CA  A LYS A 1 9   ? 15.227  -1.445  3.035   0.500 8.284  ? 9   LYS A CA  1 ? 
ATOM   78  C  CA  B LYS A 1 9   ? 15.225  -1.461  2.991   0.500 8.741  ? 9   LYS A CA  1 ? 
ATOM   79  C  C   . LYS A 1 9   ? 15.617  -2.889  3.382   1.000 9.096  ? 9   LYS A C   1 ? 
ATOM   80  O  O   . LYS A 1 9   ? 16.781  -3.251  3.122   1.000 9.412  ? 9   LYS A O   1 ? 
ATOM   81  C  CB  A LYS A 1 9   ? 15.758  -0.491  4.101   0.500 8.279  ? 9   LYS A CB  1 ? 
ATOM   82  C  CB  B LYS A 1 9   ? 15.780  -0.413  3.941   0.500 9.501  ? 9   LYS A CB  1 ? 
ATOM   83  C  CG  A LYS A 1 9   ? 15.736  0.982   3.673   0.500 8.533  ? 9   LYS A CG  1 ? 
ATOM   84  C  CG  B LYS A 1 9   ? 15.570  0.986   3.370   0.500 10.031 ? 9   LYS A CG  1 ? 
ATOM   85  C  CD  A LYS A 1 9   ? 16.334  1.900   4.720   0.500 8.755  ? 9   LYS A CD  1 ? 
ATOM   86  C  CD  B LYS A 1 9   ? 16.511  2.015   3.867   0.500 11.609 ? 9   LYS A CD  1 ? 
ATOM   87  C  CE  A LYS A 1 9   ? 17.838  1.764   4.809   0.500 9.725  ? 9   LYS A CE  1 ? 
ATOM   88  C  CE  B LYS A 1 9   ? 16.176  2.471   5.259   0.500 12.371 ? 9   LYS A CE  1 ? 
ATOM   89  N  NZ  A LYS A 1 9   ? 18.484  2.986   5.340   0.500 10.607 ? 9   LYS A NZ  1 ? 
ATOM   90  N  NZ  B LYS A 1 9   ? 17.266  3.283   5.833   0.500 13.446 ? 9   LYS A NZ  1 ? 
ATOM   91  N  N   . ARG A 1 10  ? 14.724  -3.645  4.004   1.000 9.477  ? 10  ARG A N   1 ? 
ATOM   92  C  CA  . ARG A 1 10  ? 14.986  -5.041  4.404   1.000 10.714 ? 10  ARG A CA  1 ? 
ATOM   93  C  C   . ARG A 1 10  ? 14.094  -5.959  3.565   1.000 12.264 ? 10  ARG A C   1 ? 
ATOM   94  O  O   . ARG A 1 10  ? 12.959  -5.568  3.162   1.000 15.085 ? 10  ARG A O   1 ? 
ATOM   95  C  CB  . ARG A 1 10  ? 14.804  -5.188  5.916   1.000 12.634 ? 10  ARG A CB  1 ? 
ATOM   96  C  CG  . ARG A 1 10  ? 15.818  -4.396  6.738   1.000 14.285 ? 10  ARG A CG  1 ? 
ATOM   97  C  CD  . ARG A 1 10  ? 15.631  -4.437  8.242   1.000 16.968 ? 10  ARG A CD  1 ? 
ATOM   98  N  NE  . ARG A 1 10  ? 15.650  -5.820  8.719   1.000 18.388 ? 10  ARG A NE  1 ? 
ATOM   99  C  CZ  . ARG A 1 10  ? 16.739  -6.556  8.918   1.000 18.329 ? 10  ARG A CZ  1 ? 
ATOM   100 N  NH1 . ARG A 1 10  ? 16.614  -7.810  9.311   1.000 19.954 ? 10  ARG A NH1 1 ? 
ATOM   101 N  NH2 . ARG A 1 10  ? 17.941  -6.068  8.697   1.000 18.507 ? 10  ARG A NH2 1 ? 
ATOM   102 N  N   . GLU A 1 11  ? 14.575  -7.146  3.280   1.000 11.509 ? 11  GLU A N   1 ? 
ATOM   103 C  CA  . GLU A 1 11  ? 13.838  -8.202  2.547   1.000 12.915 ? 11  GLU A CA  1 ? 
ATOM   104 C  C   . GLU A 1 11  ? 12.470  -8.433  3.200   1.000 11.741 ? 11  GLU A C   1 ? 
ATOM   105 O  O   . GLU A 1 11  ? 12.411  -8.585  4.410   1.000 11.103 ? 11  GLU A O   1 ? 
ATOM   106 C  CB  . GLU A 1 11  ? 14.706  -9.453  2.501   1.000 15.433 ? 11  GLU A CB  1 ? 
ATOM   107 C  CG  . GLU A 1 11  ? 15.963  -9.280  1.664   1.000 19.254 ? 11  GLU A CG  1 ? 
ATOM   108 C  CD  . GLU A 1 11  ? 15.851  -9.511  0.160   1.000 23.300 ? 11  GLU A CD  1 ? 
ATOM   109 O  OE1 . GLU A 1 11  ? 16.828  -9.182  -0.559  1.000 18.208 ? 11  GLU A OE1 1 ? 
ATOM   110 O  OE2 . GLU A 1 11  ? 14.855  -10.121 -0.294  1.000 26.546 ? 11  GLU A OE2 1 ? 
ATOM   111 N  N   . SER A 1 12  ? 11.382  -8.361  2.435   1.000 11.221 ? 12  SER A N   1 ? 
ATOM   112 C  CA  . SER A 1 12  ? 10.013  -8.601  2.955   1.000 10.433 ? 12  SER A CA  1 ? 
ATOM   113 C  C   . SER A 1 12  ? 9.334   -9.492  1.925   1.000 9.782  ? 12  SER A C   1 ? 
ATOM   114 O  O   . SER A 1 12  ? 9.876   -9.680  0.827   1.000 10.401 ? 12  SER A O   1 ? 
ATOM   115 C  CB  A SER A 1 12  ? 9.288   -7.294  3.153   0.600 10.873 ? 12  SER A CB  1 ? 
ATOM   116 C  CB  B SER A 1 12  ? 9.237   -7.301  3.184   0.400 9.198  ? 12  SER A CB  1 ? 
ATOM   117 O  OG  A SER A 1 12  ? 10.107  -6.392  3.875   0.600 14.752 ? 12  SER A OG  1 ? 
ATOM   118 O  OG  B SER A 1 12  ? 8.067   -7.508  3.992   0.400 8.287  ? 12  SER A OG  1 ? 
ATOM   119 N  N   . ARG A 1 13  ? 8.120   -9.908  2.197   1.000 9.598  ? 13  ARG A N   1 ? 
ATOM   120 C  CA  . ARG A 1 13  ? 7.404   -10.698 1.186   1.000 9.468  ? 13  ARG A CA  1 ? 
ATOM   121 C  C   . ARG A 1 13  ? 7.192   -9.893  -0.121  1.000 8.108  ? 13  ARG A C   1 ? 
ATOM   122 O  O   . ARG A 1 13  ? 7.323   -10.451 -1.190  1.000 8.380  ? 13  ARG A O   1 ? 
ATOM   123 C  CB  . ARG A 1 13  ? 6.071   -11.148 1.774   1.000 12.016 ? 13  ARG A CB  1 ? 
ATOM   124 C  CG  . ARG A 1 13  ? 5.187   -11.835 0.751   1.000 14.658 ? 13  ARG A CG  1 ? 
ATOM   125 C  CD  . ARG A 1 13  ? 5.555   -13.258 0.443   1.000 19.319 ? 13  ARG A CD  1 ? 
ATOM   126 N  NE  . ARG A 1 13  ? 4.278   -13.954 0.390   1.000 24.251 ? 13  ARG A NE  1 ? 
ATOM   127 N  N   . TYR A 1 14  ? 6.917   -8.595  -0.023  1.000 6.788  ? 14  TYR A N   1 ? 
ATOM   128 C  CA  . TYR A 1 14  ? 6.688   -7.696  -1.172  1.000 6.767  ? 14  TYR A CA  1 ? 
ATOM   129 C  C   . TYR A 1 14  ? 7.784   -6.639  -1.111  1.000 5.651  ? 14  TYR A C   1 ? 
ATOM   130 O  O   . TYR A 1 14  ? 8.587   -6.576  -0.185  1.000 6.564  ? 14  TYR A O   1 ? 
ATOM   131 C  CB  . TYR A 1 14  ? 5.270   -7.143  -1.056  1.000 6.904  ? 14  TYR A CB  1 ? 
ATOM   132 C  CG  . TYR A 1 14  ? 4.214   -8.225  -1.106  1.000 7.774  ? 14  TYR A CG  1 ? 
ATOM   133 C  CD1 . TYR A 1 14  ? 4.058   -9.011  -2.237  1.000 8.956  ? 14  TYR A CD1 1 ? 
ATOM   134 C  CD2 . TYR A 1 14  ? 3.351   -8.444  -0.034  1.000 8.579  ? 14  TYR A CD2 1 ? 
ATOM   135 C  CE1 . TYR A 1 14  ? 3.122   -10.035 -2.291  1.000 9.874  ? 14  TYR A CE1 1 ? 
ATOM   136 C  CE2 . TYR A 1 14  ? 2.372   -9.441  -0.085  1.000 8.509  ? 14  TYR A CE2 1 ? 
ATOM   137 C  CZ  . TYR A 1 14  ? 2.266   -10.218 -1.224  1.000 9.669  ? 14  TYR A CZ  1 ? 
ATOM   138 O  OH  . TYR A 1 14  ? 1.340   -11.233 -1.282  1.000 12.363 ? 14  TYR A OH  1 ? 
ATOM   139 N  N   . ARG A 1 15  ? 7.835   -5.839  -2.172  1.000 5.823  ? 15  ARG A N   1 ? 
ATOM   140 C  CA  . ARG A 1 15  ? 8.973   -4.937  -2.393  1.000 5.550  ? 15  ARG A CA  1 ? 
ATOM   141 C  C   . ARG A 1 15  ? 8.610   -3.463  -2.344  1.000 5.875  ? 15  ARG A C   1 ? 
ATOM   142 O  O   . ARG A 1 15  ? 9.530   -2.640  -2.289  1.000 6.536  ? 15  ARG A O   1 ? 
ATOM   143 C  CB  . ARG A 1 15  ? 9.535   -5.269  -3.756  1.000 5.487  ? 15  ARG A CB  1 ? 
ATOM   144 C  CG  . ARG A 1 15  ? 10.242  -6.624  -3.724  1.000 5.398  ? 15  ARG A CG  1 ? 
ATOM   145 C  CD  . ARG A 1 15  ? 10.576  -7.085  -5.148  1.000 5.643  ? 15  ARG A CD  1 ? 
ATOM   146 N  NE  . ARG A 1 15  ? 9.380   -7.402  -5.903  1.000 6.131  ? 15  ARG A NE  1 ? 
ATOM   147 C  CZ  . ARG A 1 15  ? 9.132   -7.125  -7.171  1.000 6.519  ? 15  ARG A CZ  1 ? 
ATOM   148 N  NH1 . ARG A 1 15  ? 9.958   -6.418  -7.924  1.000 7.174  ? 15  ARG A NH1 1 ? 
ATOM   149 N  NH2 . ARG A 1 15  ? 8.049   -7.590  -7.749  1.000 6.935  ? 15  ARG A NH2 1 ? 
ATOM   150 N  N   . LEU A 1 16  ? 7.325   -3.133  -2.329  1.000 5.019  ? 16  LEU A N   1 ? 
ATOM   151 C  CA  . LEU A 1 16  ? 6.818   -1.764  -2.209  1.000 5.115  ? 16  LEU A CA  1 ? 
ATOM   152 C  C   . LEU A 1 16  ? 5.721   -1.761  -1.172  1.000 4.588  ? 16  LEU A C   1 ? 
ATOM   153 O  O   . LEU A 1 16  ? 5.015   -2.799  -0.972  1.000 4.534  ? 16  LEU A O   1 ? 
ATOM   154 C  CB  . LEU A 1 16  ? 6.164   -1.295  -3.511  1.000 4.970  ? 16  LEU A CB  1 ? 
ATOM   155 C  CG  . LEU A 1 16  ? 7.112   -1.060  -4.681  1.000 5.345  ? 16  LEU A CG  1 ? 
ATOM   156 C  CD1 . LEU A 1 16  ? 6.316   -0.755  -5.947  1.000 6.002  ? 16  LEU A CD1 1 ? 
ATOM   157 C  CD2 . LEU A 1 16  ? 8.131   0.028   -4.338  1.000 5.523  ? 16  LEU A CD2 1 ? 
ATOM   158 N  N   . PHE A 1 17  ? 5.511   -0.603  -0.548  1.000 4.258  ? 17  PHE A N   1 ? 
ATOM   159 C  CA  . PHE A 1 17  ? 4.320   -0.413  0.295   1.000 4.397  ? 17  PHE A CA  1 ? 
ATOM   160 C  C   . PHE A 1 17  ? 3.801   1.012   0.096   1.000 4.001  ? 17  PHE A C   1 ? 
ATOM   161 O  O   . PHE A 1 17  ? 4.596   1.922   -0.187  1.000 4.134  ? 17  PHE A O   1 ? 
ATOM   162 C  CB  . PHE A 1 17  ? 4.652   -0.713  1.753   1.000 4.802  ? 17  PHE A CB  1 ? 
ATOM   163 C  CG  . PHE A 1 17  ? 5.763   0.104   2.342   1.000 5.164  ? 17  PHE A CG  1 ? 
ATOM   164 C  CD1 . PHE A 1 17  ? 5.507   1.343   2.920   1.000 5.418  ? 17  PHE A CD1 1 ? 
ATOM   165 C  CD2 . PHE A 1 17  ? 7.039   -0.410  2.397   1.000 5.771  ? 17  PHE A CD2 1 ? 
ATOM   166 C  CE1 . PHE A 1 17  ? 6.537   2.063   3.507   1.000 5.508  ? 17  PHE A CE1 1 ? 
ATOM   167 C  CE2 . PHE A 1 17  ? 8.059   0.322   2.956   1.000 5.833  ? 17  PHE A CE2 1 ? 
ATOM   168 C  CZ  . PHE A 1 17  ? 7.819   1.554   3.487   1.000 5.677  ? 17  PHE A CZ  1 ? 
ATOM   169 N  N   . VAL A 1 18  ? 2.525   1.205   0.355   1.000 4.044  ? 18  VAL A N   1 ? 
ATOM   170 C  CA  . VAL A 1 18  ? 1.894   2.529   0.354   1.000 4.208  ? 18  VAL A CA  1 ? 
ATOM   171 C  C   . VAL A 1 18  ? 1.618   2.871   1.811   1.000 4.039  ? 18  VAL A C   1 ? 
ATOM   172 O  O   . VAL A 1 18  ? 0.992   2.095   2.544   1.000 4.191  ? 18  VAL A O   1 ? 
ATOM   173 C  CB  . VAL A 1 18  ? 0.674   2.627   -0.587  1.000 4.389  ? 18  VAL A CB  1 ? 
ATOM   174 C  CG1 . VAL A 1 18  ? -0.376  1.629   -0.219  1.000 5.070  ? 18  VAL A CG1 1 ? 
ATOM   175 C  CG2 . VAL A 1 18  ? 0.069   4.022   -0.604  1.000 4.657  ? 18  VAL A CG2 1 ? 
ATOM   176 N  N   . ASP A 1 19  ? 2.031   4.042   2.252   1.000 4.260  ? 19  ASP A N   1 ? 
ATOM   177 C  CA  . ASP A 1 19  ? 1.673   4.617   3.561   1.000 4.135  ? 19  ASP A CA  1 ? 
ATOM   178 C  C   . ASP A 1 19  ? 0.182   5.010   3.552   1.000 4.089  ? 19  ASP A C   1 ? 
ATOM   179 O  O   . ASP A 1 19  ? -0.212  5.727   2.642   1.000 4.383  ? 19  ASP A O   1 ? 
ATOM   180 C  CB  . ASP A 1 19  ? 2.605   5.794   3.819   1.000 4.275  ? 19  ASP A CB  1 ? 
ATOM   181 C  CG  . ASP A 1 19  ? 2.438   6.551   5.123   1.000 4.312  ? 19  ASP A CG  1 ? 
ATOM   182 O  OD1 . ASP A 1 19  ? 1.310   6.609   5.643   1.000 4.926  ? 19  ASP A OD1 1 ? 
ATOM   183 O  OD2 . ASP A 1 19  ? 3.467   7.156   5.604   1.000 4.928  ? 19  ASP A OD2 1 ? 
ATOM   184 N  N   . VAL A 1 20  ? -0.595  4.450   4.457   1.000 4.403  ? 20  VAL A N   1 ? 
ATOM   185 C  CA  . VAL A 1 20  ? -2.051  4.747   4.515   1.000 4.974  ? 20  VAL A CA  1 ? 
ATOM   186 C  C   . VAL A 1 20  ? -2.428  5.460   5.808   1.000 5.419  ? 20  VAL A C   1 ? 
ATOM   187 O  O   . VAL A 1 20  ? -3.662  5.721   6.018   1.000 6.243  ? 20  VAL A O   1 ? 
ATOM   188 C  CB  . VAL A 1 20  ? -2.886  3.483   4.271   1.000 5.113  ? 20  VAL A CB  1 ? 
ATOM   189 C  CG1 . VAL A 1 20  ? -2.618  2.952   2.875   1.000 5.478  ? 20  VAL A CG1 1 ? 
ATOM   190 C  CG2 . VAL A 1 20  ? -2.604  2.435   5.316   1.000 4.970  ? 20  VAL A CG2 1 ? 
ATOM   191 N  N   . GLN A 1 21  ? -1.477  5.717   6.716   1.000 5.545  ? 21  GLN A N   1 ? 
ATOM   192 C  CA  . GLN A 1 21  ? -1.771  6.468   7.959   1.000 5.550  ? 21  GLN A CA  1 ? 
ATOM   193 C  C   . GLN A 1 21  ? -2.093  7.930   7.648   1.000 5.417  ? 21  GLN A C   1 ? 
ATOM   194 O  O   . GLN A 1 21  ? -1.455  8.565   6.831   1.000 5.143  ? 21  GLN A O   1 ? 
ATOM   195 C  CB  . GLN A 1 21  ? -0.585  6.262   8.912   1.000 5.743  ? 21  GLN A CB  1 ? 
ATOM   196 C  CG  . GLN A 1 21  ? -0.770  6.807   10.310  1.000 5.800  ? 21  GLN A CG  1 ? 
ATOM   197 C  CD  . GLN A 1 21  ? 0.267   6.256   11.246  1.000 5.964  ? 21  GLN A CD  1 ? 
ATOM   198 O  OE1 . GLN A 1 21  ? 0.637   5.088   11.149  1.000 6.504  ? 21  GLN A OE1 1 ? 
ATOM   199 N  NE2 . GLN A 1 21  ? 0.803   7.073   12.162  1.000 6.036  ? 21  GLN A NE2 1 ? 
ATOM   200 N  N   . SER A 1 22  ? -3.017  8.466   8.454   1.000 5.760  ? 22  SER A N   1 ? 
ATOM   201 C  CA  . SER A 1 22  ? -3.253  9.916   8.368   1.000 6.463  ? 22  SER A CA  1 ? 
ATOM   202 C  C   . SER A 1 22  ? -1.943  10.672  8.629   1.000 6.657  ? 22  SER A C   1 ? 
ATOM   203 O  O   . SER A 1 22  ? -1.122  10.277  9.516   1.000 6.091  ? 22  SER A O   1 ? 
ATOM   204 C  CB  . SER A 1 22  ? -4.293  10.307  9.362   1.000 7.435  ? 22  SER A CB  1 ? 
ATOM   205 O  OG  . SER A 1 22  ? -4.319  11.724  9.534   1.000 8.026  ? 22  SER A OG  1 ? 
ATOM   206 N  N   . ASP A 1 23  ? -1.772  11.808  7.961   1.000 6.816  ? 23  ASP A N   1 ? 
ATOM   207 C  CA  . ASP A 1 23  ? -0.628  12.690  8.243   1.000 7.657  ? 23  ASP A CA  1 ? 
ATOM   208 C  C   . ASP A 1 23  ? -0.824  13.482  9.536   1.000 8.447  ? 23  ASP A C   1 ? 
ATOM   209 O  O   . ASP A 1 23  ? 0.197   14.061  9.969   1.000 8.863  ? 23  ASP A O   1 ? 
ATOM   210 C  CB  . ASP A 1 23  ? -0.403  13.638  7.077   1.000 7.293  ? 23  ASP A CB  1 ? 
ATOM   211 C  CG  . ASP A 1 23  ? 0.057   12.926  5.805   1.000 7.919  ? 23  ASP A CG  1 ? 
ATOM   212 O  OD1 . ASP A 1 23  ? 0.732   11.881  5.910   1.000 7.735  ? 23  ASP A OD1 1 ? 
ATOM   213 O  OD2 . ASP A 1 23  ? -0.265  13.448  4.740   1.000 8.653  ? 23  ASP A OD2 1 ? 
ATOM   214 N  N   . ILE A 1 24  ? -1.993  13.451  10.165  1.000 8.730  ? 24  ILE A N   1 ? 
ATOM   215 C  CA  . ILE A 1 24  ? -2.025  14.135  11.496  1.000 10.542 ? 24  ILE A CA  1 ? 
ATOM   216 C  C   . ILE A 1 24  ? -2.105  13.099  12.632  1.000 9.480  ? 24  ILE A C   1 ? 
ATOM   217 O  O   . ILE A 1 24  ? -2.261  13.498  13.792  1.000 9.918  ? 24  ILE A O   1 ? 
ATOM   218 C  CB  . ILE A 1 24  ? -3.130  15.219  11.528  1.000 14.873 ? 24  ILE A CB  1 ? 
ATOM   219 C  CG1 . ILE A 1 24  ? -4.480  14.612  11.235  1.000 15.307 ? 24  ILE A CG1 1 ? 
ATOM   220 C  CG2 . ILE A 1 24  ? -2.848  16.366  10.567  1.000 17.357 ? 24  ILE A CG2 1 ? 
ATOM   221 C  CD1 . ILE A 1 24  ? -4.957  13.713  12.312  1.000 14.475 ? 24  ILE A CD1 1 ? 
ATOM   222 N  N   . ILE A 1 25  ? -1.853  11.813  12.362  1.000 7.936  ? 25  ILE A N   1 ? 
ATOM   223 C  CA  . ILE A 1 25  ? -1.737  10.770  13.414  1.000 7.192  ? 25  ILE A CA  1 ? 
ATOM   224 C  C   . ILE A 1 25  ? -0.261  10.444  13.608  1.000 6.946  ? 25  ILE A C   1 ? 
ATOM   225 O  O   . ILE A 1 25  ? 0.347   9.937   12.702  1.000 6.531  ? 25  ILE A O   1 ? 
ATOM   226 C  CB  . ILE A 1 25  ? -2.592  9.553   13.054  1.000 7.182  ? 25  ILE A CB  1 ? 
ATOM   227 C  CG1 . ILE A 1 25  ? -4.073  9.933   12.997  1.000 8.335  ? 25  ILE A CG1 1 ? 
ATOM   228 C  CG2 . ILE A 1 25  ? -2.342  8.397   13.997  1.000 7.289  ? 25  ILE A CG2 1 ? 
ATOM   229 C  CD1 . ILE A 1 25  ? -4.704  10.155  14.310  1.000 9.567  ? 25  ILE A CD1 1 ? 
ATOM   230 N  N   . ASP A 1 26  ? 0.266   10.757  14.774  1.000 6.756  ? 26  ASP A N   1 ? 
ATOM   231 C  CA  . ASP A 1 26  ? 1.708   10.665  15.045  1.000 6.886  ? 26  ASP A CA  1 ? 
ATOM   232 C  C   . ASP A 1 26  ? 1.921   9.347   15.770  1.000 7.194  ? 26  ASP A C   1 ? 
ATOM   233 O  O   . ASP A 1 26  ? 1.470   9.198   16.936  1.000 7.888  ? 26  ASP A O   1 ? 
ATOM   234 C  CB  . ASP A 1 26  ? 2.121   11.843  15.916  1.000 7.545  ? 26  ASP A CB  1 ? 
ATOM   235 C  CG  . ASP A 1 26  ? 3.599   11.874  16.217  1.000 7.851  ? 26  ASP A CG  1 ? 
ATOM   236 O  OD1 . ASP A 1 26  ? 4.318   10.985  15.759  1.000 8.550  ? 26  ASP A OD1 1 ? 
ATOM   237 O  OD2 . ASP A 1 26  ? 3.991   12.866  16.931  1.000 8.617  ? 26  ASP A OD2 1 ? 
ATOM   238 N  N   . THR A 1 27  ? 2.651   8.442   15.145  1.000 6.839  ? 27  THR A N   1 ? 
ATOM   239 C  CA  . THR A 1 27  ? 3.214   7.268   15.869  1.000 6.824  ? 27  THR A CA  1 ? 
ATOM   240 C  C   . THR A 1 27  ? 4.736   7.339   15.740  1.000 7.089  ? 27  THR A C   1 ? 
ATOM   241 O  O   . THR A 1 27  ? 5.299   6.923   14.731  1.000 6.780  ? 27  THR A O   1 ? 
ATOM   242 C  CB  . THR A 1 27  ? 2.694   5.939   15.309  1.000 7.051  ? 27  THR A CB  1 ? 
ATOM   243 O  OG1 . THR A 1 27  ? 2.860   5.954   13.892  1.000 6.500  ? 27  THR A OG1 1 ? 
ATOM   244 C  CG2 . THR A 1 27  ? 1.229   5.727   15.579  1.000 6.964  ? 27  THR A CG2 1 ? 
ATOM   245 N  N   . PRO A 1 28  ? 5.461   7.827   16.772  1.000 6.847  ? 28  PRO A N   1 ? 
ATOM   246 C  CA  . PRO A 1 28  ? 6.890   8.069   16.633  1.000 6.539  ? 28  PRO A CA  1 ? 
ATOM   247 C  C   . PRO A 1 28  ? 7.597   6.814   16.172  1.000 6.404  ? 28  PRO A C   1 ? 
ATOM   248 O  O   . PRO A 1 28  ? 7.442   5.719   16.800  1.000 6.520  ? 28  PRO A O   1 ? 
ATOM   249 C  CB  . PRO A 1 28  ? 7.294   8.505   18.051  1.000 7.139  ? 28  PRO A CB  1 ? 
ATOM   250 C  CG  . PRO A 1 28  ? 6.080   9.235   18.513  1.000 7.046  ? 28  PRO A CG  1 ? 
ATOM   251 C  CD  . PRO A 1 28  ? 4.955   8.348   18.049  1.000 6.905  ? 28  PRO A CD  1 ? 
ATOM   252 N  N   . GLY A 1 29  ? 8.371   6.945   15.118  1.000 6.429  ? 29  GLY A N   1 ? 
ATOM   253 C  CA  . GLY A 1 29  ? 9.202   5.820   14.666  1.000 6.467  ? 29  GLY A CA  1 ? 
ATOM   254 C  C   . GLY A 1 29  ? 8.477   4.800   13.819  1.000 6.203  ? 29  GLY A C   1 ? 
ATOM   255 O  O   . GLY A 1 29  ? 9.171   3.843   13.411  1.000 6.215  ? 29  GLY A O   1 ? 
ATOM   256 N  N   . ARG A 1 30  ? 7.201   4.972   13.486  1.000 5.804  ? 30  ARG A N   1 ? 
ATOM   257 C  CA  . ARG A 1 30  ? 6.474   3.941   12.692  1.000 5.495  ? 30  ARG A CA  1 ? 
ATOM   258 C  C   . ARG A 1 30  ? 5.438   4.582   11.768  1.000 4.710  ? 30  ARG A C   1 ? 
ATOM   259 O  O   . ARG A 1 30  ? 4.974   5.712   12.022  1.000 5.394  ? 30  ARG A O   1 ? 
ATOM   260 C  CB  . ARG A 1 30  ? 5.801   2.940   13.638  1.000 6.201  ? 30  ARG A CB  1 ? 
ATOM   261 C  CG  . ARG A 1 30  ? 6.695   2.371   14.746  1.000 7.335  ? 30  ARG A CG  1 ? 
ATOM   262 C  CD  . ARG A 1 30  ? 6.010   1.257   15.540  1.000 7.845  ? 30  ARG A CD  1 ? 
ATOM   263 N  NE  . ARG A 1 30  ? 5.609   0.157   14.670  1.000 8.129  ? 30  ARG A NE  1 ? 
ATOM   264 C  CZ  . ARG A 1 30  ? 6.391   -0.792  14.197  1.000 9.241  ? 30  ARG A CZ  1 ? 
ATOM   265 N  NH1 . ARG A 1 30  ? 7.654   -0.857  14.584  1.000 9.364  ? 30  ARG A NH1 1 ? 
ATOM   266 N  NH2 . ARG A 1 30  ? 5.887   -1.719  13.432  1.000 9.452  ? 30  ARG A NH2 1 ? 
ATOM   267 N  N   . ARG A 1 31  ? 4.937   3.808   10.817  1.000 4.789  ? 31  ARG A N   1 ? 
ATOM   268 C  CA  . ARG A 1 31  ? 3.783   4.189   9.982   1.000 4.497  ? 31  ARG A CA  1 ? 
ATOM   269 C  C   . ARG A 1 31  ? 2.998   2.921   9.638   1.000 5.001  ? 31  ARG A C   1 ? 
ATOM   270 O  O   . ARG A 1 31  ? 3.639   1.856   9.408   1.000 5.144  ? 31  ARG A O   1 ? 
ATOM   271 C  CB  . ARG A 1 31  ? 4.193   4.872   8.670   1.000 4.302  ? 31  ARG A CB  1 ? 
ATOM   272 C  CG  . ARG A 1 31  ? 4.870   6.226   8.805   1.000 4.177  ? 31  ARG A CG  1 ? 
ATOM   273 C  CD  . ARG A 1 31  ? 3.973   7.318   9.418   1.000 4.522  ? 31  ARG A CD  1 ? 
ATOM   274 N  NE  . ARG A 1 31  ? 3.029   7.763   8.399   1.000 4.733  ? 31  ARG A NE  1 ? 
ATOM   275 C  CZ  . ARG A 1 31  ? 2.050   8.657   8.534   1.000 4.934  ? 31  ARG A CZ  1 ? 
ATOM   276 N  NH1 . ARG A 1 31  ? 1.849   9.212   9.708   1.000 5.260  ? 31  ARG A NH1 1 ? 
ATOM   277 N  NH2 . ARG A 1 31  ? 1.300   8.949   7.485   1.000 5.263  ? 31  ARG A NH2 1 ? 
ATOM   278 N  N   . MET A 1 32  ? 1.694   3.075   9.499   1.000 4.751  ? 32  MET A N   1 ? 
ATOM   279 C  CA  . MET A 1 32  ? 0.807   2.004   9.006   1.000 4.655  ? 32  MET A CA  1 ? 
ATOM   280 C  C   . MET A 1 32  ? 0.860   1.955   7.472   1.000 4.581  ? 32  MET A C   1 ? 
ATOM   281 O  O   . MET A 1 32  ? 0.639   3.020   6.845   1.000 4.383  ? 32  MET A O   1 ? 
ATOM   282 C  CB  . MET A 1 32  ? -0.634  2.219   9.467   1.000 5.043  ? 32  MET A CB  1 ? 
ATOM   283 C  CG  . MET A 1 32  ? -1.562  1.084   9.175   1.000 5.110  ? 32  MET A CG  1 ? 
ATOM   284 S  SD  . MET A 1 32  ? -1.111  -0.532  9.839   1.000 6.139  ? 32  MET A SD  1 ? 
ATOM   285 C  CE  . MET A 1 32  ? -1.088  -0.169  11.590  1.000 6.755  ? 32  MET A CE  1 ? 
ATOM   286 N  N   . VAL A 1 33  ? 1.059   0.794   6.874   1.000 4.590  ? 33  VAL A N   1 ? 
ATOM   287 C  CA  . VAL A 1 33  ? 1.261   0.723   5.412   1.000 4.983  ? 33  VAL A CA  1 ? 
ATOM   288 C  C   . VAL A 1 33  ? 0.516   -0.480  4.840   1.000 4.823  ? 33  VAL A C   1 ? 
ATOM   289 O  O   . VAL A 1 33  ? 0.127   -1.402  5.575   1.000 5.346  ? 33  VAL A O   1 ? 
ATOM   290 C  CB  . VAL A 1 33  ? 2.765   0.670   5.047   1.000 5.067  ? 33  VAL A CB  1 ? 
ATOM   291 C  CG1 . VAL A 1 33  ? 3.514   1.834   5.733   1.000 5.249  ? 33  VAL A CG1 1 ? 
ATOM   292 C  CG2 . VAL A 1 33  ? 3.482   -0.650  5.395   1.000 5.650  ? 33  VAL A CG2 1 ? 
ATOM   293 N  N   . ILE A 1 34  ? 0.378   -0.487  3.516   1.000 4.972  ? 34  ILE A N   1 ? 
ATOM   294 C  CA  . ILE A 1 34  ? -0.142  -1.682  2.815   1.000 4.854  ? 34  ILE A CA  1 ? 
ATOM   295 C  C   . ILE A 1 34  ? 0.845   -2.086  1.741   1.000 4.515  ? 34  ILE A C   1 ? 
ATOM   296 O  O   . ILE A 1 34  ? 1.232   -1.238  0.909   1.000 4.429  ? 34  ILE A O   1 ? 
ATOM   297 C  CB  . ILE A 1 34  ? -1.515  -1.411  2.219   1.000 5.244  ? 34  ILE A CB  1 ? 
ATOM   298 C  CG1 . ILE A 1 34  ? -2.541  -0.912  3.241   1.000 5.737  ? 34  ILE A CG1 1 ? 
ATOM   299 C  CG2 . ILE A 1 34  ? -1.951  -2.642  1.479   1.000 5.194  ? 34  ILE A CG2 1 ? 
ATOM   300 C  CD1 . ILE A 1 34  ? -3.849  -0.599  2.619   1.000 6.041  ? 34  ILE A CD1 1 ? 
ATOM   301 N  N   . PRO A 1 35  ? 1.282   -3.356  1.695   1.000 4.928  ? 35  PRO A N   1 ? 
ATOM   302 C  CA  . PRO A 1 35  ? 2.188   -3.777  0.627   1.000 5.024  ? 35  PRO A CA  1 ? 
ATOM   303 C  C   . PRO A 1 35  ? 1.539   -3.786  -0.767  1.000 5.032  ? 35  PRO A C   1 ? 
ATOM   304 O  O   . PRO A 1 35  ? 0.341   -3.946  -0.876  1.000 5.329  ? 35  PRO A O   1 ? 
ATOM   305 C  CB  . PRO A 1 35  ? 2.577   -5.205  1.044   1.000 5.943  ? 35  PRO A CB  1 ? 
ATOM   306 C  CG  . PRO A 1 35  ? 2.142   -5.365  2.469   1.000 6.646  ? 35  PRO A CG  1 ? 
ATOM   307 C  CD  . PRO A 1 35  ? 0.968   -4.442  2.628   1.000 5.617  ? 35  PRO A CD  1 ? 
ATOM   308 N  N   . LEU A 1 36  ? 2.376   -3.599  -1.758  1.000 5.197  ? 36  LEU A N   1 ? 
ATOM   309 C  CA  . LEU A 1 36  ? 1.946   -3.741  -3.166  1.000 5.387  ? 36  LEU A CA  1 ? 
ATOM   310 C  C   . LEU A 1 36  ? 2.618   -4.977  -3.757  1.000 5.847  ? 36  LEU A C   1 ? 
ATOM   311 O  O   . LEU A 1 36  ? 3.829   -5.120  -3.637  1.000 6.443  ? 36  LEU A O   1 ? 
ATOM   312 C  CB  . LEU A 1 36  ? 2.310   -2.520  -4.002  1.000 6.015  ? 36  LEU A CB  1 ? 
ATOM   313 C  CG  . LEU A 1 36  ? 1.889   -1.164  -3.457  1.000 6.586  ? 36  LEU A CG  1 ? 
ATOM   314 C  CD1 . LEU A 1 36  ? 2.305   -0.050  -4.410  1.000 7.272  ? 36  LEU A CD1 1 ? 
ATOM   315 C  CD2 . LEU A 1 36  ? 0.398   -1.117  -3.177  1.000 7.706  ? 36  LEU A CD2 1 ? 
ATOM   316 N  N   . ALA A 1 37  ? 1.857   -5.777  -4.474  1.000 5.779  ? 37  ALA A N   1 ? 
ATOM   317 C  CA  . ALA A 1 37  ? 2.325   -7.023  -5.104  1.000 6.402  ? 37  ALA A CA  1 ? 
ATOM   318 C  C   . ALA A 1 37  ? 2.288   -6.824  -6.604  1.000 6.056  ? 37  ALA A C   1 ? 
ATOM   319 O  O   . ALA A 1 37  ? 1.361   -6.208  -7.140  1.000 6.328  ? 37  ALA A O   1 ? 
ATOM   320 C  CB  . ALA A 1 37  ? 1.400   -8.119  -4.707  1.000 6.343  ? 37  ALA A CB  1 ? 
ATOM   321 N  N   . SER A 1 38  ? 3.258   -7.353  -7.314  1.000 6.678  ? 38  SER A N   1 ? 
ATOM   322 C  CA  . SER A 1 38  ? 3.217   -7.346  -8.795  1.000 7.976  ? 38  SER A CA  1 ? 
ATOM   323 C  C   . SER A 1 38  ? 1.960   -8.082  -9.272  1.000 8.578  ? 38  SER A C   1 ? 
ATOM   324 O  O   . SER A 1 38  ? 1.650   -9.168  -8.797  1.000 9.213  ? 38  SER A O   1 ? 
ATOM   325 C  CB  . SER A 1 38  ? 4.486   -7.967  -9.378  1.000 8.399  ? 38  SER A CB  1 ? 
ATOM   326 O  OG  . SER A 1 38  ? 4.258   -8.189  -10.767 1.000 10.489 ? 38  SER A OG  1 ? 
ATOM   327 N  N   . ALA A 1 39  ? 1.173   -7.485  -10.145 1.000 9.774  ? 39  ALA A N   1 ? 
ATOM   328 C  CA  . ALA A 1 39  ? -0.121  -8.086  -10.561 1.000 13.207 ? 39  ALA A CA  1 ? 
ATOM   329 C  C   . ALA A 1 39  ? 0.117   -9.296  -11.474 1.000 17.511 ? 39  ALA A C   1 ? 
ATOM   330 O  O   . ALA A 1 39  ? -0.820  -10.120 -11.499 1.000 23.054 ? 39  ALA A O   1 ? 
ATOM   331 C  CB  . ALA A 1 39  ? -1.047  -7.072  -11.213 1.000 12.753 ? 39  ALA A CB  1 ? 
ATOM   332 N  N   . ARG A 1 40  ? 1.313   -9.428  -12.063 1.000 20.858 ? 40  ARG A N   1 ? 
ATOM   333 C  CA  . ARG A 1 40  ? 1.663   -10.285 -13.235 1.000 27.225 ? 40  ARG A CA  1 ? 
ATOM   334 C  C   . ARG A 1 40  ? 1.340   -11.745 -12.946 1.000 27.194 ? 40  ARG A C   1 ? 
ATOM   335 O  O   . ARG A 1 40  ? 0.782   -12.396 -13.835 1.000 36.212 ? 40  ARG A O   1 ? 
ATOM   336 N  N   . LEU A 1 41  ? 1.699   -12.261 -11.772 1.000 29.301 ? 41  LEU A N   1 ? 
ATOM   337 C  CA  . LEU A 1 41  ? 1.521   -13.708 -11.487 1.000 29.573 ? 41  LEU A CA  1 ? 
ATOM   338 C  C   . LEU A 1 41  ? 0.383   -13.918 -10.481 1.000 31.606 ? 41  LEU A C   1 ? 
ATOM   339 O  O   . LEU A 1 41  ? 0.329   -15.043 -9.945  1.000 33.899 ? 41  LEU A O   1 ? 
ATOM   340 C  CB  . LEU A 1 41  ? 2.833   -14.303 -10.969 1.000 30.198 ? 41  LEU A CB  1 ? 
ATOM   341 N  N   . LEU A 1 42  ? -0.514  -12.934 -10.272 1.000 29.385 ? 42  LEU A N   1 ? 
ATOM   342 C  CA  . LEU A 1 42  ? -1.661  -13.064 -9.316  1.000 29.398 ? 42  LEU A CA  1 ? 
ATOM   343 C  C   . LEU A 1 42  ? -2.920  -13.541 -10.043 1.000 29.543 ? 42  LEU A C   1 ? 
ATOM   344 O  O   . LEU A 1 42  ? -3.041  -13.309 -11.259 1.000 32.429 ? 42  LEU A O   1 ? 
ATOM   345 C  CB  . LEU A 1 42  ? -1.945  -11.725 -8.619  1.000 28.021 ? 42  LEU A CB  1 ? 
ATOM   346 C  CG  . LEU A 1 42  ? -0.773  -11.096 -7.878  1.000 28.232 ? 42  LEU A CG  1 ? 
ATOM   347 C  CD1 . LEU A 1 42  ? -1.216  -9.813  -7.182  1.000 27.412 ? 42  LEU A CD1 1 ? 
ATOM   348 C  CD2 . LEU A 1 42  ? -0.166  -12.061 -6.875  1.000 29.202 ? 42  LEU A CD2 1 ? 
ATOM   349 N  N   . SER A 1 43  ? -3.844  -14.147 -9.293  1.000 31.057 ? 43  SER A N   1 ? 
ATOM   350 C  CA  . SER A 1 43  ? -5.151  -14.646 -9.794  1.000 32.756 ? 43  SER A CA  1 ? 
ATOM   351 C  C   . SER A 1 43  ? -5.909  -13.484 -10.430 1.000 33.047 ? 43  SER A C   1 ? 
ATOM   352 O  O   . SER A 1 43  ? -5.862  -12.365 -9.871  1.000 30.759 ? 43  SER A O   1 ? 
ATOM   353 N  N   . ASP A 1 44  ? -6.563  -13.731 -11.565 1.000 34.367 ? 44  ASP A N   1 ? 
ATOM   354 C  CA  . ASP A 1 44  ? -7.382  -12.722 -12.287 1.000 35.245 ? 44  ASP A CA  1 ? 
ATOM   355 C  C   . ASP A 1 44  ? -8.725  -12.540 -11.570 1.000 33.437 ? 44  ASP A C   1 ? 
ATOM   356 O  O   . ASP A 1 44  ? -9.456  -11.621 -11.961 1.000 38.949 ? 44  ASP A O   1 ? 
ATOM   357 N  N   . LYS A 1 45  ? -9.020  -13.369 -10.556 1.000 33.719 ? 45  LYS A N   1 ? 
ATOM   358 C  CA  . LYS A 1 45  ? -10.301 -13.369 -9.801  1.000 31.416 ? 45  LYS A CA  1 ? 
ATOM   359 C  C   . LYS A 1 45  ? -10.176 -12.526 -8.521  1.000 27.743 ? 45  LYS A C   1 ? 
ATOM   360 O  O   . LYS A 1 45  ? -11.207 -12.320 -7.835  1.000 28.440 ? 45  LYS A O   1 ? 
ATOM   361 N  N   . LEU A 1 46  ? -8.969  -12.079 -8.181  1.000 24.471 ? 46  LEU A N   1 ? 
ATOM   362 C  CA  . LEU A 1 46  ? -8.747  -11.222 -6.988  1.000 20.194 ? 46  LEU A CA  1 ? 
ATOM   363 C  C   . LEU A 1 46  ? -9.633  -9.965  -7.091  1.000 15.717 ? 46  LEU A C   1 ? 
ATOM   364 O  O   . LEU A 1 46  ? -9.593  -9.267  -8.118  1.000 14.032 ? 46  LEU A O   1 ? 
ATOM   365 C  CB  . LEU A 1 46  ? -7.251  -10.904 -6.929  1.000 20.775 ? 46  LEU A CB  1 ? 
ATOM   366 C  CG  . LEU A 1 46  ? -6.731  -10.446 -5.568  1.000 20.278 ? 46  LEU A CG  1 ? 
ATOM   367 C  CD1 . LEU A 1 46  ? -6.981  -11.501 -4.489  1.000 22.248 ? 46  LEU A CD1 1 ? 
ATOM   368 C  CD2 . LEU A 1 46  ? -5.250  -10.107 -5.644  1.000 22.461 ? 46  LEU A CD2 1 ? 
ATOM   369 N  N   . SER A 1 47  ? -10.499 -9.720  -6.104  1.000 14.985 ? 47  SER A N   1 ? 
ATOM   370 C  CA  . SER A 1 47  ? -11.455 -8.585  -6.113  1.000 14.076 ? 47  SER A CA  1 ? 
ATOM   371 C  C   . SER A 1 47  ? -10.711 -7.273  -6.386  1.000 11.880 ? 47  SER A C   1 ? 
ATOM   372 O  O   . SER A 1 47  ? -9.761  -6.962  -5.627  1.000 10.966 ? 47  SER A O   1 ? 
ATOM   373 C  CB  . SER A 1 47  ? -12.152 -8.492  -4.798  1.000 15.266 ? 47  SER A CB  1 ? 
ATOM   374 O  OG  . SER A 1 47  ? -12.846 -7.276  -4.638  1.000 15.446 ? 47  SER A OG  1 ? 
ATOM   375 N  N   . ARG A 1 48  ? -11.155 -6.475  -7.352  1.000 11.306 ? 48  ARG A N   1 ? 
ATOM   376 C  CA  . ARG A 1 48  ? -10.550 -5.151  -7.634  1.000 13.074 ? 48  ARG A CA  1 ? 
ATOM   377 C  C   . ARG A 1 48  ? -11.042 -4.190  -6.558  1.000 12.498 ? 48  ARG A C   1 ? 
ATOM   378 O  O   . ARG A 1 48  ? -10.354 -3.212  -6.306  1.000 12.108 ? 48  ARG A O   1 ? 
ATOM   379 C  CB  . ARG A 1 48  ? -10.781 -4.722  -9.088  1.000 16.081 ? 48  ARG A CB  1 ? 
ATOM   380 C  CG  . ARG A 1 48  ? -9.919  -5.537  -10.050 1.000 19.671 ? 48  ARG A CG  1 ? 
ATOM   381 C  CD  . ARG A 1 48  ? -10.373 -5.488  -11.504 1.000 23.999 ? 48  ARG A CD  1 ? 
ATOM   382 N  NE  . ARG A 1 48  ? -9.932  -6.672  -12.255 1.000 26.980 ? 48  ARG A NE  1 ? 
ATOM   383 C  CZ  . ARG A 1 48  ? -8.801  -6.751  -12.954 1.000 29.708 ? 48  ARG A CZ  1 ? 
ATOM   384 N  N   . GLU A 1 49  ? -12.183 -4.430  -5.961  1.000 10.346 ? 49  GLU A N   1 ? 
ATOM   385 C  CA  . GLU A 1 49  ? -12.725 -3.518  -4.940  1.000 10.722 ? 49  GLU A CA  1 ? 
ATOM   386 C  C   . GLU A 1 49  ? -11.874 -3.634  -3.676  1.000 10.077 ? 49  GLU A C   1 ? 
ATOM   387 O  O   . GLU A 1 49  ? -11.540 -2.579  -3.084  1.000 10.315 ? 49  GLU A O   1 ? 
ATOM   388 C  CB  . GLU A 1 49  ? -14.168 -3.882  -4.603  1.000 13.902 ? 49  GLU A CB  1 ? 
ATOM   389 C  CG  . GLU A 1 49  ? -15.152 -3.369  -5.619  1.000 17.823 ? 49  GLU A CG  1 ? 
ATOM   390 C  CD  . GLU A 1 49  ? -15.165 -1.846  -5.707  1.000 20.745 ? 49  GLU A CD  1 ? 
ATOM   391 O  OE1 . GLU A 1 49  ? -14.928 -1.364  -6.787  1.000 26.011 ? 49  GLU A OE1 1 ? 
ATOM   392 O  OE2 . GLU A 1 49  ? -15.371 -1.172  -4.676  1.000 27.031 ? 49  GLU A OE2 1 ? 
ATOM   393 N  N   . LEU A 1 50  ? -11.541 -4.843  -3.243  1.000 8.808  ? 50  LEU A N   1 ? 
ATOM   394 C  CA  . LEU A 1 50  ? -10.748 -5.050  -2.011  1.000 7.574  ? 50  LEU A CA  1 ? 
ATOM   395 C  C   . LEU A 1 50  ? -9.248  -4.891  -2.310  1.000 6.477  ? 50  LEU A C   1 ? 
ATOM   396 O  O   . LEU A 1 50  ? -8.507  -4.528  -1.392  1.000 6.689  ? 50  LEU A O   1 ? 
ATOM   397 C  CB  . LEU A 1 50  ? -11.107 -6.423  -1.444  1.000 7.639  ? 50  LEU A CB  1 ? 
ATOM   398 C  CG  . LEU A 1 50  ? -10.442 -6.778  -0.120  1.000 8.203  ? 50  LEU A CG  1 ? 
ATOM   399 C  CD1 . LEU A 1 50  ? -10.738 -5.729  0.951   1.000 8.916  ? 50  LEU A CD1 1 ? 
ATOM   400 C  CD2 . LEU A 1 50  ? -10.914 -8.161  0.326   1.000 9.484  ? 50  LEU A CD2 1 ? 
ATOM   401 N  N   . TYR A 1 51  ? -8.791  -5.227  -3.508  1.000 6.242  ? 51  TYR A N   1 ? 
ATOM   402 C  CA  . TYR A 1 51  ? -7.356  -5.235  -3.867  1.000 6.209  ? 51  TYR A CA  1 ? 
ATOM   403 C  C   . TYR A 1 51  ? -7.171  -4.388  -5.116  1.000 6.805  ? 51  TYR A C   1 ? 
ATOM   404 O  O   . TYR A 1 51  ? -7.074  -4.875  -6.244  1.000 7.153  ? 51  TYR A O   1 ? 
ATOM   405 C  CB  . TYR A 1 51  ? -6.888  -6.668  -4.140  1.000 6.625  ? 51  TYR A CB  1 ? 
ATOM   406 C  CG  . TYR A 1 51  ? -7.069  -7.597  -2.967  1.000 7.303  ? 51  TYR A CG  1 ? 
ATOM   407 C  CD1 . TYR A 1 51  ? -6.160  -7.583  -1.929  1.000 7.838  ? 51  TYR A CD1 1 ? 
ATOM   408 C  CD2 . TYR A 1 51  ? -8.134  -8.480  -2.884  1.000 7.690  ? 51  TYR A CD2 1 ? 
ATOM   409 C  CE1 . TYR A 1 51  ? -6.304  -8.391  -0.825  1.000 8.956  ? 51  TYR A CE1 1 ? 
ATOM   410 C  CE2 . TYR A 1 51  ? -8.316  -9.277  -1.766  1.000 7.980  ? 51  TYR A CE2 1 ? 
ATOM   411 C  CZ  . TYR A 1 51  ? -7.380  -9.251  -0.752  1.000 9.487  ? 51  TYR A CZ  1 ? 
ATOM   412 O  OH  . TYR A 1 51  ? -7.580  -10.088 0.292   1.000 10.485 ? 51  TYR A OH  1 ? 
ATOM   413 N  N   . PRO A 1 52  ? -7.200  -3.049  -4.976  1.000 6.477  ? 52  PRO A N   1 ? 
ATOM   414 C  CA  . PRO A 1 52  ? -7.102  -2.168  -6.152  1.000 6.746  ? 52  PRO A CA  1 ? 
ATOM   415 C  C   . PRO A 1 52  ? -5.850  -2.405  -7.004  1.000 6.775  ? 52  PRO A C   1 ? 
ATOM   416 O  O   . PRO A 1 52  ? -4.827  -2.820  -6.481  1.000 6.252  ? 52  PRO A O   1 ? 
ATOM   417 C  CB  . PRO A 1 52  ? -7.050  -0.748  -5.549  1.000 8.268  ? 52  PRO A CB  1 ? 
ATOM   418 C  CG  . PRO A 1 52  ? -7.676  -0.880  -4.218  1.000 7.966  ? 52  PRO A CG  1 ? 
ATOM   419 C  CD  . PRO A 1 52  ? -7.447  -2.304  -3.724  1.000 7.263  ? 52  PRO A CD  1 ? 
ATOM   420 N  N   . VAL A 1 53  ? -6.018  -2.146  -8.278  1.000 6.955  ? 53  VAL A N   1 ? 
ATOM   421 C  CA  . VAL A 1 53  ? -4.935  -2.181  -9.287  1.000 7.713  ? 53  VAL A CA  1 ? 
ATOM   422 C  C   . VAL A 1 53  ? -4.361  -0.782  -9.444  1.000 6.799  ? 53  VAL A C   1 ? 
ATOM   423 O  O   . VAL A 1 53  ? -5.110  0.155   -9.826  1.000 7.556  ? 53  VAL A O   1 ? 
ATOM   424 C  CB  . VAL A 1 53  ? -5.450  -2.656  -10.648 1.000 9.451  ? 53  VAL A CB  1 ? 
ATOM   425 C  CG1 . VAL A 1 53  ? -4.262  -2.765  -11.597 1.000 10.027 ? 53  VAL A CG1 1 ? 
ATOM   426 C  CG2 . VAL A 1 53  ? -6.282  -3.941  -10.585 1.000 10.571 ? 53  VAL A CG2 1 ? 
ATOM   427 N  N   . VAL A 1 54  ? -3.060  -0.646  -9.261  1.000 6.065  ? 54  VAL A N   1 ? 
ATOM   428 C  CA  . VAL A 1 54  ? -2.370  0.654   -9.449  1.000 5.721  ? 54  VAL A CA  1 ? 
ATOM   429 C  C   . VAL A 1 54  ? -1.177  0.445   -10.383 1.000 6.287  ? 54  VAL A C   1 ? 
ATOM   430 O  O   . VAL A 1 54  ? -0.737  -0.698  -10.633 1.000 6.435  ? 54  VAL A O   1 ? 
ATOM   431 C  CB  . VAL A 1 54  ? -1.954  1.242   -8.081  1.000 5.684  ? 54  VAL A CB  1 ? 
ATOM   432 C  CG1 . VAL A 1 54  ? -3.165  1.407   -7.144  1.000 5.994  ? 54  VAL A CG1 1 ? 
ATOM   433 C  CG2 . VAL A 1 54  ? -0.884  0.385   -7.440  1.000 5.771  ? 54  VAL A CG2 1 ? 
ATOM   434 N  N   . HIS A 1 55  ? -0.634  1.539   -10.874 1.000 6.319  ? 55  HIS A N   1 ? 
ATOM   435 C  CA  . HIS A 1 55  ? 0.418   1.540   -11.901 1.000 6.715  ? 55  HIS A CA  1 ? 
ATOM   436 C  C   . HIS A 1 55  ? 1.630   2.301   -11.406 1.000 6.607  ? 55  HIS A C   1 ? 
ATOM   437 O  O   . HIS A 1 55  ? 1.532   3.512   -11.094 1.000 7.167  ? 55  HIS A O   1 ? 
ATOM   438 C  CB  . HIS A 1 55  ? -0.185  2.128   -13.159 1.000 6.918  ? 55  HIS A CB  1 ? 
ATOM   439 C  CG  . HIS A 1 55  ? -1.356  1.341   -13.579 1.000 6.859  ? 55  HIS A CG  1 ? 
ATOM   440 N  ND1 . HIS A 1 55  ? -2.630  1.651   -13.305 1.000 8.073  ? 55  HIS A ND1 1 ? 
ATOM   441 C  CD2 . HIS A 1 55  ? -1.382  0.179   -14.239 1.000 5.918  ? 55  HIS A CD2 1 ? 
ATOM   442 C  CE1 . HIS A 1 55  ? -3.399  0.669   -13.748 1.000 6.036  ? 55  HIS A CE1 1 ? 
ATOM   443 N  NE2 . HIS A 1 55  ? -2.673  -0.230  -14.330 1.000 8.108  ? 55  HIS A NE2 1 ? 
ATOM   444 N  N   . ILE A 1 56  ? 2.744   1.612   -11.361 1.000 7.315  ? 56  ILE A N   1 ? 
ATOM   445 C  CA  . ILE A 1 56  ? 4.065   2.141   -10.903 1.000 7.750  ? 56  ILE A CA  1 ? 
ATOM   446 C  C   . ILE A 1 56  ? 5.128   1.493   -11.771 1.000 7.634  ? 56  ILE A C   1 ? 
ATOM   447 O  O   . ILE A 1 56  ? 5.083   0.294   -11.988 1.000 7.830  ? 56  ILE A O   1 ? 
ATOM   448 C  CB  . ILE A 1 56  ? 4.292   1.808   -9.410  1.000 8.095  ? 56  ILE A CB  1 ? 
ATOM   449 C  CG1 . ILE A 1 56  ? 3.227   2.480   -8.550  1.000 9.112  ? 56  ILE A CG1 1 ? 
ATOM   450 C  CG2 . ILE A 1 56  ? 5.698   2.142   -8.923  1.000 8.637  ? 56  ILE A CG2 1 ? 
ATOM   451 C  CD1 . ILE A 1 56  ? 3.228   2.102   -7.085  1.000 10.186 ? 56  ILE A CD1 1 ? 
ATOM   452 N  N   . GLY A 1 57  ? 6.102   2.284   -12.181 1.000 7.606  ? 57  GLY A N   1 ? 
ATOM   453 C  CA  . GLY A 1 57  ? 7.260   1.711   -12.888 1.000 8.148  ? 57  GLY A CA  1 ? 
ATOM   454 C  C   . GLY A 1 57  ? 6.859   1.010   -14.153 1.000 8.091  ? 57  GLY A C   1 ? 
ATOM   455 O  O   . GLY A 1 57  ? 7.447   -0.005  -14.499 1.000 8.568  ? 57  GLY A O   1 ? 
ATOM   456 N  N   . ASP A 1 58  ? 5.842   1.518   -14.828 1.000 7.945  ? 58  ASP A N   1 ? 
ATOM   457 C  CA  . ASP A 1 58  ? 5.389   0.974   -16.119 1.000 8.555  ? 58  ASP A CA  1 ? 
ATOM   458 C  C   . ASP A 1 58  ? 4.820   -0.445  -15.952 1.000 8.748  ? 58  ASP A C   1 ? 
ATOM   459 O  O   . ASP A 1 58  ? 4.742   -1.159  -16.970 1.000 10.713 ? 58  ASP A O   1 ? 
ATOM   460 C  CB  . ASP A 1 58  ? 6.499   1.085   -17.171 1.000 9.120  ? 58  ASP A CB  1 ? 
ATOM   461 C  CG  . ASP A 1 58  ? 6.883   2.520   -17.512 1.000 9.744  ? 58  ASP A CG  1 ? 
ATOM   462 O  OD1 . ASP A 1 58  ? 6.040   3.394   -17.449 1.000 9.235  ? 58  ASP A OD1 1 ? 
ATOM   463 O  OD2 . ASP A 1 58  ? 8.077   2.789   -17.724 1.000 11.368 ? 58  ASP A OD2 1 ? 
ATOM   464 N  N   . GLU A 1 59  ? 4.361   -0.859  -14.767 1.000 8.628  ? 59  GLU A N   1 ? 
ATOM   465 C  CA  . GLU A 1 59  ? 3.663   -2.143  -14.588 1.000 9.899  ? 59  GLU A CA  1 ? 
ATOM   466 C  C   . GLU A 1 59  ? 2.530   -1.980  -13.583 1.000 8.459  ? 59  GLU A C   1 ? 
ATOM   467 O  O   . GLU A 1 59  ? 2.433   -0.963  -12.896 1.000 7.336  ? 59  GLU A O   1 ? 
ATOM   468 C  CB  . GLU A 1 59  ? 4.654   -3.213  -14.112 1.000 13.199 ? 59  GLU A CB  1 ? 
ATOM   469 C  CG  . GLU A 1 59  ? 5.712   -3.649  -15.135 1.000 16.306 ? 59  GLU A CG  1 ? 
ATOM   470 C  CD  . GLU A 1 59  ? 5.226   -4.276  -16.421 1.000 21.564 ? 59  GLU A CD  1 ? 
ATOM   471 O  OE1 . GLU A 1 59  ? 4.026   -4.685  -16.463 1.000 27.055 ? 59  GLU A OE1 1 ? 
ATOM   472 O  OE2 . GLU A 1 59  ? 6.054   -4.363  -17.394 1.000 24.622 ? 59  GLU A OE2 1 ? 
ATOM   473 N  N   . SER A 1 60  ? 1.700   -3.006  -13.503 1.000 7.889  ? 60  SER A N   1 ? 
ATOM   474 C  CA  . SER A 1 60  ? 0.507   -3.056  -12.654 1.000 7.904  ? 60  SER A CA  1 ? 
ATOM   475 C  C   . SER A 1 60  ? 0.850   -3.764  -11.349 1.000 7.231  ? 60  SER A C   1 ? 
ATOM   476 O  O   . SER A 1 60  ? 1.612   -4.770  -11.326 1.000 7.103  ? 60  SER A O   1 ? 
ATOM   477 C  CB  . SER A 1 60  ? -0.632  -3.694  -13.381 1.000 8.802  ? 60  SER A CB  1 ? 
ATOM   478 O  OG  . SER A 1 60  ? -0.933  -2.995  -14.586 1.000 13.860 ? 60  SER A OG  1 ? 
ATOM   479 N  N   . TRP A 1 61  ? 0.236   -3.278  -10.283 1.000 6.476  ? 61  TRP A N   1 ? 
ATOM   480 C  CA  . TRP A 1 61  ? 0.438   -3.790  -8.919  1.000 6.190  ? 61  TRP A CA  1 ? 
ATOM   481 C  C   . TRP A 1 61  ? -0.919  -3.934  -8.250  1.000 6.550  ? 61  TRP A C   1 ? 
ATOM   482 O  O   . TRP A 1 61  ? -1.833  -3.170  -8.603  1.000 7.297  ? 61  TRP A O   1 ? 
ATOM   483 C  CB  . TRP A 1 61  ? 1.338   -2.869  -8.078  1.000 5.991  ? 61  TRP A CB  1 ? 
ATOM   484 C  CG  . TRP A 1 61  ? 2.647   -2.571  -8.732  1.000 5.846  ? 61  TRP A CG  1 ? 
ATOM   485 C  CD1 . TRP A 1 61  ? 2.859   -1.673  -9.738  1.000 6.443  ? 61  TRP A CD1 1 ? 
ATOM   486 C  CD2 . TRP A 1 61  ? 3.927   -3.188  -8.476  1.000 6.208  ? 61  TRP A CD2 1 ? 
ATOM   487 N  NE1 . TRP A 1 61  ? 4.154   -1.737  -10.149 1.000 7.203  ? 61  TRP A NE1 1 ? 
ATOM   488 C  CE2 . TRP A 1 61  ? 4.845   -2.628  -9.382  1.000 6.347  ? 61  TRP A CE2 1 ? 
ATOM   489 C  CE3 . TRP A 1 61  ? 4.381   -4.146  -7.577  1.000 6.304  ? 61  TRP A CE3 1 ? 
ATOM   490 C  CZ2 . TRP A 1 61  ? 6.172   -3.039  -9.448  1.000 6.569  ? 61  TRP A CZ2 1 ? 
ATOM   491 C  CZ3 . TRP A 1 61  ? 5.705   -4.547  -7.653  1.000 6.646  ? 61  TRP A CZ3 1 ? 
ATOM   492 C  CH2 . TRP A 1 61  ? 6.588   -3.967  -8.546  1.000 6.745  ? 61  TRP A CH2 1 ? 
ATOM   493 N  N   . ARG A 1 62  ? -1.047  -4.861  -7.325  1.000 5.885  ? 62  ARG A N   1 ? 
ATOM   494 C  CA  . ARG A 1 62  ? -2.269  -4.960  -6.502  1.000 6.521  ? 62  ARG A CA  1 ? 
ATOM   495 C  C   . ARG A 1 62  ? -1.947  -4.469  -5.106  1.000 6.014  ? 62  ARG A C   1 ? 
ATOM   496 O  O   . ARG A 1 62  ? -0.906  -4.853  -4.553  1.000 6.288  ? 62  ARG A O   1 ? 
ATOM   497 C  CB  . ARG A 1 62  ? -2.760  -6.395  -6.448  1.000 8.263  ? 62  ARG A CB  1 ? 
ATOM   498 C  CG  . ARG A 1 62  ? -3.323  -6.943  -7.743  1.000 11.308 ? 62  ARG A CG  1 ? 
ATOM   499 C  CD  . ARG A 1 62  ? -4.728  -6.374  -8.008  1.000 15.574 ? 62  ARG A CD  1 ? 
ATOM   500 N  NE  . ARG A 1 62  ? -5.399  -7.291  -8.888  1.000 18.036 ? 62  ARG A NE  1 ? 
ATOM   501 C  CZ  . ARG A 1 62  ? -6.632  -7.694  -8.801  1.000 16.677 ? 62  ARG A CZ  1 ? 
ATOM   502 N  NH1 . ARG A 1 62  ? -7.444  -7.257  -7.859  1.000 12.621 ? 62  ARG A NH1 1 ? 
ATOM   503 N  NH2 . ARG A 1 62  ? -7.065  -8.544  -9.707  1.000 17.708 ? 62  ARG A NH2 1 ? 
ATOM   504 N  N   . MET A 1 63  ? -2.834  -3.631  -4.570  1.000 5.659  ? 63  MET A N   1 ? 
ATOM   505 C  CA  . MET A 1 63  ? -2.687  -3.176  -3.194  1.000 5.892  ? 63  MET A CA  1 ? 
ATOM   506 C  C   . MET A 1 63  ? -3.169  -4.328  -2.307  1.000 5.888  ? 63  MET A C   1 ? 
ATOM   507 O  O   . MET A 1 63  ? -4.361  -4.678  -2.367  1.000 6.742  ? 63  MET A O   1 ? 
ATOM   508 C  CB  . MET A 1 63  ? -3.501  -1.915  -2.915  1.000 6.533  ? 63  MET A CB  1 ? 
ATOM   509 C  CG  . MET A 1 63  ? -3.213  -1.364  -1.535  1.000 7.302  ? 63  MET A CG  1 ? 
ATOM   510 S  SD  . MET A 1 63  ? -4.008  0.207   -1.140  1.000 8.423  ? 63  MET A SD  1 ? 
ATOM   511 C  CE  . MET A 1 63  ? -5.648  -0.402  -0.785  1.000 7.577  ? 63  MET A CE  1 ? 
ATOM   512 N  N   . MET A 1 64  ? -2.303  -4.868  -1.463  1.000 5.218  ? 64  MET A N   1 ? 
ATOM   513 C  CA  . MET A 1 64  ? -2.591  -6.101  -0.703  1.000 5.832  ? 64  MET A CA  1 ? 
ATOM   514 C  C   . MET A 1 64  ? -3.218  -5.696  0.643   1.000 5.410  ? 64  MET A C   1 ? 
ATOM   515 O  O   . MET A 1 64  ? -2.601  -5.842  1.705   1.000 5.266  ? 64  MET A O   1 ? 
ATOM   516 C  CB  . MET A 1 64  ? -1.333  -6.933  -0.506  1.000 6.873  ? 64  MET A CB  1 ? 
ATOM   517 C  CG  . MET A 1 64  ? -0.811  -7.425  -1.832  1.000 7.946  ? 64  MET A CG  1 ? 
ATOM   518 S  SD  . MET A 1 64  ? -2.010  -8.281  -2.930  1.000 10.741 ? 64  MET A SD  1 ? 
ATOM   519 C  CE  . MET A 1 64  ? -2.410  -9.673  -1.872  1.000 12.066 ? 64  MET A CE  1 ? 
ATOM   520 N  N   . THR A 1 65  ? -4.454  -5.207  0.570   1.000 5.838  ? 65  THR A N   1 ? 
ATOM   521 C  CA  . THR A 1 65  ? -5.151  -4.489  1.648   1.000 6.184  ? 65  THR A CA  1 ? 
ATOM   522 C  C   . THR A 1 65  ? -5.136  -5.340  2.919   1.000 6.378  ? 65  THR A C   1 ? 
ATOM   523 O  O   . THR A 1 65  ? -4.911  -4.849  4.054   1.000 6.341  ? 65  THR A O   1 ? 
ATOM   524 C  CB  . THR A 1 65  ? -6.583  -4.187  1.221   1.000 6.759  ? 65  THR A CB  1 ? 
ATOM   525 O  OG1 . THR A 1 65  ? -6.474  -3.487  -0.004  1.000 6.668  ? 65  THR A OG1 1 ? 
ATOM   526 C  CG2 . THR A 1 65  ? -7.338  -3.362  2.224   1.000 7.089  ? 65  THR A CG2 1 ? 
ATOM   527 N  N   . THR A 1 66  ? -5.371  -6.638  2.775   1.000 6.763  ? 66  THR A N   1 ? 
ATOM   528 C  CA  . THR A 1 66  ? -5.463  -7.580  3.922   1.000 7.425  ? 66  THR A CA  1 ? 
ATOM   529 C  C   . THR A 1 66  ? -4.087  -7.979  4.474   1.000 7.438  ? 66  THR A C   1 ? 
ATOM   530 O  O   . THR A 1 66  ? -4.012  -8.732  5.476   1.000 8.130  ? 66  THR A O   1 ? 
ATOM   531 C  CB  . THR A 1 66  ? -6.338  -8.759  3.507   1.000 7.856  ? 66  THR A CB  1 ? 
ATOM   532 O  OG1 . THR A 1 66  ? -5.819  -9.320  2.292   1.000 8.035  ? 66  THR A OG1 1 ? 
ATOM   533 C  CG2 . THR A 1 66  ? -7.781  -8.307  3.301   1.000 8.598  ? 66  THR A CG2 1 ? 
ATOM   534 N  N   . ASP A 1 67  ? -2.996  -7.435  3.896   1.000 7.403  ? 67  ASP A N   1 ? 
ATOM   535 C  CA  . ASP A 1 67  ? -1.620  -7.590  4.457   1.000 7.470  ? 67  ASP A CA  1 ? 
ATOM   536 C  C   . ASP A 1 67  ? -1.121  -6.246  5.047   1.000 6.737  ? 67  ASP A C   1 ? 
ATOM   537 O  O   . ASP A 1 67  ? 0.073   -6.099  5.312   1.000 6.447  ? 67  ASP A O   1 ? 
ATOM   538 C  CB  . ASP A 1 67  ? -0.644  -8.137  3.407   1.000 8.540  ? 67  ASP A CB  1 ? 
ATOM   539 C  CG  . ASP A 1 67  ? -1.103  -9.509  2.938   1.000 10.079 ? 67  ASP A CG  1 ? 
ATOM   540 O  OD1 . ASP A 1 67  ? -1.420  -10.360 3.804   1.000 10.644 ? 67  ASP A OD1 1 ? 
ATOM   541 O  OD2 . ASP A 1 67  ? -1.240  -9.688  1.730   1.000 12.795 ? 67  ASP A OD2 1 ? 
ATOM   542 N  N   . MET A 1 68  ? -2.070  -5.351  5.340   1.000 5.989  ? 68  MET A N   1 ? 
ATOM   543 C  CA  A MET A 1 68  ? -1.780  -4.109  6.089   0.700 5.779  ? 68  MET A CA  1 ? 
ATOM   544 C  CA  B MET A 1 68  ? -1.905  -4.120  6.167   0.300 6.512  ? 68  MET A CA  1 ? 
ATOM   545 C  C   . MET A 1 68  ? -1.025  -4.430  7.375   1.000 5.691  ? 68  MET A C   1 ? 
ATOM   546 O  O   . MET A 1 68  ? -1.319  -5.389  8.078   1.000 5.310  ? 68  MET A O   1 ? 
ATOM   547 C  CB  A MET A 1 68  ? -3.088  -3.386  6.378   0.700 5.775  ? 68  MET A CB  1 ? 
ATOM   548 C  CB  B MET A 1 68  ? -3.272  -3.644  6.679   0.300 7.538  ? 68  MET A CB  1 ? 
ATOM   549 C  CG  A MET A 1 68  ? -2.928  -2.067  7.097   0.700 5.403  ? 68  MET A CG  1 ? 
ATOM   550 C  CG  B MET A 1 68  ? -3.209  -2.495  7.679   0.300 8.473  ? 68  MET A CG  1 ? 
ATOM   551 S  SD  A MET A 1 68  ? -4.539  -1.393  7.578   0.700 6.131  ? 68  MET A SD  1 ? 
ATOM   552 S  SD  B MET A 1 68  ? -3.574  -0.893  6.956   0.300 11.024 ? 68  MET A SD  1 ? 
ATOM   553 C  CE  A MET A 1 68  ? -5.212  -0.979  5.976   0.700 6.348  ? 68  MET A CE  1 ? 
ATOM   554 C  CE  B MET A 1 68  ? -5.196  -1.209  6.269   0.300 10.339 ? 68  MET A CE  1 ? 
ATOM   555 N  N   . ALA A 1 69  ? -0.044  -3.581  7.684   1.000 5.385  ? 69  ALA A N   1 ? 
ATOM   556 C  CA  . ALA A 1 69  ? 0.752   -3.718  8.922   1.000 5.639  ? 69  ALA A CA  1 ? 
ATOM   557 C  C   . ALA A 1 69  ? 1.570   -2.456  9.093   1.000 5.760  ? 69  ALA A C   1 ? 
ATOM   558 O  O   . ALA A 1 69  ? 1.805   -1.751  8.104   1.000 5.809  ? 69  ALA A O   1 ? 
ATOM   559 C  CB  . ALA A 1 69  ? 1.700   -4.917  8.912   1.000 6.071  ? 69  ALA A CB  1 ? 
ATOM   560 N  N   . SER A 1 70  ? 2.052   -2.206  10.291  1.000 5.955  ? 70  SER A N   1 ? 
ATOM   561 C  CA  . SER A 1 70  ? 2.946   -1.063  10.542  1.000 6.526  ? 70  SER A CA  1 ? 
ATOM   562 C  C   . SER A 1 70  ? 4.386   -1.473  10.326  1.000 6.824  ? 70  SER A C   1 ? 
ATOM   563 O  O   . SER A 1 70  ? 4.718   -2.658  10.479  1.000 8.768  ? 70  SER A O   1 ? 
ATOM   564 C  CB  . SER A 1 70  ? 2.729   -0.459  11.881  1.000 6.674  ? 70  SER A CB  1 ? 
ATOM   565 O  OG  . SER A 1 70  ? 3.186   -1.295  12.937  1.000 7.905  ? 70  SER A OG  1 ? 
ATOM   566 N  N   . VAL A 1 71  ? 5.214   -0.492  9.939   1.000 6.601  ? 71  VAL A N   1 ? 
ATOM   567 C  CA  . VAL A 1 71  ? 6.677   -0.728  9.776   1.000 7.071  ? 71  VAL A CA  1 ? 
ATOM   568 C  C   . VAL A 1 71  ? 7.420   0.337   10.550  1.000 6.579  ? 71  VAL A C   1 ? 
ATOM   569 O  O   . VAL A 1 71  ? 6.917   1.435   10.774  1.000 6.451  ? 71  VAL A O   1 ? 
ATOM   570 C  CB  . VAL A 1 71  ? 7.097   -0.737  8.312   1.000 7.437  ? 71  VAL A CB  1 ? 
ATOM   571 C  CG1 . VAL A 1 71  ? 6.455   -1.901  7.576   1.000 8.066  ? 71  VAL A CG1 1 ? 
ATOM   572 C  CG2 . VAL A 1 71  ? 6.815   0.558   7.602   1.000 7.338  ? 71  VAL A CG2 1 ? 
ATOM   573 N  N   . PRO A 1 72  ? 8.647   0.030   10.996  1.000 6.423  ? 72  PRO A N   1 ? 
ATOM   574 C  CA  . PRO A 1 72  ? 9.487   1.043   11.622  1.000 6.351  ? 72  PRO A CA  1 ? 
ATOM   575 C  C   . PRO A 1 72  ? 10.066  1.971   10.548  1.000 6.583  ? 72  PRO A C   1 ? 
ATOM   576 O  O   . PRO A 1 72  ? 10.326  1.526   9.430   1.000 6.017  ? 72  PRO A O   1 ? 
ATOM   577 C  CB  . PRO A 1 72  ? 10.588  0.265   12.298  1.000 6.438  ? 72  PRO A CB  1 ? 
ATOM   578 C  CG  . PRO A 1 72  ? 10.678  -1.015  11.470  1.000 6.546  ? 72  PRO A CG  1 ? 
ATOM   579 C  CD  . PRO A 1 72  ? 9.273   -1.310  10.998  1.000 6.820  ? 72  PRO A CD  1 ? 
ATOM   580 N  N   . VAL A 1 73  ? 10.277  3.226   10.902  1.000 6.501  ? 73  VAL A N   1 ? 
ATOM   581 C  CA  . VAL A 1 73  ? 10.857  4.188   9.930   1.000 7.698  ? 73  VAL A CA  1 ? 
ATOM   582 C  C   . VAL A 1 73  ? 12.222  3.669   9.454   1.000 8.037  ? 73  VAL A C   1 ? 
ATOM   583 O  O   . VAL A 1 73  ? 12.554  3.973   8.318   1.000 7.420  ? 73  VAL A O   1 ? 
ATOM   584 C  CB  . VAL A 1 73  ? 10.902  5.617   10.493  1.000 8.931  ? 73  VAL A CB  1 ? 
ATOM   585 C  CG1 . VAL A 1 73  ? 9.496   6.146   10.768  1.000 10.119 ? 73  VAL A CG1 1 ? 
ATOM   586 C  CG2 . VAL A 1 73  ? 11.828  5.725   11.660  1.000 11.350 ? 73  VAL A CG2 1 ? 
ATOM   587 N  N   . SER A 1 74  ? 12.971  2.913   10.241  1.000 7.482  ? 74  SER A N   1 ? 
ATOM   588 C  CA  . SER A 1 74  ? 14.272  2.354   9.832   1.000 8.034  ? 74  SER A CA  1 ? 
ATOM   589 C  C   . SER A 1 74  ? 14.134  1.501   8.577   1.000 7.725  ? 74  SER A C   1 ? 
ATOM   590 O  O   . SER A 1 74  ? 15.128  1.301   7.915   1.000 8.309  ? 74  SER A O   1 ? 
ATOM   591 C  CB  . SER A 1 74  ? 14.887  1.569   10.968  1.000 8.275  ? 74  SER A CB  1 ? 
ATOM   592 O  OG  . SER A 1 74  ? 14.024  0.484   11.341  1.000 9.340  ? 74  SER A OG  1 ? 
ATOM   593 N  N   . VAL A 1 75  ? 12.961  0.954   8.244   1.000 7.167  ? 75  VAL A N   1 ? 
ATOM   594 C  CA  . VAL A 1 75  ? 12.863  0.083   7.045   1.000 7.823  ? 75  VAL A CA  1 ? 
ATOM   595 C  C   . VAL A 1 75  ? 12.393  0.904   5.843   1.000 7.059  ? 75  VAL A C   1 ? 
ATOM   596 O  O   . VAL A 1 75  ? 12.359  0.348   4.722   1.000 7.061  ? 75  VAL A O   1 ? 
ATOM   597 C  CB  . VAL A 1 75  ? 11.946  -1.133  7.263   1.000 8.493  ? 75  VAL A CB  1 ? 
ATOM   598 C  CG1 . VAL A 1 75  ? 10.501  -0.815  6.988   1.000 8.992  ? 75  VAL A CG1 1 ? 
ATOM   599 C  CG2 . VAL A 1 75  ? 12.364  -2.308  6.388   1.000 10.568 ? 75  VAL A CG2 1 ? 
ATOM   600 N  N   . ILE A 1 76  ? 11.981  2.150   6.025   1.000 7.058  ? 76  ILE A N   1 ? 
ATOM   601 C  CA  . ILE A 1 76  ? 11.398  2.999   4.958   1.000 6.869  ? 76  ILE A CA  1 ? 
ATOM   602 C  C   . ILE A 1 76  ? 12.542  3.453   4.027   1.000 7.363  ? 76  ILE A C   1 ? 
ATOM   603 O  O   . ILE A 1 76  ? 13.376  4.262   4.429   1.000 8.271  ? 76  ILE A O   1 ? 
ATOM   604 C  CB  . ILE A 1 76  ? 10.548  4.134   5.526   1.000 7.072  ? 76  ILE A CB  1 ? 
ATOM   605 C  CG1 . ILE A 1 76  ? 9.460   3.608   6.458   1.000 7.791  ? 76  ILE A CG1 1 ? 
ATOM   606 C  CG2 . ILE A 1 76  ? 9.981   4.909   4.352   1.000 6.946  ? 76  ILE A CG2 1 ? 
ATOM   607 C  CD1 . ILE A 1 76  ? 8.615   4.715   7.059   1.000 7.742  ? 76  ILE A CD1 1 ? 
ATOM   608 N  N   . GLY A 1 77  ? 12.577  2.887   2.824   1.000 6.822  ? 77  GLY A N   1 ? 
ATOM   609 C  CA  . GLY A 1 77  ? 13.575  3.238   1.814   1.000 7.398  ? 77  GLY A CA  1 ? 
ATOM   610 C  C   . GLY A 1 77  ? 13.146  4.384   0.940   1.000 7.018  ? 77  GLY A C   1 ? 
ATOM   611 O  O   . GLY A 1 77  ? 12.340  5.232   1.359   1.000 6.272  ? 77  GLY A O   1 ? 
ATOM   612 N  N   . GLU A 1 78  ? 13.666  4.455   -0.271  1.000 7.516  ? 78  GLU A N   1 ? 
ATOM   613 C  CA  . GLU A 1 78  ? 13.402  5.552   -1.243  1.000 7.412  ? 78  GLU A CA  1 ? 
ATOM   614 C  C   . GLU A 1 78  ? 11.900  5.591   -1.544  1.000 7.002  ? 78  GLU A C   1 ? 
ATOM   615 O  O   . GLU A 1 78  ? 11.193  4.532   -1.620  1.000 5.781  ? 78  GLU A O   1 ? 
ATOM   616 C  CB  . GLU A 1 78  ? 14.185  5.369   -2.556  1.000 9.211  ? 78  GLU A CB  1 ? 
ATOM   617 C  CG  . GLU A 1 78  ? 15.680  5.676   -2.423  1.000 11.238 ? 78  GLU A CG  1 ? 
ATOM   618 C  CD  . GLU A 1 78  ? 16.491  4.703   -1.581  1.000 11.744 ? 78  GLU A CD  1 ? 
ATOM   619 O  OE1 . GLU A 1 78  ? 16.056  3.544   -1.375  1.000 11.539 ? 78  GLU A OE1 1 ? 
ATOM   620 O  OE2 . GLU A 1 78  ? 17.578  5.095   -1.144  1.000 13.938 ? 78  GLU A OE2 1 ? 
ATOM   621 N  N   . GLU A 1 79  ? 11.416  6.819   -1.713  1.000 6.301  ? 79  GLU A N   1 ? 
ATOM   622 C  CA  . GLU A 1 79  ? 10.059  7.066   -2.200  1.000 6.197  ? 79  GLU A CA  1 ? 
ATOM   623 C  C   . GLU A 1 79  ? 10.049  6.881   -3.705  1.000 6.606  ? 79  GLU A C   1 ? 
ATOM   624 O  O   . GLU A 1 79  ? 10.902  7.412   -4.354  1.000 7.532  ? 79  GLU A O   1 ? 
ATOM   625 C  CB  . GLU A 1 79  ? 9.642   8.457   -1.774  1.000 7.093  ? 79  GLU A CB  1 ? 
ATOM   626 C  CG  . GLU A 1 79  ? 8.199   8.738   -2.056  1.000 7.259  ? 79  GLU A CG  1 ? 
ATOM   627 C  CD  . GLU A 1 79  ? 7.730   10.044  -1.502  1.000 7.673  ? 79  GLU A CD  1 ? 
ATOM   628 O  OE1 . GLU A 1 79  ? 7.686   10.175  -0.271  1.000 7.133  ? 79  GLU A OE1 1 ? 
ATOM   629 O  OE2 . GLU A 1 79  ? 7.400   10.888  -2.307  1.000 10.326 ? 79  GLU A OE2 1 ? 
ATOM   630 N  N   . VAL A 1 80  ? 9.157   6.051   -4.195  1.000 6.096  ? 80  VAL A N   1 ? 
ATOM   631 C  CA  A VAL A 1 80  ? 9.181   5.745   -5.647  0.500 6.262  ? 80  VAL A CA  1 ? 
ATOM   632 C  CA  B VAL A 1 80  ? 9.054   5.521   -5.582  0.500 6.234  ? 80  VAL A CA  1 ? 
ATOM   633 C  C   . VAL A 1 80  ? 7.934   6.260   -6.343  1.000 6.127  ? 80  VAL A C   1 ? 
ATOM   634 O  O   . VAL A 1 80  ? 8.002   6.416   -7.546  1.000 6.530  ? 80  VAL A O   1 ? 
ATOM   635 C  CB  A VAL A 1 80  ? 9.397   4.251   -5.926  0.500 6.455  ? 80  VAL A CB  1 ? 
ATOM   636 C  CB  B VAL A 1 80  ? 8.817   3.991   -5.483  0.500 6.393  ? 80  VAL A CB  1 ? 
ATOM   637 C  CG1 A VAL A 1 80  ? 10.705  3.760   -5.343  0.500 6.303  ? 80  VAL A CG1 1 ? 
ATOM   638 C  CG1 B VAL A 1 80  ? 8.430   3.350   -6.789  0.500 6.739  ? 80  VAL A CG1 1 ? 
ATOM   639 C  CG2 A VAL A 1 80  ? 8.258   3.429   -5.358  0.500 6.578  ? 80  VAL A CG2 1 ? 
ATOM   640 C  CG2 B VAL A 1 80  ? 10.026  3.284   -4.920  0.500 6.305  ? 80  VAL A CG2 1 ? 
ATOM   641 N  N   . ALA A 1 81  ? 6.841   6.574   -5.650  1.000 5.568  ? 81  ALA A N   1 ? 
ATOM   642 C  CA  . ALA A 1 81  ? 5.609   7.040   -6.343  1.000 5.806  ? 81  ALA A CA  1 ? 
ATOM   643 C  C   . ALA A 1 81  ? 4.659   7.668   -5.359  1.000 5.385  ? 81  ALA A C   1 ? 
ATOM   644 O  O   . ALA A 1 81  ? 4.869   7.589   -4.124  1.000 5.541  ? 81  ALA A O   1 ? 
ATOM   645 C  CB  . ALA A 1 81  ? 4.936   5.911   -7.091  1.000 5.999  ? 81  ALA A CB  1 ? 
ATOM   646 N  N   . ASP A 1 82  ? 3.666   8.358   -5.894  1.000 6.045  ? 82  ASP A N   1 ? 
ATOM   647 C  CA  . ASP A 1 82  ? 2.579   8.969   -5.128  1.000 5.524  ? 82  ASP A CA  1 ? 
ATOM   648 C  C   . ASP A 1 82  ? 1.269   8.368   -5.673  1.000 5.884  ? 82  ASP A C   1 ? 
ATOM   649 O  O   . ASP A 1 82  ? 1.030   8.436   -6.903  1.000 6.778  ? 82  ASP A O   1 ? 
ATOM   650 C  CB  . ASP A 1 82  ? 2.616   10.485  -5.262  1.000 6.366  ? 82  ASP A CB  1 ? 
ATOM   651 C  CG  . ASP A 1 82  ? 1.599   11.198  -4.396  1.000 6.966  ? 82  ASP A CG  1 ? 
ATOM   652 O  OD1 . ASP A 1 82  ? 0.777   10.557  -3.755  1.000 6.320  ? 82  ASP A OD1 1 ? 
ATOM   653 O  OD2 . ASP A 1 82  ? 1.618   12.470  -4.441  1.000 10.184 ? 82  ASP A OD2 1 ? 
ATOM   654 N  N   . LEU A 1 83  ? 0.458   7.752   -4.814  1.000 5.378  ? 83  LEU A N   1 ? 
ATOM   655 C  CA  . LEU A 1 83  ? -0.879  7.180   -5.179  1.000 5.555  ? 83  LEU A CA  1 ? 
ATOM   656 C  C   . LEU A 1 83  ? -2.032  8.051   -4.681  1.000 5.449  ? 83  LEU A C   1 ? 
ATOM   657 O  O   . LEU A 1 83  ? -3.161  7.565   -4.595  1.000 5.976  ? 83  LEU A O   1 ? 
ATOM   658 C  CB  . LEU A 1 83  ? -0.988  5.752   -4.649  1.000 5.686  ? 83  LEU A CB  1 ? 
ATOM   659 C  CG  . LEU A 1 83  ? -0.076  4.727   -5.306  1.000 6.039  ? 83  LEU A CG  1 ? 
ATOM   660 C  CD1 . LEU A 1 83  ? -0.291  3.375   -4.685  1.000 6.038  ? 83  LEU A CD1 1 ? 
ATOM   661 C  CD2 . LEU A 1 83  ? -0.292  4.701   -6.810  1.000 6.492  ? 83  LEU A CD2 1 ? 
ATOM   662 N  N   . SER A 1 84  ? -1.783  9.310   -4.370  1.000 5.409  ? 84  SER A N   1 ? 
ATOM   663 C  CA  . SER A 1 84  ? -2.887  10.163  -3.866  1.000 5.217  ? 84  SER A CA  1 ? 
ATOM   664 C  C   . SER A 1 84  ? -4.026  10.291  -4.889  1.000 6.101  ? 84  SER A C   1 ? 
ATOM   665 O  O   . SER A 1 84  ? -5.152  10.510  -4.465  1.000 6.367  ? 84  SER A O   1 ? 
ATOM   666 C  CB  . SER A 1 84  ? -2.419  11.518  -3.434  1.000 5.532  ? 84  SER A CB  1 ? 
ATOM   667 O  OG  . SER A 1 84  ? -2.087  12.272  -4.613  1.000 6.855  ? 84  SER A OG  1 ? 
ATOM   668 N  N   . HIS A 1 85  ? -3.769  10.086  -6.172  1.000 5.442  ? 85  HIS A N   1 ? 
ATOM   669 C  CA  . HIS A 1 85  ? -4.803  10.175  -7.230  1.000 5.466  ? 85  HIS A CA  1 ? 
ATOM   670 C  C   . HIS A 1 85  ? -5.721  8.975   -7.185  1.000 5.892  ? 85  HIS A C   1 ? 
ATOM   671 O  O   . HIS A 1 85  ? -6.743  8.987   -7.845  1.000 5.803  ? 85  HIS A O   1 ? 
ATOM   672 C  CB  . HIS A 1 85  ? -4.111  10.304  -8.575  1.000 5.156  ? 85  HIS A CB  1 ? 
ATOM   673 C  CG  . HIS A 1 85  ? -3.196  9.175   -8.923  1.000 4.777  ? 85  HIS A CG  1 ? 
ATOM   674 N  ND1 . HIS A 1 85  ? -2.005  8.921   -8.205  1.000 5.037  ? 85  HIS A ND1 1 ? 
ATOM   675 C  CD2 . HIS A 1 85  ? -3.278  8.207   -9.867  1.000 4.686  ? 85  HIS A CD2 1 ? 
ATOM   676 C  CE1 . HIS A 1 85  ? -1.425  7.865   -8.745  1.000 5.223  ? 85  HIS A CE1 1 ? 
ATOM   677 N  NE2 . HIS A 1 85  ? -2.184  7.389   -9.757  1.000 5.292  ? 85  HIS A NE2 1 ? 
ATOM   678 N  N   . ARG A 1 86  ? -5.359  7.946   -6.430  1.000 5.735  ? 86  ARG A N   1 ? 
ATOM   679 C  CA  . ARG A 1 86  ? -6.180  6.735   -6.248  1.000 5.808  ? 86  ARG A CA  1 ? 
ATOM   680 C  C   . ARG A 1 86  ? -6.762  6.701   -4.832  1.000 5.413  ? 86  ARG A C   1 ? 
ATOM   681 O  O   . ARG A 1 86  ? -7.213  5.594   -4.362  1.000 5.281  ? 86  ARG A O   1 ? 
ATOM   682 C  CB  . ARG A 1 86  ? -5.356  5.476   -6.485  1.000 6.417  ? 86  ARG A CB  1 ? 
ATOM   683 C  CG  . ARG A 1 86  ? -4.831  5.408   -7.907  1.000 7.419  ? 86  ARG A CG  1 ? 
ATOM   684 C  CD  . ARG A 1 86  ? -5.899  5.531   -9.031  1.000 7.943  ? 86  ARG A CD  1 ? 
ATOM   685 N  NE  . ARG A 1 86  ? -6.812  4.424   -8.903  1.000 8.014  ? 86  ARG A NE  1 ? 
ATOM   686 C  CZ  . ARG A 1 86  ? -6.517  3.160   -9.278  1.000 7.461  ? 86  ARG A CZ  1 ? 
ATOM   687 N  NH1 . ARG A 1 86  ? -5.392  2.864   -9.910  1.000 7.708  ? 86  ARG A NH1 1 ? 
ATOM   688 N  NH2 . ARG A 1 86  ? -7.414  2.197   -9.084  1.000 8.300  ? 86  ARG A NH2 1 ? 
ATOM   689 N  N   . GLU A 1 87  ? -6.879  7.833   -4.133  1.000 5.912  ? 87  GLU A N   1 ? 
ATOM   690 C  CA  . GLU A 1 87  ? -7.430  7.895   -2.761  1.000 6.961  ? 87  GLU A CA  1 ? 
ATOM   691 C  C   . GLU A 1 87  ? -8.807  7.228   -2.693  1.000 6.323  ? 87  GLU A C   1 ? 
ATOM   692 O  O   . GLU A 1 87  ? -9.106  6.560   -1.706  1.000 6.570  ? 87  GLU A O   1 ? 
ATOM   693 C  CB  . GLU A 1 87  ? -7.453  9.339   -2.296  1.000 8.029  ? 87  GLU A CB  1 ? 
ATOM   694 C  CG  . GLU A 1 87  ? -7.982  9.524   -0.902  1.000 9.464  ? 87  GLU A CG  1 ? 
ATOM   695 C  CD  . GLU A 1 87  ? -9.455  9.822   -0.734  1.000 9.739  ? 87  GLU A CD  1 ? 
ATOM   696 O  OE1 . GLU A 1 87  ? -10.223 9.689   -1.727  1.000 10.704 ? 87  GLU A OE1 1 ? 
ATOM   697 O  OE2 . GLU A 1 87  ? -9.834  10.207  0.411   1.000 13.776 ? 87  GLU A OE2 1 ? 
ATOM   698 N  N   . ASN A 1 88  ? -9.662  7.417   -3.701  1.000 6.349  ? 88  ASN A N   1 ? 
ATOM   699 C  CA  A ASN A 1 88  ? -11.043 6.910   -3.615  0.500 6.295  ? 88  ASN A CA  1 ? 
ATOM   700 C  CA  B ASN A 1 88  ? -11.041 6.880   -3.647  0.500 7.172  ? 88  ASN A CA  1 ? 
ATOM   701 C  C   . ASN A 1 88  ? -11.011 5.371   -3.555  1.000 6.290  ? 88  ASN A C   1 ? 
ATOM   702 O  O   . ASN A 1 88  ? -11.674 4.771   -2.698  1.000 6.700  ? 88  ASN A O   1 ? 
ATOM   703 C  CB  A ASN A 1 88  ? -11.826 7.509   -4.782  0.500 6.236  ? 88  ASN A CB  1 ? 
ATOM   704 C  CB  B ASN A 1 88  ? -11.812 7.079   -4.941  0.500 8.390  ? 88  ASN A CB  1 ? 
ATOM   705 C  CG  A ASN A 1 88  ? -13.279 7.116   -4.738  0.500 6.290  ? 88  ASN A CG  1 ? 
ATOM   706 C  CG  B ASN A 1 88  ? -12.941 8.050   -4.792  0.500 10.452 ? 88  ASN A CG  1 ? 
ATOM   707 O  OD1 A ASN A 1 88  ? -13.781 6.499   -5.666  0.500 8.020  ? 88  ASN A OD1 1 ? 
ATOM   708 O  OD1 B ASN A 1 88  ? -13.021 8.974   -5.573  0.500 12.654 ? 88  ASN A OD1 1 ? 
ATOM   709 N  ND2 A ASN A 1 88  ? -13.956 7.526   -3.684  0.500 7.182  ? 88  ASN A ND2 1 ? 
ATOM   710 N  ND2 B ASN A 1 88  ? -13.777 7.853   -3.778  0.500 10.769 ? 88  ASN A ND2 1 ? 
ATOM   711 N  N   . ASP A 1 89  ? -10.295 4.725   -4.468  1.000 6.117  ? 89  ASP A N   1 ? 
ATOM   712 C  CA  . ASP A 1 89  ? -10.212 3.257   -4.465  1.000 6.761  ? 89  ASP A CA  1 ? 
ATOM   713 C  C   . ASP A 1 89  ? -9.472  2.757   -3.235  1.000 5.854  ? 89  ASP A C   1 ? 
ATOM   714 O  O   . ASP A 1 89  ? -9.802  1.662   -2.723  1.000 5.847  ? 89  ASP A O   1 ? 
ATOM   715 C  CB  . ASP A 1 89  ? -9.577  2.728   -5.736  1.000 6.995  ? 89  ASP A CB  1 ? 
ATOM   716 C  CG  . ASP A 1 89  ? -10.501 2.798   -6.935  1.000 9.203  ? 89  ASP A CG  1 ? 
ATOM   717 O  OD1 . ASP A 1 89  ? -11.710 2.882   -6.769  1.000 8.406  ? 89  ASP A OD1 1 ? 
ATOM   718 O  OD2 . ASP A 1 89  ? -10.006 2.684   -8.010  1.000 14.168 ? 89  ASP A OD2 1 ? 
ATOM   719 N  N   . ILE A 1 90  ? -8.473  3.481   -2.750  1.000 5.438  ? 90  ILE A N   1 ? 
ATOM   720 C  CA  . ILE A 1 90  ? -7.715  3.013   -1.563  1.000 6.080  ? 90  ILE A CA  1 ? 
ATOM   721 C  C   . ILE A 1 90  ? -8.615  3.080   -0.332  1.000 6.812  ? 90  ILE A C   1 ? 
ATOM   722 O  O   . ILE A 1 90  ? -8.663  2.107   0.449   1.000 6.073  ? 90  ILE A O   1 ? 
ATOM   723 C  CB  . ILE A 1 90  ? -6.409  3.825   -1.423  1.000 5.824  ? 90  ILE A CB  1 ? 
ATOM   724 C  CG1 . ILE A 1 90  ? -5.442  3.496   -2.575  1.000 5.910  ? 90  ILE A CG1 1 ? 
ATOM   725 C  CG2 . ILE A 1 90  ? -5.783  3.565   -0.061  1.000 5.811  ? 90  ILE A CG2 1 ? 
ATOM   726 C  CD1 . ILE A 1 90  ? -4.262  4.397   -2.632  1.000 6.506  ? 90  ILE A CD1 1 ? 
ATOM   727 N  N   . LYS A 1 91  ? -9.292  4.191   -0.137  1.000 6.843  ? 91  LYS A N   1 ? 
ATOM   728 C  CA  . LYS A 1 91  ? -10.218 4.379   0.981   1.000 8.524  ? 91  LYS A CA  1 ? 
ATOM   729 C  C   . LYS A 1 91  ? -11.320 3.327   0.895   1.000 7.136  ? 91  LYS A C   1 ? 
ATOM   730 O  O   . LYS A 1 91  ? -11.645 2.719   1.930   1.000 7.080  ? 91  LYS A O   1 ? 
ATOM   731 C  CB  . LYS A 1 91  ? -10.815 5.785   0.948   1.000 10.420 ? 91  LYS A CB  1 ? 
ATOM   732 C  CG  . LYS A 1 91  ? -11.761 6.149   2.075   1.000 15.449 ? 91  LYS A CG  1 ? 
ATOM   733 C  CD  . LYS A 1 91  ? -11.515 7.580   2.561   1.000 19.815 ? 91  LYS A CD  1 ? 
ATOM   734 C  CE  . LYS A 1 91  ? -12.606 8.569   2.237   1.000 24.548 ? 91  LYS A CE  1 ? 
ATOM   735 N  NZ  . LYS A 1 91  ? -13.012 9.255   3.495   1.000 24.387 ? 91  LYS A NZ  1 ? 
ATOM   736 N  N   . ASN A 1 92  ? -11.869 3.096   -0.293  1.000 6.699  ? 92  ASN A N   1 ? 
ATOM   737 C  CA  . ASN A 1 92  ? -12.971 2.110   -0.438  1.000 7.113  ? 92  ASN A CA  1 ? 
ATOM   738 C  C   . ASN A 1 92  ? -12.486 0.729   -0.004  1.000 6.380  ? 92  ASN A C   1 ? 
ATOM   739 O  O   . ASN A 1 92  ? -13.227 0.014   0.621   1.000 7.093  ? 92  ASN A O   1 ? 
ATOM   740 C  CB  . ASN A 1 92  ? -13.526 2.129   -1.866  1.000 8.521  ? 92  ASN A CB  1 ? 
ATOM   741 C  CG  . ASN A 1 92  ? -14.409 3.323   -2.170  1.000 10.783 ? 92  ASN A CG  1 ? 
ATOM   742 O  OD1 . ASN A 1 92  ? -14.803 4.085   -1.282  1.000 12.041 ? 92  ASN A OD1 1 ? 
ATOM   743 N  ND2 . ASN A 1 92  ? -14.750 3.494   -3.439  1.000 13.706 ? 92  ASN A ND2 1 ? 
ATOM   744 N  N   . ALA A 1 93  ? -11.279 0.337   -0.373  1.000 6.066  ? 93  ALA A N   1 ? 
ATOM   745 C  CA  . ALA A 1 93  ? -10.732 -1.011  -0.078  1.000 6.307  ? 93  ALA A CA  1 ? 
ATOM   746 C  C   . ALA A 1 93  ? -10.545 -1.183  1.425   1.000 5.834  ? 93  ALA A C   1 ? 
ATOM   747 O  O   . ALA A 1 93  ? -10.933 -2.179  2.036   1.000 5.412  ? 93  ALA A O   1 ? 
ATOM   748 C  CB  . ALA A 1 93  ? -9.407  -1.241  -0.755  1.000 6.562  ? 93  ALA A CB  1 ? 
ATOM   749 N  N   . ILE A 1 94  ? -9.936  -0.201  2.063   1.000 6.649  ? 94  ILE A N   1 ? 
ATOM   750 C  CA  . ILE A 1 94  ? -9.693  -0.205  3.529   1.000 7.081  ? 94  ILE A CA  1 ? 
ATOM   751 C  C   . ILE A 1 94  ? -11.039 -0.273  4.262   1.000 7.651  ? 94  ILE A C   1 ? 
ATOM   752 O  O   . ILE A 1 94  ? -11.206 -1.142  5.183   1.000 7.268  ? 94  ILE A O   1 ? 
ATOM   753 C  CB  . ILE A 1 94  ? -8.861  1.034   3.938   1.000 7.116  ? 94  ILE A CB  1 ? 
ATOM   754 C  CG1 . ILE A 1 94  ? -7.473  0.975   3.327   1.000 6.928  ? 94  ILE A CG1 1 ? 
ATOM   755 C  CG2 . ILE A 1 94  ? -8.770  1.142   5.467   1.000 7.796  ? 94  ILE A CG2 1 ? 
ATOM   756 C  CD1 . ILE A 1 94  ? -6.676  2.223   3.512   1.000 7.503  ? 94  ILE A CD1 1 ? 
ATOM   757 N  N   . ASN A 1 95  ? -11.983 0.565   3.911   1.000 7.899  ? 95  ASN A N   1 ? 
ATOM   758 C  CA  . ASN A 1 95  ? -13.301 0.554   4.596   1.000 9.290  ? 95  ASN A CA  1 ? 
ATOM   759 C  C   . ASN A 1 95  ? -14.006 -0.799  4.379   1.000 8.756  ? 95  ASN A C   1 ? 
ATOM   760 O  O   . ASN A 1 95  ? -14.651 -1.314  5.372   1.000 10.387 ? 95  ASN A O   1 ? 
ATOM   761 C  CB  . ASN A 1 95  ? -14.194 1.722   4.161   1.000 10.776 ? 95  ASN A CB  1 ? 
ATOM   762 C  CG  . ASN A 1 95  ? -13.851 3.014   4.870   1.000 14.654 ? 95  ASN A CG  1 ? 
ATOM   763 O  OD1 . ASN A 1 95  ? -13.753 3.056   6.078   1.000 21.522 ? 95  ASN A OD1 1 ? 
ATOM   764 N  ND2 . ASN A 1 95  ? -13.675 4.095   4.116   1.000 16.960 ? 95  ASN A ND2 1 ? 
ATOM   765 N  N   . LEU A 1 96  ? -13.921 -1.368  3.154   1.000 8.121  ? 96  LEU A N   1 ? 
ATOM   766 C  CA  . LEU A 1 96  ? -14.560 -2.669  2.854   1.000 7.886  ? 96  LEU A CA  1 ? 
ATOM   767 C  C   . LEU A 1 96  ? -13.997 -3.713  3.829   1.000 6.739  ? 96  LEU A C   1 ? 
ATOM   768 O  O   . LEU A 1 96  ? -14.737 -4.564  4.296   1.000 6.433  ? 96  LEU A O   1 ? 
ATOM   769 C  CB  . LEU A 1 96  ? -14.271 -3.015  1.395   1.000 8.504  ? 96  LEU A CB  1 ? 
ATOM   770 C  CG  . LEU A 1 96  ? -14.882 -4.298  0.836   1.000 10.778 ? 96  LEU A CG  1 ? 
ATOM   771 C  CD1 . LEU A 1 96  ? -16.374 -4.368  1.123   1.000 11.990 ? 96  LEU A CD1 1 ? 
ATOM   772 C  CD2 . LEU A 1 96  ? -14.618 -4.420  -0.666  1.000 11.958 ? 96  LEU A CD2 1 ? 
ATOM   773 N  N   . MET A 1 97  ? -12.685 -3.730  4.059   1.000 6.926  ? 97  MET A N   1 ? 
ATOM   774 C  CA  . MET A 1 97  ? -12.044 -4.795  4.826   1.000 7.067  ? 97  MET A CA  1 ? 
ATOM   775 C  C   . MET A 1 97  ? -12.646 -4.851  6.231   1.000 7.097  ? 97  MET A C   1 ? 
ATOM   776 O  O   . MET A 1 97  ? -12.841 -5.955  6.779   1.000 6.444  ? 97  MET A O   1 ? 
ATOM   777 C  CB  . MET A 1 97  ? -10.531 -4.557  4.864   1.000 7.424  ? 97  MET A CB  1 ? 
ATOM   778 C  CG  . MET A 1 97  ? -9.818  -5.486  5.821   1.000 7.701  ? 97  MET A CG  1 ? 
ATOM   779 S  SD  . MET A 1 97  ? -8.044  -5.484  5.636   1.000 8.593  ? 97  MET A SD  1 ? 
ATOM   780 C  CE  . MET A 1 97  ? -7.619  -3.865  6.288   1.000 8.640  ? 97  MET A CE  1 ? 
ATOM   781 N  N   . PHE A 1 98  ? -12.871 -3.695  6.861   1.000 7.774  ? 98  PHE A N   1 ? 
ATOM   782 C  CA  . PHE A 1 98  ? -13.405 -3.670  8.256   1.000 8.296  ? 98  PHE A CA  1 ? 
ATOM   783 C  C   . PHE A 1 98  ? -14.927 -3.703  8.279   1.000 7.616  ? 98  PHE A C   1 ? 
ATOM   784 O  O   . PHE A 1 98  ? -15.506 -4.453  9.016   1.000 8.676  ? 98  PHE A O   1 ? 
ATOM   785 C  CB  . PHE A 1 98  ? -12.950 -2.448  9.054   1.000 8.564  ? 98  PHE A CB  1 ? 
ATOM   786 C  CG  . PHE A 1 98  ? -11.457 -2.263  9.062   1.000 8.236  ? 98  PHE A CG  1 ? 
ATOM   787 C  CD1 . PHE A 1 98  ? -10.651 -3.132  9.781   1.000 7.404  ? 98  PHE A CD1 1 ? 
ATOM   788 C  CD2 . PHE A 1 98  ? -10.866 -1.226  8.392   1.000 8.061  ? 98  PHE A CD2 1 ? 
ATOM   789 C  CE1 . PHE A 1 98  ? -9.280  -2.974  9.833   1.000 7.361  ? 98  PHE A CE1 1 ? 
ATOM   790 C  CE2 . PHE A 1 98  ? -9.493  -1.100  8.351   1.000 8.357  ? 98  PHE A CE2 1 ? 
ATOM   791 C  CZ  . PHE A 1 98  ? -8.697  -1.940  9.127   1.000 7.139  ? 98  PHE A CZ  1 ? 
ATOM   792 N  N   . TRP A 1 99  ? -15.558 -2.961  7.385   1.000 8.193  ? 99  TRP A N   1 ? 
ATOM   793 C  CA  . TRP A 1 99  ? -16.989 -2.612  7.588   1.000 9.553  ? 99  TRP A CA  1 ? 
ATOM   794 C  C   . TRP A 1 99  ? -17.863 -3.260  6.523   1.000 10.177 ? 99  TRP A C   1 ? 
ATOM   795 O  O   . TRP A 1 99  ? -19.096 -3.066  6.615   1.000 13.195 ? 99  TRP A O   1 ? 
ATOM   796 C  CB  . TRP A 1 99  ? -17.222 -1.088  7.683   1.000 9.576  ? 99  TRP A CB  1 ? 
ATOM   797 C  CG  . TRP A 1 99  ? -16.204 -0.445  8.583   1.000 9.415  ? 99  TRP A CG  1 ? 
ATOM   798 C  CD1 . TRP A 1 99  ? -15.357 0.566   8.266   1.000 10.609 ? 99  TRP A CD1 1 ? 
ATOM   799 C  CD2 . TRP A 1 99  ? -15.887 -0.801  9.944   1.000 10.834 ? 99  TRP A CD2 1 ? 
ATOM   800 N  NE1 . TRP A 1 99  ? -14.507 0.832   9.308   1.000 9.891  ? 99  TRP A NE1 1 ? 
ATOM   801 C  CE2 . TRP A 1 99  ? -14.794 -0.008  10.341  1.000 11.446 ? 99  TRP A CE2 1 ? 
ATOM   802 C  CE3 . TRP A 1 99  ? -16.341 -1.783  10.826  1.000 12.495 ? 99  TRP A CE3 1 ? 
ATOM   803 C  CZ2 . TRP A 1 99  ? -14.193 -0.111  11.590  1.000 12.742 ? 99  TRP A CZ2 1 ? 
ATOM   804 C  CZ3 . TRP A 1 99  ? -15.748 -1.881  12.069  1.000 13.664 ? 99  TRP A CZ3 1 ? 
ATOM   805 C  CH2 . TRP A 1 99  ? -14.673 -1.076  12.439  1.000 13.448 ? 99  TRP A CH2 1 ? 
ATOM   806 N  N   . GLY A 1 100 ? -17.311 -3.988  5.544   1.000 10.031 ? 100 GLY A N   1 ? 
ATOM   807 C  CA  . GLY A 1 100 ? -18.095 -4.747  4.554   1.000 13.845 ? 100 GLY A CA  1 ? 
ATOM   808 C  C   . GLY A 1 100 ? -18.937 -3.857  3.680   1.000 19.131 ? 100 GLY A C   1 ? 
ATOM   809 O  O   . GLY A 1 100 ? -19.803 -4.418  2.984   1.000 25.490 ? 100 GLY A O   1 ? 
ATOM   810 N  N   . ILE A 1 101 ? -18.660 -2.547  3.689   1.000 22.367 ? 101 ILE A N   1 ? 
ATOM   811 C  CA  . ILE A 1 101 ? -19.434 -1.488  2.970   1.000 27.017 ? 101 ILE A CA  1 ? 
ATOM   812 C  C   . ILE A 1 101 ? -18.419 -0.681  2.158   1.000 29.319 ? 101 ILE A C   1 ? 
ATOM   813 O  O   . ILE A 1 101 ? -17.408 -0.440  2.842   1.000 28.839 ? 101 ILE A O   1 ? 
ATOM   814 C  CB  . ILE A 1 101 ? -20.192 -0.601  3.988   1.000 26.764 ? 101 ILE A CB  1 ? 
HETATM 815 CL CL  . CL  B 2 .   ? -2.494  4.198   -10.587 1.000 7.758  ? 400 CL  A CL  1 ? 
HETATM 816 CL CL  . CL  C 2 .   ? 5.657   -9.001  -5.870  1.000 9.657  ? 401 CL  A CL  1 ? 
HETATM 817 O  O   . HOH D 3 .   ? -15.942 5.575   -0.349  1.000 25.403 ? 501 HOH A O   1 ? 
HETATM 818 O  O   . HOH D 3 .   ? -11.889 3.088   7.114   1.000 31.853 ? 502 HOH A O   1 ? 
HETATM 819 O  O   . HOH D 3 .   ? 11.779  -9.942  -0.267  1.000 26.221 ? 503 HOH A O   1 ? 
HETATM 820 O  O   . HOH D 3 .   ? 8.166   -4.636  -17.993 1.000 18.812 ? 504 HOH A O   1 ? 
HETATM 821 O  O   . HOH D 3 .   ? 1.833   -4.986  -15.888 1.000 22.638 ? 505 HOH A O   1 ? 
HETATM 822 O  O   . HOH D 3 .   ? 17.707  5.338   4.845   1.000 26.080 ? 506 HOH A O   1 ? 
HETATM 823 O  O   . HOH D 3 .   ? -13.615 2.254   -8.059  1.000 12.774 ? 507 HOH A O   1 ? 
HETATM 824 O  O   . HOH D 3 .   ? -11.312 10.824  4.419   1.000 24.870 ? 508 HOH A O   1 ? 
HETATM 825 O  O   . HOH D 3 .   ? 17.668  2.251   8.074   1.000 23.282 ? 509 HOH A O   1 ? 
HETATM 826 O  O   . HOH D 3 .   ? -15.499 3.931   7.639   1.000 31.445 ? 510 HOH A O   1 ? 
HETATM 827 O  O   . HOH D 3 .   ? -11.521 9.490   -7.558  1.000 17.296 ? 511 HOH A O   1 ? 
HETATM 828 O  O   . HOH D 3 .   ? -8.554  11.176  2.381   1.000 31.477 ? 512 HOH A O   1 ? 
HETATM 829 O  O   . HOH D 3 .   ? 1.608   -15.690 -7.836  1.000 32.823 ? 513 HOH A O   1 ? 
HETATM 830 O  O   . HOH D 3 .   ? -15.964 0.817   1.152   1.000 18.801 ? 514 HOH A O   1 ? 
HETATM 831 O  O   . HOH D 3 .   ? 0.015   15.988  4.709   1.000 25.781 ? 515 HOH A O   1 ? 
HETATM 832 O  O   . HOH D 3 .   ? 12.517  9.267   -5.093  1.000 29.143 ? 516 HOH A O   1 ? 
HETATM 833 O  O   . HOH D 3 .   ? -0.130  -11.851 0.892   1.000 29.077 ? 517 HOH A O   1 ? 
HETATM 834 O  O   . HOH D 3 .   ? 2.660   13.298  9.962   1.000 14.377 ? 518 HOH A O   1 ? 
HETATM 835 O  O   . HOH D 3 .   ? -15.441 1.140   -7.142  1.000 30.653 ? 519 HOH A O   1 ? 
HETATM 836 O  O   . HOH D 3 .   ? -10.552 -0.657  -6.635  1.000 15.054 ? 520 HOH A O   1 ? 
HETATM 837 O  O   . HOH D 3 .   ? -16.001 7.205   -2.123  1.000 30.178 ? 521 HOH A O   1 ? 
HETATM 838 O  O   . HOH D 3 .   ? -13.622 6.360   -0.870  1.000 22.850 ? 522 HOH A O   1 ? 
HETATM 839 O  O   . HOH D 3 .   ? 7.330   -7.744  6.471   1.000 33.598 ? 523 HOH A O   1 ? 
HETATM 840 O  O   . HOH D 3 .   ? -11.304 3.824   -9.971  1.000 29.036 ? 524 HOH A O   1 ? 
HETATM 841 O  O   . HOH D 3 .   ? -0.137  14.416  -4.537  1.000 19.789 ? 525 HOH A O   1 ? 
HETATM 842 O  O   . HOH D 3 .   ? -4.664  -11.610 2.865   1.000 13.781 ? 526 HOH A O   1 ? 
HETATM 843 O  O   . HOH D 3 .   ? -2.466  -11.929 1.080   1.000 24.826 ? 527 HOH A O   1 ? 
HETATM 844 O  O   . HOH D 3 .   ? 8.316   10.628  3.200   1.000 7.037  ? 528 HOH A O   1 ? 
HETATM 845 O  O   . HOH D 3 .   ? 5.971   4.756   18.769  1.000 18.407 ? 529 HOH A O   1 ? 
HETATM 846 O  O   . HOH D 3 .   ? 5.355   -5.099  9.672   1.000 20.367 ? 530 HOH A O   1 ? 
HETATM 847 O  O   . HOH D 3 .   ? -2.076  15.891  14.916  1.000 27.106 ? 531 HOH A O   1 ? 
HETATM 848 O  O   . HOH D 3 .   ? 2.580   -6.897  5.639   1.000 14.060 ? 532 HOH A O   1 ? 
HETATM 849 O  O   . HOH D 3 .   ? 10.803  2.654   15.141  1.000 18.767 ? 533 HOH A O   1 ? 
HETATM 850 O  O   . HOH D 3 .   ? 15.025  -11.008 -2.797  1.000 15.551 ? 534 HOH A O   1 ? 
HETATM 851 O  O   . HOH D 3 .   ? 3.509   13.604  -5.931  1.000 14.824 ? 535 HOH A O   1 ? 
HETATM 852 O  O   . HOH D 3 .   ? -12.219 2.087   -9.378  1.000 11.257 ? 536 HOH A O   1 ? 
HETATM 853 O  O   . HOH D 3 .   ? -6.003  12.523  -2.926  1.000 17.792 ? 537 HOH A O   1 ? 
HETATM 854 O  O   . HOH D 3 .   ? -6.021  12.598  7.657   1.000 28.814 ? 538 HOH A O   1 ? 
HETATM 855 O  O   . HOH D 3 .   ? 13.902  5.640   6.709   1.000 13.272 ? 539 HOH A O   1 ? 
HETATM 856 O  O   . HOH D 3 .   ? -6.790  11.011  4.493   1.000 22.195 ? 540 HOH A O   1 ? 
HETATM 857 O  O   . HOH D 3 .   ? -2.375  15.109  4.714   1.000 27.525 ? 541 HOH A O   1 ? 
HETATM 858 O  O   . HOH D 3 .   ? -20.736 -1.829  8.356   1.000 25.172 ? 542 HOH A O   1 ? 
HETATM 859 O  O   . HOH D 3 .   ? -0.666  -7.993  7.848   1.000 9.236  ? 543 HOH A O   1 ? 
HETATM 860 O  O   . HOH D 3 .   ? 14.506  -8.781  6.097   1.000 18.771 ? 544 HOH A O   1 ? 
HETATM 861 O  O   . HOH D 3 .   ? -15.179 4.313   1.389   1.000 25.616 ? 545 HOH A O   1 ? 
HETATM 862 O  O   . HOH D 3 .   ? 18.420  7.591   -1.778  1.000 21.731 ? 546 HOH A O   1 ? 
HETATM 863 O  O   . HOH D 3 .   ? 13.940  -0.308  13.936  1.000 22.873 ? 547 HOH A O   1 ? 
HETATM 864 O  O   . HOH D 3 .   ? 4.607   -4.489  5.481   1.000 18.380 ? 548 HOH A O   1 ? 
HETATM 865 O  O   . HOH D 3 .   ? 0.138   7.604   18.686  1.000 24.342 ? 549 HOH A O   1 ? 
HETATM 866 O  O   . HOH D 3 .   ? -11.509 -0.060  -4.104  1.000 11.042 ? 550 HOH A O   1 ? 
HETATM 867 O  O   . HOH D 3 .   ? 5.860   -7.187  2.437   1.000 7.342  ? 551 HOH A O   1 ? 
HETATM 868 O  O   . HOH D 3 .   ? -4.200  -11.445 5.573   1.000 9.411  ? 552 HOH A O   1 ? 
HETATM 869 O  O   . HOH D 3 .   ? -0.651  12.847  2.100   1.000 9.887  ? 553 HOH A O   1 ? 
HETATM 870 O  O   . HOH D 3 .   ? 4.403   -5.558  -11.504 1.000 14.760 ? 554 HOH A O   1 ? 
HETATM 871 O  O   . HOH D 3 .   ? 6.201   8.163   11.929  1.000 6.063  ? 555 HOH A O   1 ? 
HETATM 872 O  O   . HOH D 3 .   ? 6.061   6.350   5.205   1.000 7.889  ? 556 HOH A O   1 ? 
HETATM 873 O  O   . HOH D 3 .   ? 9.015   -5.708  6.310   1.000 31.108 ? 557 HOH A O   1 ? 
HETATM 874 O  O   . HOH D 3 .   ? -13.720 7.017   4.945   1.000 30.404 ? 558 HOH A O   1 ? 
HETATM 875 O  O   . HOH D 3 .   ? 14.683  -4.829  0.398   1.000 18.405 ? 559 HOH A O   1 ? 
HETATM 876 O  O   . HOH D 3 .   ? -13.692 1.682   -5.267  1.000 16.678 ? 560 HOH A O   1 ? 
HETATM 877 O  O   . HOH D 3 .   ? 3.081   12.069  7.367   1.000 13.435 ? 561 HOH A O   1 ? 
HETATM 878 O  O   . HOH D 3 .   ? 11.389  -5.782  6.254   1.000 28.274 ? 562 HOH A O   1 ? 
HETATM 879 O  O   . HOH D 3 .   ? 6.218   -6.247  -4.487  1.000 7.607  ? 563 HOH A O   1 ? 
HETATM 880 O  O   . HOH D 3 .   ? 0.499   11.715  -1.142  1.000 8.695  ? 564 HOH A O   1 ? 
HETATM 881 O  O   . HOH D 3 .   ? 17.609  4.333   1.529   1.000 30.589 ? 565 HOH A O   1 ? 
HETATM 882 O  O   . HOH D 3 .   ? 2.308   3.407   12.893  1.000 9.087  ? 566 HOH A O   1 ? 
HETATM 883 O  O   . HOH D 3 .   ? -3.150  -4.652  -14.954 1.000 31.624 ? 567 HOH A O   1 ? 
HETATM 884 O  O   . HOH D 3 .   ? 16.164  -1.292  7.773   1.000 20.231 ? 568 HOH A O   1 ? 
HETATM 885 O  O   . HOH D 3 .   ? 6.309   -9.380  -12.259 1.000 25.480 ? 569 HOH A O   1 ? 
HETATM 886 O  O   . HOH D 3 .   ? -7.037  -12.716 -0.535  1.000 22.920 ? 570 HOH A O   1 ? 
HETATM 887 O  O   . HOH D 3 .   ? 2.200   7.318   -9.201  1.000 15.306 ? 571 HOH A O   1 ? 
HETATM 888 O  O   . HOH D 3 .   ? 12.049  -3.557  -1.379  1.000 9.713  ? 572 HOH A O   1 ? 
HETATM 889 O  O   . HOH D 3 .   ? 17.089  -5.607  1.614   1.000 8.645  ? 573 HOH A O   1 ? 
HETATM 890 O  O   . HOH D 3 .   ? -12.921 8.965   -1.329  1.000 14.644 ? 574 HOH A O   1 ? 
HETATM 891 O  O   . HOH D 3 .   ? 19.175  -1.746  2.880   1.000 9.684  ? 575 HOH A O   1 ? 
HETATM 892 O  O   . HOH D 3 .   ? 0.404   6.101   -10.732 1.000 10.305 ? 576 HOH A O   1 ? 
HETATM 893 O  O   . HOH D 3 .   ? 6.699   10.740  5.739   1.000 8.810  ? 577 HOH A O   1 ? 
HETATM 894 O  O   . HOH D 3 .   ? -3.691  12.745  6.058   1.000 12.602 ? 578 HOH A O   1 ? 
HETATM 895 O  O   . HOH D 3 .   ? 14.314  -2.009  9.955   1.000 23.465 ? 579 HOH A O   1 ? 
HETATM 896 O  O   . HOH D 3 .   ? 12.383  7.766   2.716   1.000 10.748 ? 580 HOH A O   1 ? 
HETATM 897 O  O   . HOH D 3 .   ? 8.032   9.362   13.590  1.000 7.435  ? 581 HOH A O   1 ? 
HETATM 898 O  O   . HOH D 3 .   ? 0.705   -11.468 5.403   1.000 30.061 ? 582 HOH A O   1 ? 
HETATM 899 O  O   . HOH D 3 .   ? 2.289   -6.800  -13.255 1.000 20.773 ? 583 HOH A O   1 ? 
HETATM 900 O  O   . HOH D 3 .   ? -1.540  12.252  16.459  1.000 16.348 ? 584 HOH A O   1 ? 
HETATM 901 O  O   . HOH D 3 .   ? 4.371   15.657  -2.133  1.000 13.674 ? 585 HOH A O   1 ? 
HETATM 902 O  O   . HOH D 3 .   ? -10.820 -11.601 -3.925  1.000 26.147 ? 586 HOH A O   1 ? 
HETATM 903 O  O   . HOH D 3 .   ? 12.796  -6.326  8.767   1.000 23.403 ? 587 HOH A O   1 ? 
HETATM 904 O  O   . HOH D 3 .   ? -12.206 6.203   -8.087  1.000 12.560 ? 588 HOH A O   1 ? 
HETATM 905 O  O   . HOH D 3 .   ? 10.328  -9.648  -2.047  1.000 32.617 ? 589 HOH A O   1 ? 
HETATM 906 O  O   . HOH D 3 .   ? 6.682   -9.893  4.938   1.000 26.267 ? 590 HOH A O   1 ? 
HETATM 907 O  O   . HOH D 3 .   ? 3.154   5.338   -12.685 1.000 15.666 ? 591 HOH A O   1 ? 
HETATM 908 O  O   . HOH D 3 .   ? -9.275  8.739   -6.293  1.000 8.936  ? 592 HOH A O   1 ? 
HETATM 909 O  O   . HOH D 3 .   ? 6.146   -12.659 -2.765  1.000 32.666 ? 593 HOH A O   1 ? 
HETATM 910 O  O   . HOH D 3 .   ? -3.483  12.547  2.343   1.000 18.819 ? 594 HOH A O   1 ? 
HETATM 911 O  O   . HOH D 3 .   ? 0.440   -2.894  -17.217 1.000 23.237 ? 595 HOH A O   1 ? 
HETATM 912 O  O   . HOH D 3 .   ? 9.485   0.610   16.422  1.000 17.080 ? 596 HOH A O   1 ? 
HETATM 913 O  O   . HOH D 3 .   ? -8.589  -0.564  -9.015  1.000 12.423 ? 597 HOH A O   1 ? 
HETATM 914 O  O   . HOH D 3 .   ? 2.229   -3.864  5.721   1.000 18.910 ? 598 HOH A O   1 ? 
HETATM 915 O  O   . HOH D 3 .   ? 7.436   -4.205  12.690  1.000 23.728 ? 599 HOH A O   1 ? 
HETATM 916 O  O   . HOH D 3 .   ? -12.906 -7.889  -9.369  1.000 21.695 ? 600 HOH A O   1 ? 
HETATM 917 O  O   . HOH D 3 .   ? 3.602   9.123   12.357  1.000 8.035  ? 601 HOH A O   1 ? 
HETATM 918 O  O   . HOH D 3 .   ? 5.825   12.686  -4.625  1.000 18.517 ? 602 HOH A O   1 ? 
HETATM 919 O  O   . HOH D 3 .   ? 4.547   9.763   -8.441  1.000 15.495 ? 603 HOH A O   1 ? 
HETATM 920 O  O   . HOH D 3 .   ? 9.750   -3.065  14.521  1.000 20.131 ? 604 HOH A O   1 ? 
HETATM 921 O  O   . HOH D 3 .   ? -4.131  14.378  -3.773  1.000 17.014 ? 605 HOH A O   1 ? 
HETATM 922 O  O   . HOH D 3 .   ? 8.416   -9.630  -4.025  1.000 15.942 ? 606 HOH A O   1 ? 
HETATM 923 O  O   . HOH D 3 .   ? 9.622   11.652  -4.293  1.000 26.190 ? 607 HOH A O   1 ? 
HETATM 924 O  O   . HOH D 3 .   ? 12.498  -8.392  -1.360  1.000 25.608 ? 608 HOH A O   1 ? 
HETATM 925 O  O   . HOH D 3 .   ? 12.782  3.042   13.350  1.000 13.492 ? 609 HOH A O   1 ? 
HETATM 926 O  O   . HOH D 3 .   ? 15.757  5.670   2.955   1.000 21.990 ? 610 HOH A O   1 ? 
HETATM 927 O  O   . HOH D 3 .   ? 9.380   9.426   -6.226  1.000 24.294 ? 611 HOH A O   1 ? 
HETATM 928 O  O   . HOH D 3 .   ? 8.716   13.737  -2.050  1.000 22.598 ? 612 HOH A O   1 ? 
HETATM 929 O  O   . HOH D 3 .   ? -9.451  5.757   -7.463  1.000 3.727  ? 613 HOH A O   1 ? 
HETATM 930 O  O   . HOH D 3 .   ? 12.524  -5.935  0.040   1.000 25.037 ? 614 HOH A O   1 ? 
HETATM 931 O  O   . HOH D 3 .   ? -14.486 -5.632  -7.814  1.000 34.671 ? 615 HOH A O   1 ? 
HETATM 932 O  O   . HOH D 3 .   ? 13.699  9.058   -2.011  1.000 10.245 ? 616 HOH A O   1 ? 
HETATM 933 O  O   . HOH D 3 .   ? -3.643  -14.057 -6.070  1.000 29.558 ? 617 HOH A O   1 ? 
HETATM 934 O  O   . HOH D 3 .   ? -17.572 1.829   5.140   1.000 28.073 ? 618 HOH A O   1 ? 
HETATM 935 O  O   . HOH D 3 .   ? -12.338 0.164   -8.454  1.000 17.343 ? 619 HOH A O   1 ? 
HETATM 936 O  O   . HOH D 3 .   ? 6.721   10.234  -5.446  1.000 20.019 ? 620 HOH A O   1 ? 
HETATM 937 O  O   . HOH D 3 .   ? -4.421  -7.117  -12.155 1.000 23.257 ? 621 HOH A O   1 ? 
HETATM 938 O  O   . HOH D 3 .   ? 16.619  6.255   7.492   1.000 23.564 ? 622 HOH A O   1 ? 
HETATM 939 O  O   . HOH D 3 .   ? 5.096   -5.032  14.472  1.000 25.856 ? 623 HOH A O   1 ? 
HETATM 940 O  O   . HOH D 3 .   ? 11.473  8.480   14.178  1.000 12.916 ? 624 HOH A O   1 ? 
HETATM 941 O  O   . HOH D 3 .   ? 7.159   15.511  -3.048  1.000 23.418 ? 625 HOH A O   1 ? 
HETATM 942 O  O   . HOH D 3 .   ? 5.082   10.779  8.689   1.000 23.147 ? 626 HOH A O   1 ? 
HETATM 943 O  O   . HOH D 3 .   ? 9.944   -11.021 -5.648  1.000 26.245 ? 627 HOH A O   1 ? 
HETATM 944 O  O   . HOH D 3 .   ? -11.397 1.027   -11.045 1.000 24.650 ? 628 HOH A O   1 ? 
HETATM 945 O  O   . HOH D 3 .   ? 10.815  6.590   18.283  1.000 21.449 ? 629 HOH A O   1 ? 
HETATM 946 O  O   . HOH D 3 .   ? 4.652   -8.395  -17.081 1.000 32.553 ? 630 HOH A O   1 ? 
HETATM 947 O  O   . HOH D 3 .   ? 6.532   -11.234 -10.453 1.000 24.522 ? 631 HOH A O   1 ? 
HETATM 948 O  O   . HOH D 3 .   ? -17.441 1.435   -0.481  1.000 28.422 ? 632 HOH A O   1 ? 
HETATM 949 O  O   . HOH D 3 .   ? 0.525   -7.407  -15.250 1.000 32.154 ? 633 HOH A O   1 ? 
HETATM 950 O  O   . HOH D 3 .   ? -14.963 8.843   0.177   1.000 29.915 ? 634 HOH A O   1 ? 
HETATM 951 O  O   . HOH D 3 .   ? 3.802   11.879  12.016  1.000 17.321 ? 635 HOH A O   1 ? 
HETATM 952 O  O   . HOH D 3 .   ? 16.229  5.100   10.678  0.500 14.696 ? 636 HOH A O   1 ? 
HETATM 953 O  O   . HOH D 3 .   ? 2.074   -8.430  7.799   1.000 17.519 ? 637 HOH A O   1 ? 
HETATM 954 O  O   . HOH D 3 .   ? 7.478   8.169   6.692   1.000 8.459  ? 638 HOH A O   1 ? 
HETATM 955 O  O   . HOH D 3 .   ? 3.291   4.751   18.156  1.000 15.140 ? 639 HOH A O   1 ? 
HETATM 956 O  O   . HOH D 3 .   ? -2.458  15.206  -1.861  1.000 30.796 ? 640 HOH A O   1 ? 
HETATM 957 O  O   . HOH D 3 .   ? 7.913   -5.215  10.508  1.000 22.630 ? 641 HOH A O   1 ? 
HETATM 958 O  O   . HOH D 3 .   ? 12.223  -3.978  10.072  1.000 26.738 ? 642 HOH A O   1 ? 
HETATM 959 O  O   . HOH D 3 .   ? -2.105  13.499  -0.383  1.000 34.201 ? 643 HOH A O   1 ? 
HETATM 960 O  O   . HOH D 3 .   ? 9.030   -14.021 2.268   1.000 33.254 ? 644 HOH A O   1 ? 
HETATM 961 O  O   . HOH D 3 .   ? 2.785   -11.045 3.789   1.000 23.637 ? 645 HOH A O   1 ? 
HETATM 962 O  O   . HOH D 3 .   ? -1.603  9.327   19.909  1.000 26.772 ? 646 HOH A O   1 ? 
HETATM 963 O  O   . HOH D 3 .   ? 17.712  8.101   -4.194  1.000 19.001 ? 647 HOH A O   1 ? 
HETATM 964 O  O   . HOH D 3 .   ? 20.084  6.872   4.242   1.000 34.301 ? 648 HOH A O   1 ? 
HETATM 965 O  O   . HOH D 3 .   ? -2.485  -13.288 -1.105  1.000 28.089 ? 649 HOH A O   1 ? 
HETATM 966 O  O   . HOH D 3 .   ? 7.126   8.846   9.365   1.000 7.498  ? 650 HOH A O   1 ? 
HETATM 967 O  O   . HOH D 3 .   ? 9.509   6.042   20.649  1.000 20.140 ? 651 HOH A O   1 ? 
HETATM 968 O  O   . HOH D 3 .   ? 3.937   -6.869  11.406  1.000 31.232 ? 652 HOH A O   1 ? 
HETATM 969 O  O   . HOH D 3 .   ? 5.885   -7.459  -20.585 1.000 32.163 ? 653 HOH A O   1 ? 
HETATM 970 O  O   . HOH D 3 .   ? -0.878  16.690  1.710   1.000 35.533 ? 654 HOH A O   1 ? 
HETATM 971 O  O   . HOH D 3 .   ? 3.668   -8.612  3.706   1.000 9.771  ? 655 HOH A O   1 ? 
HETATM 972 O  O   . HOH D 3 .   ? -2.643  17.034  6.278   1.000 24.627 ? 656 HOH A O   1 ? 
HETATM 973 O  O   . HOH D 3 .   ? 13.086  10.722  -6.749  1.000 28.646 ? 657 HOH A O   1 ? 
HETATM 974 O  O   . HOH D 3 .   ? 5.979   5.669   21.228  1.000 30.757 ? 658 HOH A O   1 ? 
HETATM 975 O  O   . HOH D 3 .   ? 10.426  9.935   12.177  1.000 7.036  ? 659 HOH A O   1 ? 
HETATM 976 O  O   . HOH D 3 .   ? 12.214  -1.765  15.368  1.000 31.961 ? 660 HOH A O   1 ? 
HETATM 977 O  O   . HOH D 3 .   ? 11.622  3.454   17.425  1.000 35.581 ? 661 HOH A O   1 ? 
HETATM 978 O  O   . HOH D 3 .   ? 3.274   8.266   21.232  1.000 43.024 ? 662 HOH A O   1 ? 
HETATM 979 O  O   . HOH D 3 .   ? 5.887   7.679   21.721  1.000 30.644 ? 663 HOH A O   1 ? 
HETATM 980 O  O   . HOH D 3 .   ? 9.409   -4.127  8.293   1.000 26.923 ? 664 HOH A O   1 ? 
HETATM 981 O  O   . HOH D 3 .   ? 4.324   -12.157 5.164   1.000 37.402 ? 665 HOH A O   1 ? 
HETATM 982 O  O   . HOH D 3 .   ? 6.333   -7.065  15.104  1.000 33.123 ? 666 HOH A O   1 ? 
HETATM 983 O  O   . HOH D 3 .   ? 9.754   9.567   9.466   0.500 7.504  ? 667 HOH A O   1 ? 
# 
loop_
_pdbx_poly_seq_scheme.asym_id 
_pdbx_poly_seq_scheme.entity_id 
_pdbx_poly_seq_scheme.seq_id 
_pdbx_poly_seq_scheme.mon_id 
_pdbx_poly_seq_scheme.ndb_seq_num 
_pdbx_poly_seq_scheme.pdb_seq_num 
_pdbx_poly_seq_scheme.auth_seq_num 
_pdbx_poly_seq_scheme.pdb_mon_id 
_pdbx_poly_seq_scheme.auth_mon_id 
_pdbx_poly_seq_scheme.pdb_strand_id 
_pdbx_poly_seq_scheme.pdb_ins_code 
_pdbx_poly_seq_scheme.hetero 
A 1 1   MET 1   1   1   MET MET A . n 
A 1 2   GLN 2   2   2   GLN GLN A . n 
A 1 3   PHE 3   3   3   PHE PHE A . n 
A 1 4   LYS 4   4   4   LYS LYS A . n 
A 1 5   VAL 5   5   5   VAL VAL A . n 
A 1 6   TYR 6   6   6   TYR TYR A . n 
A 1 7   THR 7   7   7   THR THR A . n 
A 1 8   TYR 8   8   8   TYR TYR A . n 
A 1 9   LYS 9   9   9   LYS LYS A . n 
A 1 10  ARG 10  10  10  ARG ARG A . n 
A 1 11  GLU 11  11  11  GLU GLU A . n 
A 1 12  SER 12  12  12  SER SER A . n 
A 1 13  ARG 13  13  13  ARG ARG A . n 
A 1 14  TYR 14  14  14  TYR TYR A . n 
A 1 15  ARG 15  15  15  ARG ARG A . n 
A 1 16  LEU 16  16  16  LEU LEU A . n 
A 1 17  PHE 17  17  17  PHE PHE A . n 
A 1 18  VAL 18  18  18  VAL VAL A . n 
A 1 19  ASP 19  19  19  ASP ASP A . n 
A 1 20  VAL 20  20  20  VAL VAL A . n 
A 1 21  GLN 21  21  21  GLN GLN A . n 
A 1 22  SER 22  22  22  SER SER A . n 
A 1 23  ASP 23  23  23  ASP ASP A . n 
A 1 24  ILE 24  24  24  ILE ILE A . n 
A 1 25  ILE 25  25  25  ILE ILE A . n 
A 1 26  ASP 26  26  26  ASP ASP A . n 
A 1 27  THR 27  27  27  THR THR A . n 
A 1 28  PRO 28  28  28  PRO PRO A . n 
A 1 29  GLY 29  29  29  GLY GLY A . n 
A 1 30  ARG 30  30  30  ARG ARG A . n 
A 1 31  ARG 31  31  31  ARG ARG A . n 
A 1 32  MET 32  32  32  MET MET A . n 
A 1 33  VAL 33  33  33  VAL VAL A . n 
A 1 34  ILE 34  34  34  ILE ILE A . n 
A 1 35  PRO 35  35  35  PRO PRO A . n 
A 1 36  LEU 36  36  36  LEU LEU A . n 
A 1 37  ALA 37  37  37  ALA ALA A . n 
A 1 38  SER 38  38  38  SER SER A . n 
A 1 39  ALA 39  39  39  ALA ALA A . n 
A 1 40  ARG 40  40  40  ARG ARG A . n 
A 1 41  LEU 41  41  41  LEU LEU A . n 
A 1 42  LEU 42  42  42  LEU LEU A . n 
A 1 43  SER 43  43  43  SER SER A . n 
A 1 44  ASP 44  44  44  ASP ASP A . n 
A 1 45  LYS 45  45  45  LYS LYS A . n 
A 1 46  LEU 46  46  46  LEU LEU A . n 
A 1 47  SER 47  47  47  SER SER A . n 
A 1 48  ARG 48  48  48  ARG ARG A . n 
A 1 49  GLU 49  49  49  GLU GLU A . n 
A 1 50  LEU 50  50  50  LEU LEU A . n 
A 1 51  TYR 51  51  51  TYR TYR A . n 
A 1 52  PRO 52  52  52  PRO PRO A . n 
A 1 53  VAL 53  53  53  VAL VAL A . n 
A 1 54  VAL 54  54  54  VAL VAL A . n 
A 1 55  HIS 55  55  55  HIS HIS A . n 
A 1 56  ILE 56  56  56  ILE ILE A . n 
A 1 57  GLY 57  57  57  GLY GLY A . n 
A 1 58  ASP 58  58  58  ASP ASP A . n 
A 1 59  GLU 59  59  59  GLU GLU A . n 
A 1 60  SER 60  60  60  SER SER A . n 
A 1 61  TRP 61  61  61  TRP TRP A . n 
A 1 62  ARG 62  62  62  ARG ARG A . n 
A 1 63  MET 63  63  63  MET MET A . n 
A 1 64  MET 64  64  64  MET MET A . n 
A 1 65  THR 65  65  65  THR THR A . n 
A 1 66  THR 66  66  66  THR THR A . n 
A 1 67  ASP 67  67  67  ASP ASP A . n 
A 1 68  MET 68  68  68  MET MET A . n 
A 1 69  ALA 69  69  69  ALA ALA A . n 
A 1 70  SER 70  70  70  SER SER A . n 
A 1 71  VAL 71  71  71  VAL VAL A . n 
A 1 72  PRO 72  72  72  PRO PRO A . n 
A 1 73  VAL 73  73  73  VAL VAL A . n 
A 1 74  SER 74  74  74  SER SER A . n 
A 1 75  VAL 75  75  75  VAL VAL A . n 
A 1 76  ILE 76  76  76  ILE ILE A . n 
A 1 77  GLY 77  77  77  GLY GLY A . n 
A 1 78  GLU 78  78  78  GLU GLU A . n 
A 1 79  GLU 79  79  79  GLU GLU A . n 
A 1 80  VAL 80  80  80  VAL VAL A . n 
A 1 81  ALA 81  81  81  ALA ALA A . n 
A 1 82  ASP 82  82  82  ASP ASP A . n 
A 1 83  LEU 83  83  83  LEU LEU A . n 
A 1 84  SER 84  84  84  SER SER A . n 
A 1 85  HIS 85  85  85  HIS HIS A . n 
A 1 86  ARG 86  86  86  ARG ARG A . n 
A 1 87  GLU 87  87  87  GLU GLU A . n 
A 1 88  ASN 88  88  88  ASN ASN A . n 
A 1 89  ASP 89  89  89  ASP ASP A . n 
A 1 90  ILE 90  90  90  ILE ILE A . n 
A 1 91  LYS 91  91  91  LYS LYS A . n 
A 1 92  ASN 92  92  92  ASN ASN A . n 
A 1 93  ALA 93  93  93  ALA ALA A . n 
A 1 94  ILE 94  94  94  ILE ILE A . n 
A 1 95  ASN 95  95  95  ASN ASN A . n 
A 1 96  LEU 96  96  96  LEU LEU A . n 
A 1 97  MET 97  97  97  MET MET A . n 
A 1 98  PHE 98  98  98  PHE PHE A . n 
A 1 99  TRP 99  99  99  TRP TRP A . n 
A 1 100 GLY 100 100 100 GLY GLY A . n 
A 1 101 ILE 101 101 101 ILE ILE A . n 
# 
loop_
_pdbx_nonpoly_scheme.asym_id 
_pdbx_nonpoly_scheme.entity_id 
_pdbx_nonpoly_scheme.mon_id 
_pdbx_nonpoly_scheme.ndb_seq_num 
_pdbx_nonpoly_scheme.pdb_seq_num 
_pdbx_nonpoly_scheme.auth_seq_num 
_pdbx_nonpoly_scheme.pdb_mon_id 
_pdbx_nonpoly_scheme.auth_mon_id 
_pdbx_nonpoly_scheme.pdb_strand_id 
_pdbx_nonpoly_scheme.pdb_ins_code 
B 2 CL  1   400 400 CL  CL  A . 
C 2 CL  1   401 401 CL  CL  A . 
D 3 HOH 1   501 320 HOH HOH A . 
D 3 HOH 2   502 366 HOH HOH A . 
D 3 HOH 3   503 341 HOH HOH A . 
D 3 HOH 4   504 306 HOH HOH A . 
D 3 HOH 5   505 266 HOH HOH A . 
D 3 HOH 6   506 256 HOH HOH A . 
D 3 HOH 7   507 288 HOH HOH A . 
D 3 HOH 8   508 336 HOH HOH A . 
D 3 HOH 9   509 308 HOH HOH A . 
D 3 HOH 10  510 362 HOH HOH A . 
D 3 HOH 11  511 265 HOH HOH A . 
D 3 HOH 12  512 263 HOH HOH A . 
D 3 HOH 13  513 259 HOH HOH A . 
D 3 HOH 14  514 322 HOH HOH A . 
D 3 HOH 15  515 305 HOH HOH A . 
D 3 HOH 16  516 267 HOH HOH A . 
D 3 HOH 17  517 315 HOH HOH A . 
D 3 HOH 18  518 239 HOH HOH A . 
D 3 HOH 19  519 350 HOH HOH A . 
D 3 HOH 20  520 229 HOH HOH A . 
D 3 HOH 21  521 321 HOH HOH A . 
D 3 HOH 22  522 319 HOH HOH A . 
D 3 HOH 23  523 348 HOH HOH A . 
D 3 HOH 24  524 317 HOH HOH A . 
D 3 HOH 25  525 264 HOH HOH A . 
D 3 HOH 26  526 222 HOH HOH A . 
D 3 HOH 27  527 314 HOH HOH A . 
D 3 HOH 28  528 200 HOH HOH A . 
D 3 HOH 29  529 234 HOH HOH A . 
D 3 HOH 30  530 262 HOH HOH A . 
D 3 HOH 31  531 344 HOH HOH A . 
D 3 HOH 32  532 243 HOH HOH A . 
D 3 HOH 33  533 242 HOH HOH A . 
D 3 HOH 34  534 223 HOH HOH A . 
D 3 HOH 35  535 285 HOH HOH A . 
D 3 HOH 36  536 209 HOH HOH A . 
D 3 HOH 37  537 217 HOH HOH A . 
D 3 HOH 38  538 302 HOH HOH A . 
D 3 HOH 39  539 248 HOH HOH A . 
D 3 HOH 40  540 303 HOH HOH A . 
D 3 HOH 41  541 359 HOH HOH A . 
D 3 HOH 42  542 325 HOH HOH A . 
D 3 HOH 43  543 202 HOH HOH A . 
D 3 HOH 44  544 241 HOH HOH A . 
D 3 HOH 45  545 269 HOH HOH A . 
D 3 HOH 46  546 360 HOH HOH A . 
D 3 HOH 47  547 294 HOH HOH A . 
D 3 HOH 48  548 237 HOH HOH A . 
D 3 HOH 49  549 331 HOH HOH A . 
D 3 HOH 50  550 214 HOH HOH A . 
D 3 HOH 51  551 206 HOH HOH A . 
D 3 HOH 52  552 218 HOH HOH A . 
D 3 HOH 53  553 219 HOH HOH A . 
D 3 HOH 54  554 238 HOH HOH A . 
D 3 HOH 55  555 201 HOH HOH A . 
D 3 HOH 56  556 224 HOH HOH A . 
D 3 HOH 57  557 328 HOH HOH A . 
D 3 HOH 58  558 270 HOH HOH A . 
D 3 HOH 59  559 296 HOH HOH A . 
D 3 HOH 60  560 236 HOH HOH A . 
D 3 HOH 61  561 220 HOH HOH A . 
D 3 HOH 62  562 300 HOH HOH A . 
D 3 HOH 63  563 207 HOH HOH A . 
D 3 HOH 64  564 203 HOH HOH A . 
D 3 HOH 65  565 356 HOH HOH A . 
D 3 HOH 66  566 216 HOH HOH A . 
D 3 HOH 67  567 351 HOH HOH A . 
D 3 HOH 68  568 246 HOH HOH A . 
D 3 HOH 69  569 339 HOH HOH A . 
D 3 HOH 70  570 330 HOH HOH A . 
D 3 HOH 71  571 231 HOH HOH A . 
D 3 HOH 72  572 210 HOH HOH A . 
D 3 HOH 73  573 225 HOH HOH A . 
D 3 HOH 74  574 245 HOH HOH A . 
D 3 HOH 75  575 278 HOH HOH A . 
D 3 HOH 76  576 204 HOH HOH A . 
D 3 HOH 77  577 221 HOH HOH A . 
D 3 HOH 78  578 233 HOH HOH A . 
D 3 HOH 79  579 247 HOH HOH A . 
D 3 HOH 80  580 290 HOH HOH A . 
D 3 HOH 81  581 215 HOH HOH A . 
D 3 HOH 82  582 272 HOH HOH A . 
D 3 HOH 83  583 249 HOH HOH A . 
D 3 HOH 84  584 226 HOH HOH A . 
D 3 HOH 85  585 282 HOH HOH A . 
D 3 HOH 86  586 333 HOH HOH A . 
D 3 HOH 87  587 297 HOH HOH A . 
D 3 HOH 88  588 213 HOH HOH A . 
D 3 HOH 89  589 327 HOH HOH A . 
D 3 HOH 90  590 301 HOH HOH A . 
D 3 HOH 91  591 257 HOH HOH A . 
D 3 HOH 92  592 208 HOH HOH A . 
D 3 HOH 93  593 343 HOH HOH A . 
D 3 HOH 94  594 244 HOH HOH A . 
D 3 HOH 95  595 277 HOH HOH A . 
D 3 HOH 96  596 230 HOH HOH A . 
D 3 HOH 97  597 250 HOH HOH A . 
D 3 HOH 98  598 295 HOH HOH A . 
D 3 HOH 99  599 260 HOH HOH A . 
D 3 HOH 100 600 252 HOH HOH A . 
D 3 HOH 101 601 211 HOH HOH A . 
D 3 HOH 102 602 261 HOH HOH A . 
D 3 HOH 103 603 235 HOH HOH A . 
D 3 HOH 104 604 251 HOH HOH A . 
D 3 HOH 105 605 329 HOH HOH A . 
D 3 HOH 106 606 253 HOH HOH A . 
D 3 HOH 107 607 311 HOH HOH A . 
D 3 HOH 108 608 254 HOH HOH A . 
D 3 HOH 109 609 232 HOH HOH A . 
D 3 HOH 110 610 240 HOH HOH A . 
D 3 HOH 111 611 310 HOH HOH A . 
D 3 HOH 112 612 292 HOH HOH A . 
D 3 HOH 113 613 324 HOH HOH A . 
D 3 HOH 114 614 355 HOH HOH A . 
D 3 HOH 115 615 334 HOH HOH A . 
D 3 HOH 116 616 279 HOH HOH A . 
D 3 HOH 117 617 349 HOH HOH A . 
D 3 HOH 118 618 340 HOH HOH A . 
D 3 HOH 119 619 287 HOH HOH A . 
D 3 HOH 120 620 283 HOH HOH A . 
D 3 HOH 121 621 352 HOH HOH A . 
D 3 HOH 122 622 309 HOH HOH A . 
D 3 HOH 123 623 271 HOH HOH A . 
D 3 HOH 124 624 289 HOH HOH A . 
D 3 HOH 125 625 312 HOH HOH A . 
D 3 HOH 126 626 227 HOH HOH A . 
D 3 HOH 127 627 274 HOH HOH A . 
D 3 HOH 128 628 276 HOH HOH A . 
D 3 HOH 129 629 291 HOH HOH A . 
D 3 HOH 130 630 346 HOH HOH A . 
D 3 HOH 131 631 338 HOH HOH A . 
D 3 HOH 132 632 323 HOH HOH A . 
D 3 HOH 133 633 337 HOH HOH A . 
D 3 HOH 134 634 354 HOH HOH A . 
D 3 HOH 135 635 258 HOH HOH A . 
D 3 HOH 136 636 307 HOH HOH A . 
D 3 HOH 137 637 268 HOH HOH A . 
D 3 HOH 138 638 212 HOH HOH A . 
D 3 HOH 139 639 284 HOH HOH A . 
D 3 HOH 140 640 353 HOH HOH A . 
D 3 HOH 141 641 299 HOH HOH A . 
D 3 HOH 142 642 255 HOH HOH A . 
D 3 HOH 143 643 364 HOH HOH A . 
D 3 HOH 144 644 342 HOH HOH A . 
D 3 HOH 145 645 286 HOH HOH A . 
D 3 HOH 146 646 332 HOH HOH A . 
D 3 HOH 147 647 361 HOH HOH A . 
D 3 HOH 148 648 363 HOH HOH A . 
D 3 HOH 149 649 313 HOH HOH A . 
D 3 HOH 150 650 205 HOH HOH A . 
D 3 HOH 151 651 316 HOH HOH A . 
D 3 HOH 152 652 275 HOH HOH A . 
D 3 HOH 153 653 358 HOH HOH A . 
D 3 HOH 154 654 345 HOH HOH A . 
D 3 HOH 155 655 280 HOH HOH A . 
D 3 HOH 156 656 304 HOH HOH A . 
D 3 HOH 157 657 318 HOH HOH A . 
D 3 HOH 158 658 273 HOH HOH A . 
D 3 HOH 159 659 281 HOH HOH A . 
D 3 HOH 160 660 347 HOH HOH A . 
D 3 HOH 161 661 326 HOH HOH A . 
D 3 HOH 162 662 293 HOH HOH A . 
D 3 HOH 163 663 335 HOH HOH A . 
D 3 HOH 164 664 298 HOH HOH A . 
D 3 HOH 165 665 365 HOH HOH A . 
D 3 HOH 166 666 357 HOH HOH A . 
D 3 HOH 167 667 228 HOH HOH A . 
# 
_pdbx_struct_assembly.id                   1 
_pdbx_struct_assembly.details              author_and_software_defined_assembly 
_pdbx_struct_assembly.method_details       PISA 
_pdbx_struct_assembly.oligomeric_details   dimeric 
_pdbx_struct_assembly.oligomeric_count     2 
# 
_pdbx_struct_assembly_gen.assembly_id       1 
_pdbx_struct_assembly_gen.oper_expression   1,2 
_pdbx_struct_assembly_gen.asym_id_list      A,B,C,D 
# 
loop_
_pdbx_struct_assembly_prop.biol_id 
_pdbx_struct_assembly_prop.type 
_pdbx_struct_assembly_prop.value 
_pdbx_struct_assembly_prop.details 
1 'ABSA (A^2)' 1950  ? 
1 MORE         -18   ? 
1 'SSA (A^2)'  10070 ? 
# 
loop_
_pdbx_struct_oper_list.id 
_pdbx_struct_oper_list.type 
_pdbx_struct_oper_list.name 
_pdbx_struct_oper_list.symmetry_operation 
_pdbx_struct_oper_list.matrix[1][1] 
_pdbx_struct_oper_list.matrix[1][2] 
_pdbx_struct_oper_list.matrix[1][3] 
_pdbx_struct_oper_list.vector[1] 
_pdbx_struct_oper_list.matrix[2][1] 
_pdbx_struct_oper_list.matrix[2][2] 
_pdbx_struct_oper_list.matrix[2][3] 
_pdbx_struct_oper_list.vector[2] 
_pdbx_struct_oper_list.matrix[3][1] 
_pdbx_struct_oper_list.matrix[3][2] 
_pdbx_struct_oper_list.matrix[3][3] 
_pdbx_struct_oper_list.vector[3] 
1 'identity operation'         1_555 x,y,z   1.0000000000 0.0000000000  0.0000000000 0.0000000000  0.0000000000  1.0000000000  0.0000000000  0.0000000000  0.0000000000 0.0000000000  1.0000000000  0.0000000000  
2 'crystal symmetry operation' 2_555 -x,y,-z 0.3237743624 -0.9130898368 0.2478651088 -7.5615478742 -0.9130898368 -0.3701849244 -0.1709680427 -5.7879752132 0.2478651088 -0.1709680427 -0.9535894380 19.0621499557 
# 
loop_
_pdbx_struct_special_symmetry.id 
_pdbx_struct_special_symmetry.PDB_model_num 
_pdbx_struct_special_symmetry.auth_asym_id 
_pdbx_struct_special_symmetry.auth_comp_id 
_pdbx_struct_special_symmetry.auth_seq_id 
_pdbx_struct_special_symmetry.PDB_ins_code 
_pdbx_struct_special_symmetry.label_asym_id 
_pdbx_struct_special_symmetry.label_comp_id 
_pdbx_struct_special_symmetry.label_seq_id 
1 1 A HOH 636 ? D HOH . 
2 1 A HOH 667 ? D HOH . 
# 
loop_
_pdbx_audit_revision_history.ordinal 
_pdbx_audit_revision_history.data_content_type 
_pdbx_audit_revision_history.major_revision 
_pdbx_audit_revision_history.minor_revision 
_pdbx_audit_revision_history.revision_date 
1 'Structure model' 1 0 2022-06-08 
2 'Structure model' 1 1 2022-12-21 
3 'Structure model' 1 2 2023-11-29 
# 
_pdbx_audit_revision_details.ordinal             1 
_pdbx_audit_revision_details.revision_ordinal    1 
_pdbx_audit_revision_details.data_content_type   'Structure model' 
_pdbx_audit_revision_details.provider            repository 
_pdbx_audit_revision_details.type                'Initial release' 
_pdbx_audit_revision_details.description         ? 
_pdbx_audit_revision_details.details             ? 
# 
loop_
_pdbx_audit_revision_group.ordinal 
_pdbx_audit_revision_group.revision_ordinal 
_pdbx_audit_revision_group.data_content_type 
_pdbx_audit_revision_group.group 
1 2 'Structure model' 'Database references'    
2 2 'Structure model' 'Derived calculations'   
3 3 'Structure model' 'Data collection'        
4 3 'Structure model' 'Refinement description' 
# 
loop_
_pdbx_audit_revision_category.ordinal 
_pdbx_audit_revision_category.revision_ordinal 
_pdbx_audit_revision_category.data_content_type 
_pdbx_audit_revision_category.category 
1 2 'Structure model' atom_type                     
2 2 'Structure model' citation                      
3 2 'Structure model' citation_author               
4 3 'Structure model' chem_comp_atom                
5 3 'Structure model' chem_comp_bond                
6 3 'Structure model' pdbx_initial_refinement_model 
# 
loop_
_pdbx_audit_revision_item.ordinal 
_pdbx_audit_revision_item.revision_ordinal 
_pdbx_audit_revision_item.data_content_type 
_pdbx_audit_revision_item.item 
1  2 'Structure model' '_atom_type.pdbx_N_electrons'       
2  2 'Structure model' '_atom_type.pdbx_scat_Z'            
3  2 'Structure model' '_citation.country'                 
4  2 'Structure model' '_citation.journal_abbrev'          
5  2 'Structure model' '_citation.journal_id_CSD'          
6  2 'Structure model' '_citation.journal_id_ISSN'         
7  2 'Structure model' '_citation.journal_volume'          
8  2 'Structure model' '_citation.page_first'              
9  2 'Structure model' '_citation.page_last'               
10 2 'Structure model' '_citation.pdbx_database_id_DOI'    
11 2 'Structure model' '_citation.pdbx_database_id_PubMed' 
12 2 'Structure model' '_citation.title'                   
13 2 'Structure model' '_citation.year'                    
# 
loop_
_software.citation_id 
_software.classification 
_software.compiler_name 
_software.compiler_version 
_software.contact_author 
_software.contact_author_email 
_software.date 
_software.description 
_software.dependencies 
_software.hardware 
_software.language 
_software.location 
_software.mods 
_software.name 
_software.os 
_software.os_version 
_software.type 
_software.version 
_software.pdbx_ordinal 
? refinement       ? ? ? ? ? ? ? ? ? ? ? REFMAC ? ? ? 5.8.0258 1 
? 'data reduction' ? ? ? ? ? ? ? ? ? ? ? MOSFLM ? ? ? 7.2.2    2 
? 'data scaling'   ? ? ? ? ? ? ? ? ? ? ? SCALA  ? ? ? 3.3.22   3 
? phasing          ? ? ? ? ? ? ? ? ? ? ? PHASER ? ? ? 2.8.3    4 
# 
_pdbx_entry_details.entry_id                 7EPJ 
_pdbx_entry_details.has_ligand_of_interest   N 
_pdbx_entry_details.compound_details         ? 
_pdbx_entry_details.source_details           ? 
_pdbx_entry_details.nonpolymer_details       ? 
_pdbx_entry_details.sequence_details         ? 
# 
loop_
_pdbx_validate_close_contact.id 
_pdbx_validate_close_contact.PDB_model_num 
_pdbx_validate_close_contact.auth_atom_id_1 
_pdbx_validate_close_contact.auth_asym_id_1 
_pdbx_validate_close_contact.auth_comp_id_1 
_pdbx_validate_close_contact.auth_seq_id_1 
_pdbx_validate_close_contact.PDB_ins_code_1 
_pdbx_validate_close_contact.label_alt_id_1 
_pdbx_validate_close_contact.auth_atom_id_2 
_pdbx_validate_close_contact.auth_asym_id_2 
_pdbx_validate_close_contact.auth_comp_id_2 
_pdbx_validate_close_contact.auth_seq_id_2 
_pdbx_validate_close_contact.PDB_ins_code_2 
_pdbx_validate_close_contact.label_alt_id_2 
_pdbx_validate_close_contact.dist 
1 1 O   A HOH 507 ? ? O A HOH 536 ? ? 1.93 
2 1 O   A HOH 503 ? ? O A HOH 608 ? ? 2.03 
3 1 O   A HOH 524 ? ? O A HOH 536 ? ? 2.05 
4 1 O   A HOH 658 ? ? O A HOH 663 ? ? 2.07 
5 1 OD1 A ASN 92  ? ? O A HOH 501 ? ? 2.10 
6 1 OD1 A ASN 95  ? ? O A HOH 502 ? ? 2.13 
7 1 O   A HOH 536 ? ? O A HOH 619 ? ? 2.14 
8 1 O   A HOH 536 ? ? O A HOH 628 ? ? 2.14 
# 
loop_
_pdbx_validate_symm_contact.id 
_pdbx_validate_symm_contact.PDB_model_num 
_pdbx_validate_symm_contact.auth_atom_id_1 
_pdbx_validate_symm_contact.auth_asym_id_1 
_pdbx_validate_symm_contact.auth_comp_id_1 
_pdbx_validate_symm_contact.auth_seq_id_1 
_pdbx_validate_symm_contact.PDB_ins_code_1 
_pdbx_validate_symm_contact.label_alt_id_1 
_pdbx_validate_symm_contact.site_symmetry_1 
_pdbx_validate_symm_contact.auth_atom_id_2 
_pdbx_validate_symm_contact.auth_asym_id_2 
_pdbx_validate_symm_contact.auth_comp_id_2 
_pdbx_validate_symm_contact.auth_seq_id_2 
_pdbx_validate_symm_contact.PDB_ins_code_2 
_pdbx_validate_symm_contact.label_alt_id_2 
_pdbx_validate_symm_contact.site_symmetry_2 
_pdbx_validate_symm_contact.dist 
1 1 O A HOH 502 ? ? 1_555 O A HOH 502 ? ? 2_555 1.83 
2 1 O A HOH 559 ? ? 1_555 O A HOH 591 ? ? 4_546 1.96 
3 1 O A HOH 510 ? ? 1_555 O A HOH 510 ? ? 2_555 2.11 
# 
_pdbx_distant_solvent_atoms.id                                1 
_pdbx_distant_solvent_atoms.PDB_model_num                     1 
_pdbx_distant_solvent_atoms.auth_atom_id                      O 
_pdbx_distant_solvent_atoms.label_alt_id                      ? 
_pdbx_distant_solvent_atoms.auth_asym_id                      A 
_pdbx_distant_solvent_atoms.auth_comp_id                      HOH 
_pdbx_distant_solvent_atoms.auth_seq_id                       667 
_pdbx_distant_solvent_atoms.PDB_ins_code                      ? 
_pdbx_distant_solvent_atoms.neighbor_macromolecule_distance   6.36 
_pdbx_distant_solvent_atoms.neighbor_ligand_distance          . 
# 
loop_
_pdbx_unobs_or_zero_occ_atoms.id 
_pdbx_unobs_or_zero_occ_atoms.PDB_model_num 
_pdbx_unobs_or_zero_occ_atoms.polymer_flag 
_pdbx_unobs_or_zero_occ_atoms.occupancy_flag 
_pdbx_unobs_or_zero_occ_atoms.auth_asym_id 
_pdbx_unobs_or_zero_occ_atoms.auth_comp_id 
_pdbx_unobs_or_zero_occ_atoms.auth_seq_id 
_pdbx_unobs_or_zero_occ_atoms.PDB_ins_code 
_pdbx_unobs_or_zero_occ_atoms.auth_atom_id 
_pdbx_unobs_or_zero_occ_atoms.label_alt_id 
_pdbx_unobs_or_zero_occ_atoms.label_asym_id 
_pdbx_unobs_or_zero_occ_atoms.label_comp_id 
_pdbx_unobs_or_zero_occ_atoms.label_seq_id 
_pdbx_unobs_or_zero_occ_atoms.label_atom_id 
1  1 Y 1 A ARG 13  ? CZ  ? A ARG 13  CZ  
2  1 Y 1 A ARG 13  ? NH1 ? A ARG 13  NH1 
3  1 Y 1 A ARG 13  ? NH2 ? A ARG 13  NH2 
4  1 Y 1 A ARG 40  ? CB  ? A ARG 40  CB  
5  1 Y 1 A ARG 40  ? CG  ? A ARG 40  CG  
6  1 Y 1 A ARG 40  ? CD  ? A ARG 40  CD  
7  1 Y 1 A ARG 40  ? NE  ? A ARG 40  NE  
8  1 Y 1 A ARG 40  ? CZ  ? A ARG 40  CZ  
9  1 Y 1 A ARG 40  ? NH1 ? A ARG 40  NH1 
10 1 Y 1 A ARG 40  ? NH2 ? A ARG 40  NH2 
11 1 Y 1 A LEU 41  ? CG  ? A LEU 41  CG  
12 1 Y 1 A LEU 41  ? CD1 ? A LEU 41  CD1 
13 1 Y 1 A LEU 41  ? CD2 ? A LEU 41  CD2 
14 1 Y 1 A SER 43  ? CB  ? A SER 43  CB  
15 1 Y 1 A SER 43  ? OG  ? A SER 43  OG  
16 1 Y 1 A ASP 44  ? CB  ? A ASP 44  CB  
17 1 Y 1 A ASP 44  ? CG  ? A ASP 44  CG  
18 1 Y 1 A ASP 44  ? OD1 ? A ASP 44  OD1 
19 1 Y 1 A ASP 44  ? OD2 ? A ASP 44  OD2 
20 1 Y 1 A LYS 45  ? CB  ? A LYS 45  CB  
21 1 Y 1 A LYS 45  ? CG  ? A LYS 45  CG  
22 1 Y 1 A LYS 45  ? CD  ? A LYS 45  CD  
23 1 Y 1 A LYS 45  ? CE  ? A LYS 45  CE  
24 1 Y 1 A LYS 45  ? NZ  ? A LYS 45  NZ  
25 1 Y 1 A ARG 48  ? NH1 ? A ARG 48  NH1 
26 1 Y 1 A ARG 48  ? NH2 ? A ARG 48  NH2 
27 1 Y 1 A ILE 101 ? CG1 ? A ILE 101 CG1 
28 1 Y 1 A ILE 101 ? CG2 ? A ILE 101 CG2 
29 1 Y 1 A ILE 101 ? CD1 ? A ILE 101 CD1 
# 
loop_
_chem_comp_atom.comp_id 
_chem_comp_atom.atom_id 
_chem_comp_atom.type_symbol 
_chem_comp_atom.pdbx_aromatic_flag 
_chem_comp_atom.pdbx_stereo_config 
_chem_comp_atom.pdbx_ordinal 
ALA N    N  N N 1   
ALA CA   C  N S 2   
ALA C    C  N N 3   
ALA O    O  N N 4   
ALA CB   C  N N 5   
ALA OXT  O  N N 6   
ALA H    H  N N 7   
ALA H2   H  N N 8   
ALA HA   H  N N 9   
ALA HB1  H  N N 10  
ALA HB2  H  N N 11  
ALA HB3  H  N N 12  
ALA HXT  H  N N 13  
ARG N    N  N N 14  
ARG CA   C  N S 15  
ARG C    C  N N 16  
ARG O    O  N N 17  
ARG CB   C  N N 18  
ARG CG   C  N N 19  
ARG CD   C  N N 20  
ARG NE   N  N N 21  
ARG CZ   C  N N 22  
ARG NH1  N  N N 23  
ARG NH2  N  N N 24  
ARG OXT  O  N N 25  
ARG H    H  N N 26  
ARG H2   H  N N 27  
ARG HA   H  N N 28  
ARG HB2  H  N N 29  
ARG HB3  H  N N 30  
ARG HG2  H  N N 31  
ARG HG3  H  N N 32  
ARG HD2  H  N N 33  
ARG HD3  H  N N 34  
ARG HE   H  N N 35  
ARG HH11 H  N N 36  
ARG HH12 H  N N 37  
ARG HH21 H  N N 38  
ARG HH22 H  N N 39  
ARG HXT  H  N N 40  
ASN N    N  N N 41  
ASN CA   C  N S 42  
ASN C    C  N N 43  
ASN O    O  N N 44  
ASN CB   C  N N 45  
ASN CG   C  N N 46  
ASN OD1  O  N N 47  
ASN ND2  N  N N 48  
ASN OXT  O  N N 49  
ASN H    H  N N 50  
ASN H2   H  N N 51  
ASN HA   H  N N 52  
ASN HB2  H  N N 53  
ASN HB3  H  N N 54  
ASN HD21 H  N N 55  
ASN HD22 H  N N 56  
ASN HXT  H  N N 57  
ASP N    N  N N 58  
ASP CA   C  N S 59  
ASP C    C  N N 60  
ASP O    O  N N 61  
ASP CB   C  N N 62  
ASP CG   C  N N 63  
ASP OD1  O  N N 64  
ASP OD2  O  N N 65  
ASP OXT  O  N N 66  
ASP H    H  N N 67  
ASP H2   H  N N 68  
ASP HA   H  N N 69  
ASP HB2  H  N N 70  
ASP HB3  H  N N 71  
ASP HD2  H  N N 72  
ASP HXT  H  N N 73  
CL  CL   CL N N 74  
GLN N    N  N N 75  
GLN CA   C  N S 76  
GLN C    C  N N 77  
GLN O    O  N N 78  
GLN CB   C  N N 79  
GLN CG   C  N N 80  
GLN CD   C  N N 81  
GLN OE1  O  N N 82  
GLN NE2  N  N N 83  
GLN OXT  O  N N 84  
GLN H    H  N N 85  
GLN H2   H  N N 86  
GLN HA   H  N N 87  
GLN HB2  H  N N 88  
GLN HB3  H  N N 89  
GLN HG2  H  N N 90  
GLN HG3  H  N N 91  
GLN HE21 H  N N 92  
GLN HE22 H  N N 93  
GLN HXT  H  N N 94  
GLU N    N  N N 95  
GLU CA   C  N S 96  
GLU C    C  N N 97  
GLU O    O  N N 98  
GLU CB   C  N N 99  
GLU CG   C  N N 100 
GLU CD   C  N N 101 
GLU OE1  O  N N 102 
GLU OE2  O  N N 103 
GLU OXT  O  N N 104 
GLU H    H  N N 105 
GLU H2   H  N N 106 
GLU HA   H  N N 107 
GLU HB2  H  N N 108 
GLU HB3  H  N N 109 
GLU HG2  H  N N 110 
GLU HG3  H  N N 111 
GLU HE2  H  N N 112 
GLU HXT  H  N N 113 
GLY N    N  N N 114 
GLY CA   C  N N 115 
GLY C    C  N N 116 
GLY O    O  N N 117 
GLY OXT  O  N N 118 
GLY H    H  N N 119 
GLY H2   H  N N 120 
GLY HA2  H  N N 121 
GLY HA3  H  N N 122 
GLY HXT  H  N N 123 
HIS N    N  N N 124 
HIS CA   C  N S 125 
HIS C    C  N N 126 
HIS O    O  N N 127 
HIS CB   C  N N 128 
HIS CG   C  Y N 129 
HIS ND1  N  Y N 130 
HIS CD2  C  Y N 131 
HIS CE1  C  Y N 132 
HIS NE2  N  Y N 133 
HIS OXT  O  N N 134 
HIS H    H  N N 135 
HIS H2   H  N N 136 
HIS HA   H  N N 137 
HIS HB2  H  N N 138 
HIS HB3  H  N N 139 
HIS HD1  H  N N 140 
HIS HD2  H  N N 141 
HIS HE1  H  N N 142 
HIS HE2  H  N N 143 
HIS HXT  H  N N 144 
HOH O    O  N N 145 
HOH H1   H  N N 146 
HOH H2   H  N N 147 
ILE N    N  N N 148 
ILE CA   C  N S 149 
ILE C    C  N N 150 
ILE O    O  N N 151 
ILE CB   C  N S 152 
ILE CG1  C  N N 153 
ILE CG2  C  N N 154 
ILE CD1  C  N N 155 
ILE OXT  O  N N 156 
ILE H    H  N N 157 
ILE H2   H  N N 158 
ILE HA   H  N N 159 
ILE HB   H  N N 160 
ILE HG12 H  N N 161 
ILE HG13 H  N N 162 
ILE HG21 H  N N 163 
ILE HG22 H  N N 164 
ILE HG23 H  N N 165 
ILE HD11 H  N N 166 
ILE HD12 H  N N 167 
ILE HD13 H  N N 168 
ILE HXT  H  N N 169 
LEU N    N  N N 170 
LEU CA   C  N S 171 
LEU C    C  N N 172 
LEU O    O  N N 173 
LEU CB   C  N N 174 
LEU CG   C  N N 175 
LEU CD1  C  N N 176 
LEU CD2  C  N N 177 
LEU OXT  O  N N 178 
LEU H    H  N N 179 
LEU H2   H  N N 180 
LEU HA   H  N N 181 
LEU HB2  H  N N 182 
LEU HB3  H  N N 183 
LEU HG   H  N N 184 
LEU HD11 H  N N 185 
LEU HD12 H  N N 186 
LEU HD13 H  N N 187 
LEU HD21 H  N N 188 
LEU HD22 H  N N 189 
LEU HD23 H  N N 190 
LEU HXT  H  N N 191 
LYS N    N  N N 192 
LYS CA   C  N S 193 
LYS C    C  N N 194 
LYS O    O  N N 195 
LYS CB   C  N N 196 
LYS CG   C  N N 197 
LYS CD   C  N N 198 
LYS CE   C  N N 199 
LYS NZ   N  N N 200 
LYS OXT  O  N N 201 
LYS H    H  N N 202 
LYS H2   H  N N 203 
LYS HA   H  N N 204 
LYS HB2  H  N N 205 
LYS HB3  H  N N 206 
LYS HG2  H  N N 207 
LYS HG3  H  N N 208 
LYS HD2  H  N N 209 
LYS HD3  H  N N 210 
LYS HE2  H  N N 211 
LYS HE3  H  N N 212 
LYS HZ1  H  N N 213 
LYS HZ2  H  N N 214 
LYS HZ3  H  N N 215 
LYS HXT  H  N N 216 
MET N    N  N N 217 
MET CA   C  N S 218 
MET C    C  N N 219 
MET O    O  N N 220 
MET CB   C  N N 221 
MET CG   C  N N 222 
MET SD   S  N N 223 
MET CE   C  N N 224 
MET OXT  O  N N 225 
MET H    H  N N 226 
MET H2   H  N N 227 
MET HA   H  N N 228 
MET HB2  H  N N 229 
MET HB3  H  N N 230 
MET HG2  H  N N 231 
MET HG3  H  N N 232 
MET HE1  H  N N 233 
MET HE2  H  N N 234 
MET HE3  H  N N 235 
MET HXT  H  N N 236 
PHE N    N  N N 237 
PHE CA   C  N S 238 
PHE C    C  N N 239 
PHE O    O  N N 240 
PHE CB   C  N N 241 
PHE CG   C  Y N 242 
PHE CD1  C  Y N 243 
PHE CD2  C  Y N 244 
PHE CE1  C  Y N 245 
PHE CE2  C  Y N 246 
PHE CZ   C  Y N 247 
PHE OXT  O  N N 248 
PHE H    H  N N 249 
PHE H2   H  N N 250 
PHE HA   H  N N 251 
PHE HB2  H  N N 252 
PHE HB3  H  N N 253 
PHE HD1  H  N N 254 
PHE HD2  H  N N 255 
PHE HE1  H  N N 256 
PHE HE2  H  N N 257 
PHE HZ   H  N N 258 
PHE HXT  H  N N 259 
PRO N    N  N N 260 
PRO CA   C  N S 261 
PRO C    C  N N 262 
PRO O    O  N N 263 
PRO CB   C  N N 264 
PRO CG   C  N N 265 
PRO CD   C  N N 266 
PRO OXT  O  N N 267 
PRO H    H  N N 268 
PRO HA   H  N N 269 
PRO HB2  H  N N 270 
PRO HB3  H  N N 271 
PRO HG2  H  N N 272 
PRO HG3  H  N N 273 
PRO HD2  H  N N 274 
PRO HD3  H  N N 275 
PRO HXT  H  N N 276 
SER N    N  N N 277 
SER CA   C  N S 278 
SER C    C  N N 279 
SER O    O  N N 280 
SER CB   C  N N 281 
SER OG   O  N N 282 
SER OXT  O  N N 283 
SER H    H  N N 284 
SER H2   H  N N 285 
SER HA   H  N N 286 
SER HB2  H  N N 287 
SER HB3  H  N N 288 
SER HG   H  N N 289 
SER HXT  H  N N 290 
THR N    N  N N 291 
THR CA   C  N S 292 
THR C    C  N N 293 
THR O    O  N N 294 
THR CB   C  N R 295 
THR OG1  O  N N 296 
THR CG2  C  N N 297 
THR OXT  O  N N 298 
THR H    H  N N 299 
THR H2   H  N N 300 
THR HA   H  N N 301 
THR HB   H  N N 302 
THR HG1  H  N N 303 
THR HG21 H  N N 304 
THR HG22 H  N N 305 
THR HG23 H  N N 306 
THR HXT  H  N N 307 
TRP N    N  N N 308 
TRP CA   C  N S 309 
TRP C    C  N N 310 
TRP O    O  N N 311 
TRP CB   C  N N 312 
TRP CG   C  Y N 313 
TRP CD1  C  Y N 314 
TRP CD2  C  Y N 315 
TRP NE1  N  Y N 316 
TRP CE2  C  Y N 317 
TRP CE3  C  Y N 318 
TRP CZ2  C  Y N 319 
TRP CZ3  C  Y N 320 
TRP CH2  C  Y N 321 
TRP OXT  O  N N 322 
TRP H    H  N N 323 
TRP H2   H  N N 324 
TRP HA   H  N N 325 
TRP HB2  H  N N 326 
TRP HB3  H  N N 327 
TRP HD1  H  N N 328 
TRP HE1  H  N N 329 
TRP HE3  H  N N 330 
TRP HZ2  H  N N 331 
TRP HZ3  H  N N 332 
TRP HH2  H  N N 333 
TRP HXT  H  N N 334 
TYR N    N  N N 335 
TYR CA   C  N S 336 
TYR C    C  N N 337 
TYR O    O  N N 338 
TYR CB   C  N N 339 
TYR CG   C  Y N 340 
TYR CD1  C  Y N 341 
TYR CD2  C  Y N 342 
TYR CE1  C  Y N 343 
TYR CE2  C  Y N 344 
TYR CZ   C  Y N 345 
TYR OH   O  N N 346 
TYR OXT  O  N N 347 
TYR H    H  N N 348 
TYR H2   H  N N 349 
TYR HA   H  N N 350 
TYR HB2  H  N N 351 
TYR HB3  H  N N 352 
TYR HD1  H  N N 353 
TYR HD2  H  N N 354 
TYR HE1  H  N N 355 
TYR HE2  H  N N 356 
TYR HH   H  N N 357 
TYR HXT  H  N N 358 
VAL N    N  N N 359 
VAL CA   C  N S 360 
VAL C    C  N N 361 
VAL O    O  N N 362 
VAL CB   C  N N 363 
VAL CG1  C  N N 364 
VAL CG2  C  N N 365 
VAL OXT  O  N N 366 
VAL H    H  N N 367 
VAL H2   H  N N 368 
VAL HA   H  N N 369 
VAL HB   H  N N 370 
VAL HG11 H  N N 371 
VAL HG12 H  N N 372 
VAL HG13 H  N N 373 
VAL HG21 H  N N 374 
VAL HG22 H  N N 375 
VAL HG23 H  N N 376 
VAL HXT  H  N N 377 
# 
loop_
_chem_comp_bond.comp_id 
_chem_comp_bond.atom_id_1 
_chem_comp_bond.atom_id_2 
_chem_comp_bond.value_order 
_chem_comp_bond.pdbx_aromatic_flag 
_chem_comp_bond.pdbx_stereo_config 
_chem_comp_bond.pdbx_ordinal 
ALA N   CA   sing N N 1   
ALA N   H    sing N N 2   
ALA N   H2   sing N N 3   
ALA CA  C    sing N N 4   
ALA CA  CB   sing N N 5   
ALA CA  HA   sing N N 6   
ALA C   O    doub N N 7   
ALA C   OXT  sing N N 8   
ALA CB  HB1  sing N N 9   
ALA CB  HB2  sing N N 10  
ALA CB  HB3  sing N N 11  
ALA OXT HXT  sing N N 12  
ARG N   CA   sing N N 13  
ARG N   H    sing N N 14  
ARG N   H2   sing N N 15  
ARG CA  C    sing N N 16  
ARG CA  CB   sing N N 17  
ARG CA  HA   sing N N 18  
ARG C   O    doub N N 19  
ARG C   OXT  sing N N 20  
ARG CB  CG   sing N N 21  
ARG CB  HB2  sing N N 22  
ARG CB  HB3  sing N N 23  
ARG CG  CD   sing N N 24  
ARG CG  HG2  sing N N 25  
ARG CG  HG3  sing N N 26  
ARG CD  NE   sing N N 27  
ARG CD  HD2  sing N N 28  
ARG CD  HD3  sing N N 29  
ARG NE  CZ   sing N N 30  
ARG NE  HE   sing N N 31  
ARG CZ  NH1  sing N N 32  
ARG CZ  NH2  doub N N 33  
ARG NH1 HH11 sing N N 34  
ARG NH1 HH12 sing N N 35  
ARG NH2 HH21 sing N N 36  
ARG NH2 HH22 sing N N 37  
ARG OXT HXT  sing N N 38  
ASN N   CA   sing N N 39  
ASN N   H    sing N N 40  
ASN N   H2   sing N N 41  
ASN CA  C    sing N N 42  
ASN CA  CB   sing N N 43  
ASN CA  HA   sing N N 44  
ASN C   O    doub N N 45  
ASN C   OXT  sing N N 46  
ASN CB  CG   sing N N 47  
ASN CB  HB2  sing N N 48  
ASN CB  HB3  sing N N 49  
ASN CG  OD1  doub N N 50  
ASN CG  ND2  sing N N 51  
ASN ND2 HD21 sing N N 52  
ASN ND2 HD22 sing N N 53  
ASN OXT HXT  sing N N 54  
ASP N   CA   sing N N 55  
ASP N   H    sing N N 56  
ASP N   H2   sing N N 57  
ASP CA  C    sing N N 58  
ASP CA  CB   sing N N 59  
ASP CA  HA   sing N N 60  
ASP C   O    doub N N 61  
ASP C   OXT  sing N N 62  
ASP CB  CG   sing N N 63  
ASP CB  HB2  sing N N 64  
ASP CB  HB3  sing N N 65  
ASP CG  OD1  doub N N 66  
ASP CG  OD2  sing N N 67  
ASP OD2 HD2  sing N N 68  
ASP OXT HXT  sing N N 69  
GLN N   CA   sing N N 70  
GLN N   H    sing N N 71  
GLN N   H2   sing N N 72  
GLN CA  C    sing N N 73  
GLN CA  CB   sing N N 74  
GLN CA  HA   sing N N 75  
GLN C   O    doub N N 76  
GLN C   OXT  sing N N 77  
GLN CB  CG   sing N N 78  
GLN CB  HB2  sing N N 79  
GLN CB  HB3  sing N N 80  
GLN CG  CD   sing N N 81  
GLN CG  HG2  sing N N 82  
GLN CG  HG3  sing N N 83  
GLN CD  OE1  doub N N 84  
GLN CD  NE2  sing N N 85  
GLN NE2 HE21 sing N N 86  
GLN NE2 HE22 sing N N 87  
GLN OXT HXT  sing N N 88  
GLU N   CA   sing N N 89  
GLU N   H    sing N N 90  
GLU N   H2   sing N N 91  
GLU CA  C    sing N N 92  
GLU CA  CB   sing N N 93  
GLU CA  HA   sing N N 94  
GLU C   O    doub N N 95  
GLU C   OXT  sing N N 96  
GLU CB  CG   sing N N 97  
GLU CB  HB2  sing N N 98  
GLU CB  HB3  sing N N 99  
GLU CG  CD   sing N N 100 
GLU CG  HG2  sing N N 101 
GLU CG  HG3  sing N N 102 
GLU CD  OE1  doub N N 103 
GLU CD  OE2  sing N N 104 
GLU OE2 HE2  sing N N 105 
GLU OXT HXT  sing N N 106 
GLY N   CA   sing N N 107 
GLY N   H    sing N N 108 
GLY N   H2   sing N N 109 
GLY CA  C    sing N N 110 
GLY CA  HA2  sing N N 111 
GLY CA  HA3  sing N N 112 
GLY C   O    doub N N 113 
GLY C   OXT  sing N N 114 
GLY OXT HXT  sing N N 115 
HIS N   CA   sing N N 116 
HIS N   H    sing N N 117 
HIS N   H2   sing N N 118 
HIS CA  C    sing N N 119 
HIS CA  CB   sing N N 120 
HIS CA  HA   sing N N 121 
HIS C   O    doub N N 122 
HIS C   OXT  sing N N 123 
HIS CB  CG   sing N N 124 
HIS CB  HB2  sing N N 125 
HIS CB  HB3  sing N N 126 
HIS CG  ND1  sing Y N 127 
HIS CG  CD2  doub Y N 128 
HIS ND1 CE1  doub Y N 129 
HIS ND1 HD1  sing N N 130 
HIS CD2 NE2  sing Y N 131 
HIS CD2 HD2  sing N N 132 
HIS CE1 NE2  sing Y N 133 
HIS CE1 HE1  sing N N 134 
HIS NE2 HE2  sing N N 135 
HIS OXT HXT  sing N N 136 
HOH O   H1   sing N N 137 
HOH O   H2   sing N N 138 
ILE N   CA   sing N N 139 
ILE N   H    sing N N 140 
ILE N   H2   sing N N 141 
ILE CA  C    sing N N 142 
ILE CA  CB   sing N N 143 
ILE CA  HA   sing N N 144 
ILE C   O    doub N N 145 
ILE C   OXT  sing N N 146 
ILE CB  CG1  sing N N 147 
ILE CB  CG2  sing N N 148 
ILE CB  HB   sing N N 149 
ILE CG1 CD1  sing N N 150 
ILE CG1 HG12 sing N N 151 
ILE CG1 HG13 sing N N 152 
ILE CG2 HG21 sing N N 153 
ILE CG2 HG22 sing N N 154 
ILE CG2 HG23 sing N N 155 
ILE CD1 HD11 sing N N 156 
ILE CD1 HD12 sing N N 157 
ILE CD1 HD13 sing N N 158 
ILE OXT HXT  sing N N 159 
LEU N   CA   sing N N 160 
LEU N   H    sing N N 161 
LEU N   H2   sing N N 162 
LEU CA  C    sing N N 163 
LEU CA  CB   sing N N 164 
LEU CA  HA   sing N N 165 
LEU C   O    doub N N 166 
LEU C   OXT  sing N N 167 
LEU CB  CG   sing N N 168 
LEU CB  HB2  sing N N 169 
LEU CB  HB3  sing N N 170 
LEU CG  CD1  sing N N 171 
LEU CG  CD2  sing N N 172 
LEU CG  HG   sing N N 173 
LEU CD1 HD11 sing N N 174 
LEU CD1 HD12 sing N N 175 
LEU CD1 HD13 sing N N 176 
LEU CD2 HD21 sing N N 177 
LEU CD2 HD22 sing N N 178 
LEU CD2 HD23 sing N N 179 
LEU OXT HXT  sing N N 180 
LYS N   CA   sing N N 181 
LYS N   H    sing N N 182 
LYS N   H2   sing N N 183 
LYS CA  C    sing N N 184 
LYS CA  CB   sing N N 185 
LYS CA  HA   sing N N 186 
LYS C   O    doub N N 187 
LYS C   OXT  sing N N 188 
LYS CB  CG   sing N N 189 
LYS CB  HB2  sing N N 190 
LYS CB  HB3  sing N N 191 
LYS CG  CD   sing N N 192 
LYS CG  HG2  sing N N 193 
LYS CG  HG3  sing N N 194 
LYS CD  CE   sing N N 195 
LYS CD  HD2  sing N N 196 
LYS CD  HD3  sing N N 197 
LYS CE  NZ   sing N N 198 
LYS CE  HE2  sing N N 199 
LYS CE  HE3  sing N N 200 
LYS NZ  HZ1  sing N N 201 
LYS NZ  HZ2  sing N N 202 
LYS NZ  HZ3  sing N N 203 
LYS OXT HXT  sing N N 204 
MET N   CA   sing N N 205 
MET N   H    sing N N 206 
MET N   H2   sing N N 207 
MET CA  C    sing N N 208 
MET CA  CB   sing N N 209 
MET CA  HA   sing N N 210 
MET C   O    doub N N 211 
MET C   OXT  sing N N 212 
MET CB  CG   sing N N 213 
MET CB  HB2  sing N N 214 
MET CB  HB3  sing N N 215 
MET CG  SD   sing N N 216 
MET CG  HG2  sing N N 217 
MET CG  HG3  sing N N 218 
MET SD  CE   sing N N 219 
MET CE  HE1  sing N N 220 
MET CE  HE2  sing N N 221 
MET CE  HE3  sing N N 222 
MET OXT HXT  sing N N 223 
PHE N   CA   sing N N 224 
PHE N   H    sing N N 225 
PHE N   H2   sing N N 226 
PHE CA  C    sing N N 227 
PHE CA  CB   sing N N 228 
PHE CA  HA   sing N N 229 
PHE C   O    doub N N 230 
PHE C   OXT  sing N N 231 
PHE CB  CG   sing N N 232 
PHE CB  HB2  sing N N 233 
PHE CB  HB3  sing N N 234 
PHE CG  CD1  doub Y N 235 
PHE CG  CD2  sing Y N 236 
PHE CD1 CE1  sing Y N 237 
PHE CD1 HD1  sing N N 238 
PHE CD2 CE2  doub Y N 239 
PHE CD2 HD2  sing N N 240 
PHE CE1 CZ   doub Y N 241 
PHE CE1 HE1  sing N N 242 
PHE CE2 CZ   sing Y N 243 
PHE CE2 HE2  sing N N 244 
PHE CZ  HZ   sing N N 245 
PHE OXT HXT  sing N N 246 
PRO N   CA   sing N N 247 
PRO N   CD   sing N N 248 
PRO N   H    sing N N 249 
PRO CA  C    sing N N 250 
PRO CA  CB   sing N N 251 
PRO CA  HA   sing N N 252 
PRO C   O    doub N N 253 
PRO C   OXT  sing N N 254 
PRO CB  CG   sing N N 255 
PRO CB  HB2  sing N N 256 
PRO CB  HB3  sing N N 257 
PRO CG  CD   sing N N 258 
PRO CG  HG2  sing N N 259 
PRO CG  HG3  sing N N 260 
PRO CD  HD2  sing N N 261 
PRO CD  HD3  sing N N 262 
PRO OXT HXT  sing N N 263 
SER N   CA   sing N N 264 
SER N   H    sing N N 265 
SER N   H2   sing N N 266 
SER CA  C    sing N N 267 
SER CA  CB   sing N N 268 
SER CA  HA   sing N N 269 
SER C   O    doub N N 270 
SER C   OXT  sing N N 271 
SER CB  OG   sing N N 272 
SER CB  HB2  sing N N 273 
SER CB  HB3  sing N N 274 
SER OG  HG   sing N N 275 
SER OXT HXT  sing N N 276 
THR N   CA   sing N N 277 
THR N   H    sing N N 278 
THR N   H2   sing N N 279 
THR CA  C    sing N N 280 
THR CA  CB   sing N N 281 
THR CA  HA   sing N N 282 
THR C   O    doub N N 283 
THR C   OXT  sing N N 284 
THR CB  OG1  sing N N 285 
THR CB  CG2  sing N N 286 
THR CB  HB   sing N N 287 
THR OG1 HG1  sing N N 288 
THR CG2 HG21 sing N N 289 
THR CG2 HG22 sing N N 290 
THR CG2 HG23 sing N N 291 
THR OXT HXT  sing N N 292 
TRP N   CA   sing N N 293 
TRP N   H    sing N N 294 
TRP N   H2   sing N N 295 
TRP CA  C    sing N N 296 
TRP CA  CB   sing N N 297 
TRP CA  HA   sing N N 298 
TRP C   O    doub N N 299 
TRP C   OXT  sing N N 300 
TRP CB  CG   sing N N 301 
TRP CB  HB2  sing N N 302 
TRP CB  HB3  sing N N 303 
TRP CG  CD1  doub Y N 304 
TRP CG  CD2  sing Y N 305 
TRP CD1 NE1  sing Y N 306 
TRP CD1 HD1  sing N N 307 
TRP CD2 CE2  doub Y N 308 
TRP CD2 CE3  sing Y N 309 
TRP NE1 CE2  sing Y N 310 
TRP NE1 HE1  sing N N 311 
TRP CE2 CZ2  sing Y N 312 
TRP CE3 CZ3  doub Y N 313 
TRP CE3 HE3  sing N N 314 
TRP CZ2 CH2  doub Y N 315 
TRP CZ2 HZ2  sing N N 316 
TRP CZ3 CH2  sing Y N 317 
TRP CZ3 HZ3  sing N N 318 
TRP CH2 HH2  sing N N 319 
TRP OXT HXT  sing N N 320 
TYR N   CA   sing N N 321 
TYR N   H    sing N N 322 
TYR N   H2   sing N N 323 
TYR CA  C    sing N N 324 
TYR CA  CB   sing N N 325 
TYR CA  HA   sing N N 326 
TYR C   O    doub N N 327 
TYR C   OXT  sing N N 328 
TYR CB  CG   sing N N 329 
TYR CB  HB2  sing N N 330 
TYR CB  HB3  sing N N 331 
TYR CG  CD1  doub Y N 332 
TYR CG  CD2  sing Y N 333 
TYR CD1 CE1  sing Y N 334 
TYR CD1 HD1  sing N N 335 
TYR CD2 CE2  doub Y N 336 
TYR CD2 HD2  sing N N 337 
TYR CE1 CZ   doub Y N 338 
TYR CE1 HE1  sing N N 339 
TYR CE2 CZ   sing Y N 340 
TYR CE2 HE2  sing N N 341 
TYR CZ  OH   sing N N 342 
TYR OH  HH   sing N N 343 
TYR OXT HXT  sing N N 344 
VAL N   CA   sing N N 345 
VAL N   H    sing N N 346 
VAL N   H2   sing N N 347 
VAL CA  C    sing N N 348 
VAL CA  CB   sing N N 349 
VAL CA  HA   sing N N 350 
VAL C   O    doub N N 351 
VAL C   OXT  sing N N 352 
VAL CB  CG1  sing N N 353 
VAL CB  CG2  sing N N 354 
VAL CB  HB   sing N N 355 
VAL CG1 HG11 sing N N 356 
VAL CG1 HG12 sing N N 357 
VAL CG1 HG13 sing N N 358 
VAL CG2 HG21 sing N N 359 
VAL CG2 HG22 sing N N 360 
VAL CG2 HG23 sing N N 361 
VAL OXT HXT  sing N N 362 
# 
loop_
_pdbx_audit_support.funding_organization 
_pdbx_audit_support.country 
_pdbx_audit_support.grant_number 
_pdbx_audit_support.ordinal 
'Department of Biotechnology (DBT, India)'        India BT/COE/34/SP15219/2015 1 
'Department of Science & Technology (DST, India)' India ?                      2 
# 
loop_
_pdbx_entity_nonpoly.entity_id 
_pdbx_entity_nonpoly.name 
_pdbx_entity_nonpoly.comp_id 
2 'CHLORIDE ION' CL  
3 water          HOH 
# 
_pdbx_initial_refinement_model.id               1 
_pdbx_initial_refinement_model.entity_id_list   ? 
_pdbx_initial_refinement_model.type             'experimental model' 
_pdbx_initial_refinement_model.source_name      PDB 
_pdbx_initial_refinement_model.accession_code   3VUB 
_pdbx_initial_refinement_model.details          ? 
# 
_pdbx_struct_assembly_auth_evidence.id                     1 
_pdbx_struct_assembly_auth_evidence.assembly_id            1 
_pdbx_struct_assembly_auth_evidence.experimental_support   'gel filtration' 
_pdbx_struct_assembly_auth_evidence.details                ? 
# 
